data_7U35
#
_entry.id   7U35
#
_cell.length_a   68.190
_cell.length_b   131.180
_cell.length_c   79.540
_cell.angle_alpha   90.000
_cell.angle_beta   106.931
_cell.angle_gamma   90.000
#
_symmetry.space_group_name_H-M   'P 1 21 1'
#
loop_
_entity.id
_entity.type
_entity.pdbx_description
1 polymer 'UDP-N-acetylmuramoylalanine--D-glutamate ligase'
2 non-polymer "ADENOSINE-5'-DIPHOSPHATE"
3 non-polymer 1,2-ETHANEDIOL
4 water water
#
_entity_poly.entity_id   1
_entity_poly.type   'polypeptide(L)'
_entity_poly.pdbx_seq_one_letter_code
;MAHHHHHHFRIVVGLGKSGMSLVRYLARRGLPFAVVDTRENPPELATLRAQYPQVEVRCGELDAEFLCSARELYVSPGLS
LRTPALVQAAAKGVRISGDIDLFAREAKAPIVAITGSNAKSTVTTLVGEMAVAADKRVAVGGNLGTPALDLLADDIELYV
LELSSFQLETCDRLNAEVATVLNVSEDHMDRYDGMADYHLAKHRIFRGARQVVVNRADALTRPLIADTVPCWSFGLNKPD
FKAFGLIEEDGQKWLAFQFDKLLPVGELKIRGAHNYSNALAALALGHAVGLPFDAMLGALKAFSGLAHRCQWVRERQGVS
YYDDSKATNVGAALAAIEGLGADIDGKLVLLAGGDGKGADFHDLREPVARFCRAVVLLGRDAGLIAQALGNAVPLVRVAT
LDEAVRQAAELAREGDAVLLSPACASLDMFKNFEERGRLFAKAVEELA
;
_entity_poly.pdbx_strand_id   A,B,C
#
loop_
_chem_comp.id
_chem_comp.type
_chem_comp.name
_chem_comp.formula
ADP non-polymer ADENOSINE-5'-DIPHOSPHATE 'C10 H15 N5 O10 P2'
EDO non-polymer 1,2-ETHANEDIOL 'C2 H6 O2'
#
# COMPACT_ATOMS: atom_id res chain seq x y z
N HIS A 8 -12.43 -12.99 -31.05
CA HIS A 8 -11.47 -12.64 -30.02
C HIS A 8 -10.09 -12.38 -30.60
N PHE A 9 -10.05 -11.75 -31.77
CA PHE A 9 -8.83 -11.08 -32.20
C PHE A 9 -8.53 -9.92 -31.26
N ARG A 10 -9.58 -9.30 -30.75
CA ARG A 10 -9.53 -8.21 -29.78
C ARG A 10 -10.49 -8.55 -28.65
N ILE A 11 -10.14 -8.18 -27.42
CA ILE A 11 -11.02 -8.43 -26.28
C ILE A 11 -11.17 -7.16 -25.47
N VAL A 12 -12.41 -6.78 -25.22
CA VAL A 12 -12.74 -5.67 -24.36
C VAL A 12 -12.76 -6.20 -22.93
N VAL A 13 -11.87 -5.67 -22.08
CA VAL A 13 -11.68 -6.21 -20.73
C VAL A 13 -12.31 -5.25 -19.75
N GLY A 14 -13.53 -5.55 -19.32
CA GLY A 14 -14.18 -4.74 -18.33
C GLY A 14 -15.27 -3.87 -18.91
N LEU A 15 -16.47 -3.98 -18.34
CA LEU A 15 -17.58 -3.18 -18.80
C LEU A 15 -17.67 -1.90 -17.98
N GLY A 16 -18.55 -1.01 -18.40
CA GLY A 16 -18.62 0.35 -17.92
C GLY A 16 -18.78 1.31 -19.08
N LYS A 17 -18.59 2.61 -18.79
CA LYS A 17 -18.84 3.61 -19.82
C LYS A 17 -17.92 3.43 -21.02
N SER A 18 -16.61 3.37 -20.78
CA SER A 18 -15.67 3.27 -21.89
C SER A 18 -15.77 1.93 -22.60
N GLY A 19 -15.89 0.85 -21.82
CA GLY A 19 -15.99 -0.47 -22.42
C GLY A 19 -17.13 -0.57 -23.41
N MET A 20 -18.28 0.04 -23.07
CA MET A 20 -19.38 -0.01 -24.02
C MET A 20 -19.07 0.80 -25.27
N SER A 21 -18.28 1.88 -25.16
CA SER A 21 -17.87 2.61 -26.36
C SER A 21 -16.89 1.82 -27.21
N LEU A 22 -16.09 0.96 -26.59
CA LEU A 22 -15.27 0.05 -27.38
C LEU A 22 -16.13 -0.98 -28.08
N VAL A 23 -17.12 -1.55 -27.38
CA VAL A 23 -18.06 -2.50 -28.01
C VAL A 23 -18.72 -1.85 -29.23
N ARG A 24 -19.25 -0.64 -29.07
CA ARG A 24 -19.85 0.09 -30.18
C ARG A 24 -18.86 0.29 -31.32
N TYR A 25 -17.65 0.75 -30.99
CA TYR A 25 -16.69 1.08 -32.04
C TYR A 25 -16.27 -0.15 -32.80
N LEU A 26 -15.88 -1.21 -32.08
CA LEU A 26 -15.42 -2.43 -32.73
C LEU A 26 -16.55 -3.05 -33.55
N ALA A 27 -17.76 -3.07 -33.01
CA ALA A 27 -18.90 -3.69 -33.70
C ALA A 27 -19.29 -2.90 -34.95
N ARG A 28 -19.41 -1.57 -34.82
CA ARG A 28 -19.78 -0.77 -36.00
C ARG A 28 -18.70 -0.89 -37.07
N ARG A 29 -17.45 -1.12 -36.67
CA ARG A 29 -16.39 -1.38 -37.64
C ARG A 29 -16.34 -2.86 -38.03
N GLY A 30 -17.24 -3.69 -37.51
CA GLY A 30 -17.32 -5.08 -37.93
C GLY A 30 -16.24 -5.99 -37.39
N LEU A 31 -15.34 -5.50 -36.55
CA LEU A 31 -14.19 -6.27 -36.12
C LEU A 31 -14.61 -7.39 -35.18
N PRO A 32 -13.91 -8.52 -35.22
CA PRO A 32 -14.26 -9.60 -34.29
C PRO A 32 -13.70 -9.30 -32.92
N PHE A 33 -14.52 -9.52 -31.90
CA PHE A 33 -14.08 -9.22 -30.55
C PHE A 33 -15.02 -9.91 -29.59
N ALA A 34 -14.53 -10.07 -28.37
CA ALA A 34 -15.33 -10.57 -27.27
C ALA A 34 -15.20 -9.60 -26.10
N VAL A 35 -16.01 -9.85 -25.07
CA VAL A 35 -16.03 -9.02 -23.88
C VAL A 35 -15.86 -9.94 -22.66
N VAL A 36 -15.04 -9.51 -21.71
CA VAL A 36 -14.89 -10.22 -20.44
C VAL A 36 -15.06 -9.22 -19.31
N ASP A 37 -15.46 -9.73 -18.14
CA ASP A 37 -15.50 -8.93 -16.92
C ASP A 37 -15.25 -9.82 -15.72
N THR A 38 -14.65 -9.23 -14.67
CA THR A 38 -14.28 -10.01 -13.49
C THR A 38 -15.46 -10.23 -12.57
N ARG A 39 -16.43 -9.33 -12.56
CA ARG A 39 -17.59 -9.48 -11.70
C ARG A 39 -18.57 -10.47 -12.32
N GLU A 40 -19.32 -11.17 -11.45
CA GLU A 40 -20.23 -12.20 -11.93
C GLU A 40 -21.46 -11.58 -12.62
N ASN A 41 -21.95 -10.47 -12.09
CA ASN A 41 -23.11 -9.78 -12.68
C ASN A 41 -22.83 -8.28 -12.71
N PRO A 42 -21.90 -7.84 -13.55
CA PRO A 42 -21.61 -6.41 -13.64
C PRO A 42 -22.86 -5.62 -13.99
N PRO A 43 -22.95 -4.38 -13.51
CA PRO A 43 -24.17 -3.58 -13.76
C PRO A 43 -24.55 -3.49 -15.23
N GLU A 44 -23.57 -3.37 -16.13
CA GLU A 44 -23.84 -3.14 -17.54
C GLU A 44 -24.13 -4.44 -18.29
N LEU A 45 -24.15 -5.58 -17.60
CA LEU A 45 -24.28 -6.85 -18.30
C LEU A 45 -25.61 -6.95 -19.02
N ALA A 46 -26.69 -6.51 -18.38
CA ALA A 46 -28.01 -6.57 -19.00
C ALA A 46 -28.07 -5.69 -20.24
N THR A 47 -27.51 -4.49 -20.15
CA THR A 47 -27.51 -3.59 -21.29
C THR A 47 -26.72 -4.19 -22.45
N LEU A 48 -25.55 -4.78 -22.16
CA LEU A 48 -24.79 -5.43 -23.23
C LEU A 48 -25.54 -6.61 -23.80
N ARG A 49 -26.09 -7.48 -22.93
CA ARG A 49 -26.75 -8.67 -23.42
C ARG A 49 -27.96 -8.31 -24.26
N ALA A 50 -28.57 -7.16 -24.00
CA ALA A 50 -29.72 -6.74 -24.78
C ALA A 50 -29.30 -6.01 -26.05
N GLN A 51 -28.39 -5.04 -25.95
CA GLN A 51 -28.06 -4.23 -27.11
C GLN A 51 -27.14 -4.94 -28.10
N TYR A 52 -26.29 -5.84 -27.63
CA TYR A 52 -25.38 -6.62 -28.49
C TYR A 52 -25.47 -8.11 -28.14
N PRO A 53 -26.60 -8.75 -28.45
CA PRO A 53 -26.76 -10.17 -28.09
C PRO A 53 -25.78 -11.11 -28.80
N GLN A 54 -25.18 -10.70 -29.92
CA GLN A 54 -24.29 -11.53 -30.72
C GLN A 54 -22.85 -11.56 -30.20
N VAL A 55 -22.53 -10.78 -29.16
CA VAL A 55 -21.16 -10.64 -28.70
C VAL A 55 -20.88 -11.65 -27.59
N GLU A 56 -19.79 -12.41 -27.73
CA GLU A 56 -19.43 -13.35 -26.68
C GLU A 56 -19.04 -12.56 -25.43
N VAL A 57 -19.58 -12.96 -24.28
CA VAL A 57 -19.29 -12.27 -23.03
C VAL A 57 -18.99 -13.31 -21.97
N ARG A 58 -17.85 -13.19 -21.31
CA ARG A 58 -17.48 -14.11 -20.24
C ARG A 58 -17.34 -13.34 -18.94
N CYS A 59 -18.12 -13.73 -17.92
CA CYS A 59 -18.08 -13.10 -16.61
C CYS A 59 -17.45 -14.03 -15.59
N GLY A 60 -16.68 -13.46 -14.68
CA GLY A 60 -16.03 -14.22 -13.63
C GLY A 60 -14.52 -14.12 -13.77
N GLU A 61 -13.83 -15.03 -13.06
CA GLU A 61 -12.37 -15.02 -13.08
C GLU A 61 -11.87 -15.06 -14.51
N LEU A 62 -10.97 -14.13 -14.83
CA LEU A 62 -10.50 -13.99 -16.20
C LEU A 62 -9.77 -15.25 -16.63
N ASP A 63 -10.19 -15.81 -17.76
CA ASP A 63 -9.50 -16.95 -18.37
C ASP A 63 -8.26 -16.40 -19.05
N ALA A 64 -7.09 -16.62 -18.42
CA ALA A 64 -5.84 -16.10 -18.98
C ALA A 64 -5.59 -16.66 -20.37
N GLU A 65 -5.91 -17.94 -20.58
CA GLU A 65 -5.75 -18.53 -21.90
C GLU A 65 -6.60 -17.81 -22.93
N PHE A 66 -7.82 -17.43 -22.54
CA PHE A 66 -8.66 -16.65 -23.45
C PHE A 66 -8.07 -15.27 -23.71
N LEU A 67 -7.56 -14.60 -22.67
CA LEU A 67 -6.99 -13.28 -22.88
C LEU A 67 -5.76 -13.34 -23.78
N CYS A 68 -4.98 -14.42 -23.68
CA CYS A 68 -3.80 -14.58 -24.53
C CYS A 68 -4.16 -14.97 -25.95
N SER A 69 -5.42 -15.27 -26.23
CA SER A 69 -5.83 -15.54 -27.61
C SER A 69 -6.11 -14.25 -28.38
N ALA A 70 -5.92 -13.10 -27.76
CA ALA A 70 -6.10 -11.83 -28.43
C ALA A 70 -4.75 -11.20 -28.73
N ARG A 71 -4.76 -10.21 -29.62
CA ARG A 71 -3.57 -9.42 -29.87
C ARG A 71 -3.56 -8.14 -29.07
N GLU A 72 -4.74 -7.65 -28.70
CA GLU A 72 -4.91 -6.43 -27.93
C GLU A 72 -6.05 -6.61 -26.94
N LEU A 73 -5.84 -6.12 -25.72
CA LEU A 73 -6.86 -6.06 -24.69
C LEU A 73 -7.16 -4.59 -24.42
N TYR A 74 -8.43 -4.23 -24.42
CA TYR A 74 -8.82 -2.85 -24.14
C TYR A 74 -9.37 -2.80 -22.72
N VAL A 75 -8.52 -2.36 -21.78
CA VAL A 75 -8.81 -2.46 -20.36
C VAL A 75 -9.52 -1.21 -19.88
N SER A 76 -10.64 -1.39 -19.20
CA SER A 76 -11.40 -0.28 -18.67
C SER A 76 -10.49 0.58 -17.80
N PRO A 77 -10.59 1.92 -17.86
CA PRO A 77 -9.61 2.76 -17.16
C PRO A 77 -9.56 2.49 -15.67
N GLY A 78 -10.72 2.38 -15.02
CA GLY A 78 -10.75 2.22 -13.58
C GLY A 78 -10.70 0.78 -13.15
N LEU A 79 -9.93 -0.04 -13.87
CA LEU A 79 -9.70 -1.44 -13.52
C LEU A 79 -8.21 -1.66 -13.36
N SER A 80 -7.83 -2.39 -12.31
CA SER A 80 -6.42 -2.60 -12.02
C SER A 80 -5.72 -3.32 -13.17
N LEU A 81 -4.61 -2.73 -13.63
CA LEU A 81 -3.70 -3.39 -14.56
C LEU A 81 -2.82 -4.43 -13.86
N ARG A 82 -2.93 -4.55 -12.54
CA ARG A 82 -2.22 -5.56 -11.76
C ARG A 82 -2.98 -6.88 -11.65
N THR A 83 -4.12 -7.02 -12.32
CA THR A 83 -4.86 -8.28 -12.33
C THR A 83 -4.01 -9.42 -12.88
N PRO A 84 -3.87 -10.54 -12.16
CA PRO A 84 -2.89 -11.57 -12.55
C PRO A 84 -3.06 -12.07 -13.98
N ALA A 85 -4.31 -12.20 -14.46
CA ALA A 85 -4.51 -12.62 -15.84
C ALA A 85 -4.02 -11.55 -16.81
N LEU A 86 -4.25 -10.27 -16.48
CA LEU A 86 -3.69 -9.20 -17.30
C LEU A 86 -2.18 -9.19 -17.21
N VAL A 87 -1.65 -9.45 -16.01
CA VAL A 87 -0.21 -9.59 -15.85
C VAL A 87 0.30 -10.77 -16.68
N GLN A 88 -0.42 -11.90 -16.64
CA GLN A 88 -0.02 -13.05 -17.46
C GLN A 88 -0.11 -12.73 -18.94
N ALA A 89 -1.18 -12.04 -19.35
CA ALA A 89 -1.31 -11.64 -20.75
C ALA A 89 -0.22 -10.64 -21.12
N ALA A 90 0.02 -9.66 -20.25
CA ALA A 90 1.12 -8.72 -20.49
C ALA A 90 2.46 -9.43 -20.47
N ALA A 91 2.63 -10.40 -19.58
CA ALA A 91 3.88 -11.16 -19.56
C ALA A 91 4.03 -11.99 -20.83
N LYS A 92 2.90 -12.37 -21.44
CA LYS A 92 2.90 -13.18 -22.65
C LYS A 92 3.09 -12.35 -23.92
N GLY A 93 3.05 -11.03 -23.82
CA GLY A 93 3.26 -10.17 -24.97
C GLY A 93 2.01 -9.46 -25.49
N VAL A 94 0.83 -9.73 -24.94
CA VAL A 94 -0.37 -9.09 -25.44
C VAL A 94 -0.32 -7.60 -25.17
N ARG A 95 -0.80 -6.81 -26.14
CA ARG A 95 -0.84 -5.37 -25.94
C ARG A 95 -1.88 -5.03 -24.88
N ILE A 96 -1.46 -4.38 -23.80
CA ILE A 96 -2.38 -3.91 -22.79
C ILE A 96 -2.80 -2.51 -23.24
N SER A 97 -4.03 -2.42 -23.75
CA SER A 97 -4.49 -1.22 -24.43
C SER A 97 -5.72 -0.68 -23.71
N GLY A 98 -6.39 0.26 -24.35
CA GLY A 98 -7.56 0.92 -23.80
C GLY A 98 -8.15 1.81 -24.85
N ASP A 99 -9.21 2.52 -24.47
CA ASP A 99 -9.95 3.30 -25.45
C ASP A 99 -9.12 4.44 -26.01
N ILE A 100 -8.36 5.15 -25.17
CA ILE A 100 -7.56 6.25 -25.70
C ILE A 100 -6.41 5.73 -26.55
N ASP A 101 -5.77 4.63 -26.13
CA ASP A 101 -4.71 4.05 -26.94
C ASP A 101 -5.21 3.72 -28.34
N LEU A 102 -6.40 3.12 -28.45
CA LEU A 102 -6.97 2.82 -29.76
C LEU A 102 -7.32 4.10 -30.49
N PHE A 103 -7.94 5.05 -29.80
CA PHE A 103 -8.29 6.34 -30.40
C PHE A 103 -7.06 7.04 -30.97
N ALA A 104 -5.96 7.06 -30.20
CA ALA A 104 -4.75 7.74 -30.67
C ALA A 104 -4.23 7.15 -31.98
N ARG A 105 -4.41 5.86 -32.18
CA ARG A 105 -3.93 5.23 -33.40
C ARG A 105 -4.91 5.36 -34.56
N GLU A 106 -6.18 5.66 -34.27
CA GLU A 106 -7.19 5.75 -35.32
C GLU A 106 -7.49 7.19 -35.77
N ALA A 107 -7.23 8.16 -34.90
CA ALA A 107 -7.61 9.54 -35.15
C ALA A 107 -6.93 10.10 -36.40
N LYS A 108 -7.70 10.86 -37.20
CA LYS A 108 -7.17 11.43 -38.44
C LYS A 108 -7.20 12.96 -38.44
N ALA A 109 -7.26 13.59 -37.27
CA ALA A 109 -7.24 15.03 -37.14
C ALA A 109 -6.40 15.35 -35.91
N PRO A 110 -5.85 16.57 -35.81
CA PRO A 110 -5.05 16.94 -34.64
C PRO A 110 -5.84 16.87 -33.33
N ILE A 111 -5.14 16.51 -32.26
CA ILE A 111 -5.74 16.34 -30.94
C ILE A 111 -5.20 17.42 -30.02
N VAL A 112 -6.10 18.16 -29.36
CA VAL A 112 -5.78 18.95 -28.18
C VAL A 112 -6.03 18.05 -26.97
N ALA A 113 -5.00 17.77 -26.19
CA ALA A 113 -5.09 16.82 -25.08
C ALA A 113 -4.83 17.53 -23.77
N ILE A 114 -5.78 17.44 -22.84
CA ILE A 114 -5.80 18.21 -21.60
C ILE A 114 -5.92 17.25 -20.42
N THR A 115 -4.97 17.30 -19.48
CA THR A 115 -5.19 16.66 -18.18
C THR A 115 -4.73 17.62 -17.08
N GLY A 116 -4.65 17.13 -15.85
CA GLY A 116 -4.31 17.95 -14.71
C GLY A 116 -5.12 17.55 -13.50
N SER A 117 -4.70 17.99 -12.30
CA SER A 117 -5.44 17.62 -11.11
C SER A 117 -6.83 18.28 -11.10
N ASN A 118 -6.91 19.53 -11.56
CA ASN A 118 -8.14 20.30 -11.52
C ASN A 118 -8.17 21.17 -12.76
N ALA A 119 -9.35 21.75 -13.03
CA ALA A 119 -9.61 22.68 -14.12
C ALA A 119 -9.73 21.99 -15.47
N LYS A 120 -9.74 20.65 -15.54
CA LYS A 120 -9.74 19.99 -16.85
C LYS A 120 -11.00 20.32 -17.64
N SER A 121 -12.17 20.15 -17.01
CA SER A 121 -13.41 20.36 -17.76
C SER A 121 -13.61 21.83 -18.06
N THR A 122 -13.19 22.74 -17.14
CA THR A 122 -13.30 24.17 -17.45
C THR A 122 -12.51 24.52 -18.71
N VAL A 123 -11.24 24.09 -18.77
CA VAL A 123 -10.41 24.49 -19.90
C VAL A 123 -10.85 23.77 -21.17
N THR A 124 -11.20 22.48 -21.05
CA THR A 124 -11.65 21.71 -22.20
C THR A 124 -12.88 22.34 -22.84
N THR A 125 -13.90 22.65 -22.04
CA THR A 125 -15.11 23.23 -22.60
CA THR A 125 -15.11 23.22 -22.59
C THR A 125 -14.83 24.60 -23.20
N LEU A 126 -13.91 25.35 -22.60
CA LEU A 126 -13.58 26.66 -23.18
C LEU A 126 -12.87 26.50 -24.53
N VAL A 127 -11.87 25.63 -24.62
CA VAL A 127 -11.26 25.36 -25.92
C VAL A 127 -12.32 24.84 -26.91
N GLY A 128 -13.24 24.00 -26.43
CA GLY A 128 -14.32 23.53 -27.29
C GLY A 128 -15.14 24.67 -27.87
N GLU A 129 -15.49 25.64 -27.02
CA GLU A 129 -16.27 26.80 -27.48
C GLU A 129 -15.46 27.70 -28.39
N MET A 130 -14.16 27.83 -28.13
CA MET A 130 -13.30 28.57 -29.06
C MET A 130 -13.31 27.91 -30.44
N ALA A 131 -13.16 26.58 -30.47
CA ALA A 131 -13.11 25.87 -31.74
C ALA A 131 -14.42 26.02 -32.51
N VAL A 132 -15.55 25.93 -31.79
CA VAL A 132 -16.86 26.14 -32.41
C VAL A 132 -16.95 27.54 -32.98
N ALA A 133 -16.50 28.53 -32.19
CA ALA A 133 -16.54 29.91 -32.68
C ALA A 133 -15.64 30.09 -33.90
N ALA A 134 -14.56 29.30 -34.00
CA ALA A 134 -13.68 29.36 -35.17
C ALA A 134 -14.21 28.55 -36.35
N ASP A 135 -15.45 28.06 -36.27
CA ASP A 135 -16.07 27.30 -37.35
C ASP A 135 -15.36 25.97 -37.62
N LYS A 136 -14.70 25.42 -36.61
CA LYS A 136 -14.09 24.11 -36.78
C LYS A 136 -15.16 23.03 -36.67
N ARG A 137 -14.97 21.96 -37.43
CA ARG A 137 -15.74 20.74 -37.21
C ARG A 137 -15.05 20.02 -36.06
N VAL A 138 -15.45 20.35 -34.85
CA VAL A 138 -14.73 19.94 -33.66
C VAL A 138 -15.51 18.82 -32.99
N ALA A 139 -14.78 17.95 -32.28
CA ALA A 139 -15.39 16.93 -31.44
C ALA A 139 -14.70 17.00 -30.08
N VAL A 140 -15.49 17.05 -29.00
CA VAL A 140 -15.00 17.29 -27.65
C VAL A 140 -15.42 16.14 -26.76
N GLY A 141 -14.49 15.59 -25.99
CA GLY A 141 -14.86 14.52 -25.09
C GLY A 141 -13.69 14.04 -24.25
N GLY A 142 -13.81 12.80 -23.80
CA GLY A 142 -12.80 12.15 -22.97
C GLY A 142 -13.20 12.13 -21.51
N ASN A 143 -12.40 11.41 -20.73
CA ASN A 143 -12.60 11.29 -19.29
C ASN A 143 -14.04 10.91 -18.96
N LEU A 144 -14.77 11.79 -18.27
CA LEU A 144 -16.15 11.55 -17.86
C LEU A 144 -17.19 11.99 -18.88
N GLY A 145 -16.80 12.71 -19.90
CA GLY A 145 -17.72 13.17 -20.92
C GLY A 145 -17.90 12.15 -22.01
N THR A 146 -18.12 12.65 -23.23
CA THR A 146 -18.38 11.76 -24.34
C THR A 146 -17.19 10.83 -24.56
N PRO A 147 -17.39 9.52 -24.61
CA PRO A 147 -16.27 8.61 -24.90
C PRO A 147 -15.56 9.00 -26.18
N ALA A 148 -14.22 9.03 -26.13
CA ALA A 148 -13.42 9.48 -27.29
C ALA A 148 -13.75 8.70 -28.55
N LEU A 149 -13.93 7.38 -28.45
CA LEU A 149 -14.18 6.58 -29.64
C LEU A 149 -15.50 6.96 -30.32
N ASP A 150 -16.48 7.45 -29.54
CA ASP A 150 -17.74 7.90 -30.13
C ASP A 150 -17.54 9.15 -30.97
N LEU A 151 -16.41 9.84 -30.82
CA LEU A 151 -16.10 11.05 -31.58
C LEU A 151 -15.48 10.76 -32.94
N LEU A 152 -14.90 9.58 -33.12
CA LEU A 152 -14.06 9.34 -34.29
C LEU A 152 -14.89 9.38 -35.56
N ALA A 153 -14.50 10.27 -36.47
CA ALA A 153 -15.11 10.29 -37.80
C ALA A 153 -14.20 11.09 -38.71
N ASP A 154 -14.22 10.74 -40.00
CA ASP A 154 -13.33 11.36 -40.97
C ASP A 154 -13.64 12.83 -41.19
N ASP A 155 -14.87 13.28 -40.88
CA ASP A 155 -15.19 14.67 -41.11
C ASP A 155 -14.73 15.58 -39.99
N ILE A 156 -14.21 15.03 -38.88
CA ILE A 156 -13.75 15.89 -37.79
C ILE A 156 -12.45 16.60 -38.22
N GLU A 157 -12.35 17.89 -37.91
CA GLU A 157 -11.14 18.67 -38.18
C GLU A 157 -10.27 18.86 -36.94
N LEU A 158 -10.80 18.62 -35.74
CA LEU A 158 -10.08 18.88 -34.51
C LEU A 158 -10.75 18.11 -33.39
N TYR A 159 -9.95 17.35 -32.62
CA TYR A 159 -10.40 16.67 -31.42
C TYR A 159 -9.88 17.43 -30.21
N VAL A 160 -10.76 17.65 -29.23
CA VAL A 160 -10.39 18.26 -27.95
C VAL A 160 -10.75 17.21 -26.89
N LEU A 161 -9.74 16.68 -26.21
CA LEU A 161 -9.88 15.52 -25.33
C LEU A 161 -9.42 15.89 -23.93
N GLU A 162 -10.29 15.73 -22.96
CA GLU A 162 -9.92 15.77 -21.55
C GLU A 162 -9.57 14.34 -21.15
N LEU A 163 -8.43 14.15 -20.50
CA LEU A 163 -7.97 12.80 -20.21
C LEU A 163 -7.65 12.63 -18.74
N SER A 164 -7.98 11.47 -18.20
CA SER A 164 -7.54 11.10 -16.87
C SER A 164 -6.23 10.36 -16.96
N SER A 165 -5.52 10.33 -15.83
CA SER A 165 -4.30 9.54 -15.71
C SER A 165 -4.54 8.08 -16.06
N PHE A 166 -5.67 7.53 -15.61
CA PHE A 166 -5.97 6.13 -15.87
C PHE A 166 -6.06 5.86 -17.37
N GLN A 167 -6.69 6.75 -18.12
CA GLN A 167 -6.78 6.55 -19.56
C GLN A 167 -5.42 6.65 -20.22
N LEU A 168 -4.53 7.47 -19.66
CA LEU A 168 -3.22 7.63 -20.25
C LEU A 168 -2.29 6.48 -19.91
N GLU A 169 -2.68 5.64 -18.94
CA GLU A 169 -1.78 4.59 -18.47
C GLU A 169 -1.53 3.56 -19.57
N THR A 170 -2.55 3.21 -20.36
CA THR A 170 -2.40 2.21 -21.41
C THR A 170 -2.21 2.85 -22.79
N CYS A 171 -2.04 4.17 -22.86
CA CYS A 171 -1.83 4.85 -24.13
C CYS A 171 -0.33 4.90 -24.43
N ASP A 172 0.10 4.17 -25.46
CA ASP A 172 1.52 4.05 -25.76
C ASP A 172 2.08 5.37 -26.28
N ARG A 173 1.40 6.00 -27.25
CA ARG A 173 1.89 7.26 -27.80
CA ARG A 173 1.89 7.26 -27.80
C ARG A 173 0.68 8.04 -28.29
N LEU A 174 0.22 8.99 -27.47
CA LEU A 174 -0.99 9.74 -27.81
C LEU A 174 -0.81 10.56 -29.08
N ASN A 175 0.40 11.07 -29.32
CA ASN A 175 0.70 11.84 -30.52
C ASN A 175 -0.24 13.05 -30.64
N ALA A 176 -0.44 13.75 -29.53
CA ALA A 176 -1.28 14.94 -29.53
C ALA A 176 -0.59 16.04 -30.33
N GLU A 177 -1.41 16.87 -30.97
CA GLU A 177 -0.88 18.08 -31.61
C GLU A 177 -0.40 19.07 -30.56
N VAL A 178 -1.15 19.22 -29.46
CA VAL A 178 -0.70 20.01 -28.33
C VAL A 178 -1.25 19.35 -27.07
N ALA A 179 -0.42 19.29 -26.02
CA ALA A 179 -0.78 18.61 -24.78
C ALA A 179 -0.42 19.50 -23.60
N THR A 180 -1.18 19.35 -22.52
CA THR A 180 -0.92 20.11 -21.30
C THR A 180 -1.30 19.28 -20.08
N VAL A 181 -0.51 19.42 -19.03
CA VAL A 181 -0.92 19.08 -17.67
C VAL A 181 -1.16 20.41 -16.97
N LEU A 182 -2.44 20.74 -16.70
CA LEU A 182 -2.77 22.11 -16.26
C LEU A 182 -2.16 22.45 -14.92
N ASN A 183 -2.10 21.47 -14.02
CA ASN A 183 -1.62 21.65 -12.67
C ASN A 183 -1.49 20.27 -12.05
N VAL A 184 -0.72 20.19 -10.97
CA VAL A 184 -0.51 18.95 -10.25
C VAL A 184 -0.66 19.22 -8.76
N SER A 185 -1.62 18.57 -8.11
CA SER A 185 -1.73 18.64 -6.67
C SER A 185 -2.14 17.29 -6.11
N GLU A 186 -1.68 16.98 -4.90
CA GLU A 186 -1.97 15.69 -4.28
C GLU A 186 -3.46 15.56 -3.95
N HIS A 199 2.61 12.27 -10.55
CA HIS A 199 2.70 13.16 -11.71
C HIS A 199 3.14 12.44 -12.99
N LEU A 200 3.82 11.30 -12.84
CA LEU A 200 4.35 10.59 -14.01
C LEU A 200 3.25 10.02 -14.89
N ALA A 201 2.14 9.54 -14.29
CA ALA A 201 1.03 9.07 -15.09
C ALA A 201 0.48 10.18 -15.98
N LYS A 202 0.30 11.37 -15.38
CA LYS A 202 -0.18 12.53 -16.13
C LYS A 202 0.74 12.88 -17.30
N HIS A 203 2.05 12.75 -17.10
CA HIS A 203 3.01 13.10 -18.15
C HIS A 203 3.01 12.12 -19.32
N ARG A 204 2.28 11.01 -19.25
CA ARG A 204 2.14 10.20 -20.46
C ARG A 204 1.37 10.93 -21.55
N ILE A 205 0.67 12.00 -21.22
CA ILE A 205 -0.02 12.80 -22.22
C ILE A 205 0.96 13.44 -23.21
N PHE A 206 2.24 13.54 -22.83
CA PHE A 206 3.26 14.17 -23.67
C PHE A 206 3.93 13.21 -24.64
N ARG A 207 3.65 11.92 -24.58
CA ARG A 207 4.33 10.96 -25.44
C ARG A 207 3.91 11.20 -26.89
N GLY A 208 4.86 11.59 -27.74
CA GLY A 208 4.57 11.95 -29.10
C GLY A 208 3.98 13.33 -29.30
N ALA A 209 3.83 14.12 -28.24
CA ALA A 209 3.22 15.44 -28.37
C ALA A 209 4.07 16.33 -29.27
N ARG A 210 3.41 17.06 -30.15
CA ARG A 210 4.11 17.92 -31.11
C ARG A 210 4.27 19.34 -30.61
N GLN A 211 3.52 19.70 -29.57
CA GLN A 211 3.59 20.98 -28.89
C GLN A 211 3.14 20.78 -27.46
N VAL A 212 3.58 21.67 -26.57
CA VAL A 212 3.12 21.60 -25.17
C VAL A 212 2.72 22.99 -24.71
N VAL A 213 1.84 23.02 -23.72
CA VAL A 213 1.42 24.23 -23.02
C VAL A 213 1.69 23.98 -21.55
N VAL A 214 2.48 24.86 -20.93
CA VAL A 214 2.91 24.66 -19.55
C VAL A 214 2.41 25.82 -18.67
N ASN A 215 2.30 25.52 -17.37
CA ASN A 215 1.81 26.48 -16.37
C ASN A 215 3.03 27.07 -15.67
N ARG A 216 3.27 28.38 -15.88
CA ARG A 216 4.42 29.03 -15.25
C ARG A 216 4.37 28.96 -13.73
N ALA A 217 3.18 28.75 -13.15
CA ALA A 217 3.04 28.73 -11.70
C ALA A 217 3.18 27.33 -11.10
N ASP A 218 3.40 26.29 -11.92
CA ASP A 218 3.43 24.92 -11.43
C ASP A 218 4.54 24.19 -12.18
N ALA A 219 5.71 24.06 -11.54
CA ALA A 219 6.88 23.47 -12.19
C ALA A 219 6.65 22.01 -12.57
N LEU A 220 5.72 21.33 -11.92
CA LEU A 220 5.46 19.95 -12.27
C LEU A 220 4.68 19.81 -13.56
N THR A 221 4.27 20.91 -14.20
CA THR A 221 3.59 20.82 -15.49
C THR A 221 4.56 20.86 -16.67
N ARG A 222 5.86 21.06 -16.43
CA ARG A 222 6.78 21.22 -17.55
C ARG A 222 7.41 19.88 -17.92
N PRO A 223 7.15 19.34 -19.11
CA PRO A 223 7.73 18.04 -19.46
C PRO A 223 9.14 18.17 -19.99
N LEU A 224 9.84 17.03 -20.03
CA LEU A 224 11.17 16.98 -20.59
C LEU A 224 11.17 17.46 -22.04
N ILE A 225 10.13 17.11 -22.81
CA ILE A 225 10.10 17.50 -24.22
C ILE A 225 9.85 18.98 -24.43
N ALA A 226 9.57 19.73 -23.36
CA ALA A 226 9.43 21.17 -23.51
C ALA A 226 10.71 21.83 -24.02
N ASP A 227 11.85 21.13 -23.96
CA ASP A 227 13.08 21.66 -24.55
C ASP A 227 13.16 21.48 -26.06
N THR A 228 12.34 20.60 -26.65
CA THR A 228 12.56 20.21 -28.04
C THR A 228 11.33 20.31 -28.93
N VAL A 229 10.19 20.73 -28.40
CA VAL A 229 9.02 21.02 -29.22
C VAL A 229 8.53 22.41 -28.84
N PRO A 230 7.69 23.02 -29.68
CA PRO A 230 7.13 24.33 -29.33
C PRO A 230 6.48 24.31 -27.95
N CYS A 231 6.88 25.26 -27.10
CA CYS A 231 6.44 25.32 -25.71
C CYS A 231 5.78 26.68 -25.48
N TRP A 232 4.47 26.67 -25.25
CA TRP A 232 3.73 27.86 -24.89
C TRP A 232 3.44 27.81 -23.39
N SER A 233 3.35 28.98 -22.75
CA SER A 233 3.07 28.97 -21.32
C SER A 233 1.90 29.88 -20.99
N PHE A 234 1.26 29.58 -19.85
CA PHE A 234 0.29 30.48 -19.27
C PHE A 234 0.64 30.71 -17.81
N GLY A 235 0.18 31.85 -17.30
CA GLY A 235 0.42 32.20 -15.91
C GLY A 235 -0.26 33.52 -15.64
N LEU A 236 -0.20 33.93 -14.38
CA LEU A 236 -0.87 35.16 -13.97
C LEU A 236 0.06 36.36 -13.95
N ASN A 237 1.37 36.18 -14.16
CA ASN A 237 2.29 37.31 -14.21
C ASN A 237 2.43 37.81 -15.65
N LYS A 238 3.24 38.86 -15.81
CA LYS A 238 3.44 39.49 -17.13
C LYS A 238 4.14 38.51 -18.08
N PRO A 239 3.60 38.26 -19.26
CA PRO A 239 4.16 37.23 -20.13
C PRO A 239 5.33 37.73 -20.97
N ASP A 240 6.25 36.81 -21.27
CA ASP A 240 7.35 37.04 -22.21
C ASP A 240 6.92 36.48 -23.56
N PHE A 241 7.88 36.19 -24.45
CA PHE A 241 7.56 35.63 -25.75
C PHE A 241 7.02 34.22 -25.61
N LYS A 242 6.04 33.86 -26.47
CA LYS A 242 5.39 32.55 -26.45
C LYS A 242 4.65 32.29 -25.13
N ALA A 243 4.20 33.35 -24.48
CA ALA A 243 3.57 33.24 -23.17
C ALA A 243 2.28 34.03 -23.15
N PHE A 244 1.29 33.50 -22.44
CA PHE A 244 0.04 34.19 -22.12
C PHE A 244 0.06 34.56 -20.64
N GLY A 245 -0.41 35.76 -20.32
CA GLY A 245 -0.37 36.22 -18.95
C GLY A 245 -1.28 37.40 -18.74
N LEU A 246 -1.02 38.15 -17.66
CA LEU A 246 -1.79 39.33 -17.33
C LEU A 246 -0.93 40.57 -17.50
N ILE A 247 -1.47 41.59 -18.16
CA ILE A 247 -0.86 42.91 -18.21
C ILE A 247 -1.74 43.87 -17.41
N GLU A 248 -1.11 44.66 -16.56
CA GLU A 248 -1.82 45.65 -15.76
C GLU A 248 -1.51 47.03 -16.34
N GLU A 249 -2.56 47.73 -16.78
CA GLU A 249 -2.44 49.08 -17.31
C GLU A 249 -3.68 49.88 -16.94
N ASP A 250 -3.47 51.14 -16.58
CA ASP A 250 -4.56 52.04 -16.19
C ASP A 250 -5.37 51.45 -15.02
N GLY A 251 -4.68 50.82 -14.09
CA GLY A 251 -5.32 50.13 -12.98
C GLY A 251 -6.19 48.93 -13.35
N GLN A 252 -6.13 48.49 -14.60
CA GLN A 252 -6.97 47.40 -15.08
C GLN A 252 -6.08 46.24 -15.53
N LYS A 253 -6.55 45.02 -15.32
CA LYS A 253 -5.81 43.82 -15.71
C LYS A 253 -6.36 43.27 -17.02
N TRP A 254 -5.45 42.85 -17.91
CA TRP A 254 -5.78 42.34 -19.23
C TRP A 254 -5.20 40.95 -19.41
N LEU A 255 -6.01 40.04 -19.97
CA LEU A 255 -5.45 38.85 -20.61
C LEU A 255 -4.53 39.33 -21.71
N ALA A 256 -3.41 38.64 -21.90
CA ALA A 256 -2.40 39.14 -22.82
C ALA A 256 -1.65 37.98 -23.45
N PHE A 257 -1.24 38.19 -24.70
CA PHE A 257 -0.31 37.28 -25.37
C PHE A 257 0.95 38.10 -25.67
N GLN A 258 2.08 37.69 -25.10
CA GLN A 258 3.32 38.44 -25.21
C GLN A 258 3.09 39.89 -24.78
N PHE A 259 3.38 40.84 -25.66
CA PHE A 259 3.17 42.24 -25.31
C PHE A 259 1.81 42.78 -25.73
N ASP A 260 0.91 41.92 -26.23
CA ASP A 260 -0.37 42.36 -26.79
C ASP A 260 -1.47 42.16 -25.76
N LYS A 261 -2.08 43.27 -25.30
CA LYS A 261 -3.28 43.16 -24.47
C LYS A 261 -4.43 42.61 -25.31
N LEU A 262 -5.12 41.60 -24.79
CA LEU A 262 -6.20 40.96 -25.54
C LEU A 262 -7.58 41.44 -25.11
N LEU A 263 -7.85 41.43 -23.82
CA LEU A 263 -9.19 41.61 -23.28
C LEU A 263 -9.05 41.99 -21.81
N PRO A 264 -9.74 43.02 -21.33
CA PRO A 264 -9.74 43.26 -19.89
C PRO A 264 -10.47 42.13 -19.18
N VAL A 265 -9.94 41.69 -18.04
CA VAL A 265 -10.56 40.56 -17.35
C VAL A 265 -12.00 40.88 -16.98
N GLY A 266 -12.33 42.17 -16.86
CA GLY A 266 -13.68 42.57 -16.54
C GLY A 266 -14.71 42.24 -17.61
N GLU A 267 -14.26 41.97 -18.84
CA GLU A 267 -15.18 41.56 -19.90
C GLU A 267 -15.41 40.05 -19.93
N LEU A 268 -14.70 39.29 -19.10
CA LEU A 268 -15.03 37.88 -18.93
C LEU A 268 -16.27 37.75 -18.07
N LYS A 269 -16.99 36.64 -18.25
CA LYS A 269 -18.12 36.34 -17.37
C LYS A 269 -17.78 35.32 -16.30
N ILE A 270 -16.53 34.84 -16.25
CA ILE A 270 -16.09 33.97 -15.17
C ILE A 270 -15.22 34.80 -14.23
N ARG A 271 -15.19 34.42 -12.94
CA ARG A 271 -14.56 35.21 -11.90
CA ARG A 271 -14.53 35.23 -11.93
C ARG A 271 -13.42 34.44 -11.25
N GLY A 272 -12.48 35.20 -10.66
CA GLY A 272 -11.40 34.61 -9.91
C GLY A 272 -10.14 34.44 -10.73
N ALA A 273 -8.99 34.74 -10.15
CA ALA A 273 -7.73 34.65 -10.90
C ALA A 273 -7.43 33.23 -11.37
N HIS A 274 -7.93 32.21 -10.67
CA HIS A 274 -7.76 30.83 -11.15
C HIS A 274 -8.51 30.64 -12.48
N ASN A 275 -9.67 31.28 -12.62
CA ASN A 275 -10.37 31.22 -13.91
C ASN A 275 -9.69 32.12 -14.96
N TYR A 276 -9.00 33.18 -14.56
CA TYR A 276 -8.22 33.93 -15.54
C TYR A 276 -7.07 33.08 -16.05
N SER A 277 -6.47 32.29 -15.16
CA SER A 277 -5.46 31.33 -15.57
C SER A 277 -6.04 30.30 -16.53
N ASN A 278 -7.25 29.80 -16.26
CA ASN A 278 -7.87 28.84 -17.14
C ASN A 278 -8.11 29.42 -18.54
N ALA A 279 -8.54 30.68 -18.59
CA ALA A 279 -8.75 31.36 -19.87
C ALA A 279 -7.46 31.47 -20.66
N LEU A 280 -6.35 31.78 -19.96
CA LEU A 280 -5.06 31.90 -20.61
C LEU A 280 -4.56 30.55 -21.08
N ALA A 281 -4.83 29.49 -20.31
CA ALA A 281 -4.49 28.15 -20.76
C ALA A 281 -5.25 27.78 -22.03
N ALA A 282 -6.55 28.10 -22.06
CA ALA A 282 -7.36 27.81 -23.24
C ALA A 282 -6.88 28.61 -24.46
N LEU A 283 -6.51 29.89 -24.25
CA LEU A 283 -5.97 30.70 -25.35
C LEU A 283 -4.69 30.07 -25.91
N ALA A 284 -3.81 29.61 -25.02
CA ALA A 284 -2.57 28.98 -25.46
C ALA A 284 -2.85 27.72 -26.26
N LEU A 285 -3.78 26.88 -25.78
CA LEU A 285 -4.13 25.66 -26.49
C LEU A 285 -4.74 25.97 -27.86
N GLY A 286 -5.69 26.90 -27.91
CA GLY A 286 -6.31 27.26 -29.17
C GLY A 286 -5.31 27.88 -30.13
N HIS A 287 -4.44 28.74 -29.60
CA HIS A 287 -3.41 29.35 -30.43
C HIS A 287 -2.51 28.28 -31.06
N ALA A 288 -2.17 27.24 -30.30
CA ALA A 288 -1.27 26.22 -30.80
C ALA A 288 -1.87 25.48 -31.99
N VAL A 289 -3.20 25.37 -32.05
CA VAL A 289 -3.82 24.70 -33.18
C VAL A 289 -4.38 25.69 -34.19
N GLY A 290 -3.99 26.96 -34.11
CA GLY A 290 -4.32 27.91 -35.15
C GLY A 290 -5.67 28.58 -35.04
N LEU A 291 -6.34 28.49 -33.90
CA LEU A 291 -7.60 29.22 -33.76
C LEU A 291 -7.30 30.72 -33.79
N PRO A 292 -8.00 31.50 -34.61
CA PRO A 292 -7.71 32.94 -34.66
C PRO A 292 -8.16 33.62 -33.38
N PHE A 293 -7.47 34.71 -33.05
CA PHE A 293 -7.72 35.37 -31.77
C PHE A 293 -9.12 35.96 -31.71
N ASP A 294 -9.61 36.52 -32.81
CA ASP A 294 -10.95 37.12 -32.73
C ASP A 294 -12.01 36.07 -32.38
N ALA A 295 -11.90 34.88 -32.96
CA ALA A 295 -12.83 33.82 -32.59
C ALA A 295 -12.63 33.40 -31.13
N MET A 296 -11.38 33.22 -30.70
CA MET A 296 -11.15 32.79 -29.32
C MET A 296 -11.67 33.84 -28.33
N LEU A 297 -11.43 35.12 -28.61
CA LEU A 297 -11.85 36.17 -27.68
C LEU A 297 -13.37 36.30 -27.63
N GLY A 298 -14.04 36.13 -28.78
CA GLY A 298 -15.49 36.13 -28.79
C GLY A 298 -16.09 35.03 -27.92
N ALA A 299 -15.55 33.83 -28.05
CA ALA A 299 -16.00 32.72 -27.20
C ALA A 299 -15.70 33.01 -25.73
N LEU A 300 -14.54 33.59 -25.45
CA LEU A 300 -14.18 33.92 -24.08
C LEU A 300 -15.18 34.88 -23.46
N LYS A 301 -15.59 35.90 -24.21
CA LYS A 301 -16.57 36.86 -23.69
C LYS A 301 -17.93 36.20 -23.45
N ALA A 302 -18.24 35.13 -24.19
CA ALA A 302 -19.54 34.46 -24.06
C ALA A 302 -19.52 33.30 -23.06
N PHE A 303 -18.35 32.91 -22.57
CA PHE A 303 -18.23 31.72 -21.72
C PHE A 303 -18.60 32.06 -20.28
N SER A 304 -19.60 31.39 -19.75
CA SER A 304 -20.05 31.70 -18.40
C SER A 304 -19.62 30.67 -17.36
N GLY A 305 -18.83 29.67 -17.74
CA GLY A 305 -18.34 28.68 -16.81
C GLY A 305 -19.31 27.51 -16.60
N LEU A 306 -18.81 26.46 -15.98
CA LEU A 306 -19.60 25.26 -15.74
C LEU A 306 -20.25 25.32 -14.36
N ALA A 307 -21.30 24.51 -14.19
CA ALA A 307 -22.10 24.55 -12.98
C ALA A 307 -21.26 24.19 -11.77
N HIS A 308 -21.37 24.99 -10.72
CA HIS A 308 -20.68 24.75 -9.45
C HIS A 308 -19.18 24.95 -9.56
N ARG A 309 -18.70 25.59 -10.63
CA ARG A 309 -17.32 26.05 -10.72
C ARG A 309 -17.37 27.54 -10.46
N CYS A 310 -17.15 27.92 -9.21
CA CYS A 310 -17.14 29.31 -8.71
C CYS A 310 -18.19 30.17 -9.42
N GLN A 311 -19.46 29.75 -9.30
CA GLN A 311 -20.56 30.39 -10.01
C GLN A 311 -21.26 31.42 -9.14
N TRP A 312 -21.42 32.63 -9.67
CA TRP A 312 -22.15 33.67 -8.96
C TRP A 312 -23.59 33.24 -8.73
N VAL A 313 -24.07 33.48 -7.51
CA VAL A 313 -25.44 33.14 -7.13
C VAL A 313 -26.26 34.39 -6.85
N ARG A 314 -25.69 35.38 -6.18
CA ARG A 314 -26.50 36.49 -5.73
C ARG A 314 -25.58 37.62 -5.26
N GLU A 315 -26.07 38.85 -5.37
CA GLU A 315 -25.48 40.03 -4.76
C GLU A 315 -26.48 40.57 -3.75
N ARG A 316 -26.10 40.62 -2.48
CA ARG A 316 -27.05 41.00 -1.44
C ARG A 316 -26.38 41.93 -0.44
N GLN A 317 -26.87 43.16 -0.32
CA GLN A 317 -26.33 44.11 0.66
C GLN A 317 -24.81 44.26 0.52
N GLY A 318 -24.35 44.35 -0.73
CA GLY A 318 -22.94 44.55 -1.05
C GLY A 318 -22.07 43.32 -0.97
N VAL A 319 -22.65 42.15 -0.70
CA VAL A 319 -21.92 40.90 -0.55
C VAL A 319 -22.28 39.98 -1.71
N SER A 320 -21.27 39.43 -2.37
CA SER A 320 -21.53 38.48 -3.45
C SER A 320 -21.43 37.05 -2.91
N TYR A 321 -22.12 36.12 -3.57
CA TYR A 321 -22.19 34.73 -3.15
C TYR A 321 -21.81 33.84 -4.32
N TYR A 322 -20.86 32.93 -4.09
CA TYR A 322 -20.28 32.10 -5.15
C TYR A 322 -20.35 30.63 -4.77
N ASP A 323 -20.86 29.81 -5.69
CA ASP A 323 -20.97 28.36 -5.53
C ASP A 323 -19.79 27.71 -6.24
N ASP A 324 -18.81 27.26 -5.46
CA ASP A 324 -17.70 26.46 -5.96
C ASP A 324 -17.75 25.07 -5.36
N SER A 325 -18.95 24.48 -5.31
CA SER A 325 -19.13 23.17 -4.68
C SER A 325 -18.23 22.11 -5.31
N LYS A 326 -17.85 22.28 -6.59
CA LYS A 326 -16.98 21.27 -7.19
C LYS A 326 -15.53 21.33 -6.69
N ALA A 327 -15.16 22.24 -5.78
CA ALA A 327 -13.85 22.16 -5.13
C ALA A 327 -13.87 21.04 -4.09
N THR A 328 -13.71 19.81 -4.58
CA THR A 328 -13.78 18.62 -3.73
C THR A 328 -12.40 18.15 -3.28
N ASN A 329 -11.36 18.94 -3.49
CA ASN A 329 -10.03 18.57 -2.99
C ASN A 329 -9.31 19.84 -2.57
N VAL A 330 -8.19 19.67 -1.84
CA VAL A 330 -7.52 20.82 -1.24
C VAL A 330 -6.92 21.72 -2.32
N GLY A 331 -6.29 21.14 -3.35
CA GLY A 331 -5.71 21.97 -4.40
C GLY A 331 -6.74 22.85 -5.07
N ALA A 332 -7.94 22.32 -5.30
CA ALA A 332 -9.01 23.10 -5.92
C ALA A 332 -9.45 24.26 -5.04
N ALA A 333 -9.71 23.99 -3.77
CA ALA A 333 -10.14 25.06 -2.87
C ALA A 333 -9.08 26.12 -2.75
N LEU A 334 -7.81 25.71 -2.62
CA LEU A 334 -6.72 26.68 -2.52
C LEU A 334 -6.73 27.63 -3.71
N ALA A 335 -6.86 27.08 -4.91
CA ALA A 335 -6.88 27.93 -6.11
C ALA A 335 -8.08 28.87 -6.11
N ALA A 336 -9.24 28.37 -5.70
CA ALA A 336 -10.43 29.22 -5.72
C ALA A 336 -10.36 30.29 -4.63
N ILE A 337 -9.82 29.95 -3.47
CA ILE A 337 -9.69 30.92 -2.38
C ILE A 337 -8.73 32.02 -2.79
N GLU A 338 -7.55 31.64 -3.27
CA GLU A 338 -6.61 32.64 -3.76
C GLU A 338 -7.17 33.34 -4.99
N GLY A 339 -7.92 32.61 -5.82
CA GLY A 339 -8.37 33.16 -7.08
C GLY A 339 -9.46 34.19 -6.89
N LEU A 340 -10.53 33.80 -6.21
CA LEU A 340 -11.58 34.77 -5.94
C LEU A 340 -11.12 35.81 -4.94
N GLY A 341 -10.30 35.40 -3.96
CA GLY A 341 -9.79 36.37 -2.97
C GLY A 341 -9.05 37.53 -3.61
N ALA A 342 -8.34 37.28 -4.72
CA ALA A 342 -7.62 38.31 -5.46
C ALA A 342 -8.50 39.05 -6.46
N ASP A 343 -9.81 38.77 -6.50
CA ASP A 343 -10.68 39.27 -7.55
C ASP A 343 -11.88 40.03 -6.98
N ILE A 344 -11.86 40.39 -5.69
CA ILE A 344 -12.97 41.08 -5.04
C ILE A 344 -12.43 42.30 -4.31
N ASP A 345 -13.34 43.16 -3.88
CA ASP A 345 -12.99 44.35 -3.11
C ASP A 345 -12.82 44.06 -1.63
N GLY A 346 -13.42 42.98 -1.13
CA GLY A 346 -13.33 42.69 0.30
C GLY A 346 -12.61 41.41 0.66
N LYS A 347 -13.17 40.69 1.63
CA LYS A 347 -12.62 39.44 2.14
C LYS A 347 -13.56 38.30 1.78
N LEU A 348 -13.05 37.08 1.86
CA LEU A 348 -13.89 35.90 1.72
C LEU A 348 -14.46 35.49 3.07
N VAL A 349 -15.72 35.07 3.07
CA VAL A 349 -16.25 34.21 4.12
C VAL A 349 -16.40 32.84 3.47
N LEU A 350 -15.55 31.91 3.87
CA LEU A 350 -15.44 30.60 3.23
C LEU A 350 -16.34 29.60 3.95
N LEU A 351 -17.06 28.78 3.17
CA LEU A 351 -17.77 27.61 3.70
C LEU A 351 -16.98 26.39 3.23
N ALA A 352 -16.59 25.55 4.17
CA ALA A 352 -15.79 24.38 3.82
C ALA A 352 -16.18 23.22 4.72
N GLY A 353 -15.72 22.04 4.35
CA GLY A 353 -15.95 20.84 5.11
C GLY A 353 -16.72 19.82 4.30
N GLY A 354 -16.95 18.68 4.93
CA GLY A 354 -17.49 17.53 4.23
C GLY A 354 -16.64 16.29 4.49
N ASP A 355 -16.54 15.42 3.49
CA ASP A 355 -15.64 14.25 3.54
C ASP A 355 -14.30 14.62 2.91
N GLY A 356 -13.28 14.79 3.76
CA GLY A 356 -11.97 15.21 3.30
C GLY A 356 -11.06 14.14 2.73
N LYS A 357 -11.44 12.87 2.84
CA LYS A 357 -10.71 11.76 2.22
C LYS A 357 -9.26 11.67 2.69
N GLY A 358 -9.01 12.03 3.94
CA GLY A 358 -7.68 11.92 4.51
C GLY A 358 -6.69 12.98 4.08
N ALA A 359 -7.15 14.06 3.45
CA ALA A 359 -6.24 15.07 2.94
C ALA A 359 -5.53 15.82 4.06
N ASP A 360 -4.33 16.29 3.75
CA ASP A 360 -3.60 17.22 4.61
C ASP A 360 -4.15 18.61 4.29
N PHE A 361 -4.86 19.22 5.25
CA PHE A 361 -5.49 20.51 5.03
C PHE A 361 -4.58 21.69 5.32
N HIS A 362 -3.32 21.43 5.72
CA HIS A 362 -2.42 22.51 6.12
C HIS A 362 -2.22 23.53 5.02
N ASP A 363 -2.24 23.09 3.75
CA ASP A 363 -2.03 24.04 2.66
C ASP A 363 -3.11 25.10 2.58
N LEU A 364 -4.25 24.88 3.22
CA LEU A 364 -5.27 25.91 3.22
C LEU A 364 -4.98 27.02 4.22
N ARG A 365 -4.07 26.80 5.16
CA ARG A 365 -3.94 27.78 6.25
C ARG A 365 -3.50 29.15 5.73
N GLU A 366 -2.44 29.17 4.93
CA GLU A 366 -1.93 30.46 4.45
C GLU A 366 -2.93 31.17 3.55
N PRO A 367 -3.53 30.54 2.53
CA PRO A 367 -4.56 31.24 1.74
C PRO A 367 -5.72 31.75 2.58
N VAL A 368 -6.16 30.95 3.56
CA VAL A 368 -7.25 31.38 4.44
C VAL A 368 -6.81 32.59 5.28
N ALA A 369 -5.61 32.53 5.86
CA ALA A 369 -5.11 33.67 6.63
C ALA A 369 -5.02 34.92 5.77
N ARG A 370 -4.66 34.75 4.49
CA ARG A 370 -4.45 35.91 3.62
C ARG A 370 -5.76 36.52 3.11
N PHE A 371 -6.77 35.70 2.80
CA PHE A 371 -7.94 36.16 2.06
C PHE A 371 -9.26 36.11 2.83
N CYS A 372 -9.34 35.36 3.92
CA CYS A 372 -10.64 35.12 4.56
C CYS A 372 -10.84 36.02 5.77
N ARG A 373 -12.06 36.56 5.90
CA ARG A 373 -12.48 37.15 7.16
C ARG A 373 -12.84 36.08 8.19
N ALA A 374 -13.41 34.96 7.75
CA ALA A 374 -13.83 33.90 8.64
C ALA A 374 -14.10 32.65 7.81
N VAL A 375 -14.13 31.50 8.47
CA VAL A 375 -14.47 30.25 7.78
C VAL A 375 -15.60 29.61 8.57
N VAL A 376 -16.63 29.16 7.86
CA VAL A 376 -17.76 28.44 8.44
C VAL A 376 -17.60 26.98 8.03
N LEU A 377 -17.55 26.09 9.02
CA LEU A 377 -17.22 24.69 8.78
C LEU A 377 -18.41 23.79 9.10
N LEU A 378 -18.65 22.82 8.23
CA LEU A 378 -19.70 21.83 8.42
CA LEU A 378 -19.68 21.83 8.45
C LEU A 378 -19.17 20.48 7.95
N GLY A 379 -19.98 19.45 8.13
CA GLY A 379 -19.64 18.14 7.61
C GLY A 379 -18.71 17.33 8.50
N ARG A 380 -18.51 16.08 8.08
CA ARG A 380 -17.78 15.11 8.88
CA ARG A 380 -17.78 15.11 8.88
C ARG A 380 -16.45 15.65 9.36
N ASP A 381 -15.66 16.24 8.46
CA ASP A 381 -14.28 16.57 8.77
C ASP A 381 -14.07 18.03 9.13
N ALA A 382 -15.11 18.73 9.57
CA ALA A 382 -14.95 20.11 10.02
C ALA A 382 -13.89 20.22 11.10
N GLY A 383 -13.85 19.25 12.01
CA GLY A 383 -12.86 19.28 13.08
C GLY A 383 -11.44 19.15 12.56
N LEU A 384 -11.22 18.29 11.55
CA LEU A 384 -9.91 18.15 10.96
C LEU A 384 -9.47 19.46 10.31
N ILE A 385 -10.41 20.12 9.63
CA ILE A 385 -10.07 21.40 9.00
C ILE A 385 -9.76 22.43 10.07
N ALA A 386 -10.56 22.46 11.13
CA ALA A 386 -10.29 23.39 12.23
C ALA A 386 -8.90 23.16 12.82
N GLN A 387 -8.51 21.89 12.98
CA GLN A 387 -7.18 21.61 13.51
C GLN A 387 -6.10 22.19 12.62
N ALA A 388 -6.26 22.06 11.30
CA ALA A 388 -5.27 22.54 10.35
C ALA A 388 -5.23 24.07 10.30
N LEU A 389 -6.39 24.72 10.42
CA LEU A 389 -6.43 26.17 10.32
C LEU A 389 -6.00 26.85 11.62
N GLY A 390 -6.15 26.18 12.75
CA GLY A 390 -5.70 26.78 14.01
C GLY A 390 -6.43 28.08 14.24
N ASN A 391 -5.68 29.11 14.65
CA ASN A 391 -6.24 30.42 14.94
C ASN A 391 -5.96 31.40 13.81
N ALA A 392 -5.82 30.90 12.58
CA ALA A 392 -5.53 31.79 11.46
C ALA A 392 -6.61 32.87 11.29
N VAL A 393 -7.87 32.48 11.32
CA VAL A 393 -9.01 33.40 11.18
C VAL A 393 -10.13 32.91 12.09
N PRO A 394 -11.12 33.77 12.37
CA PRO A 394 -12.27 33.32 13.16
C PRO A 394 -12.98 32.14 12.50
N LEU A 395 -13.31 31.12 13.30
CA LEU A 395 -13.97 29.93 12.78
C LEU A 395 -15.34 29.78 13.43
N VAL A 396 -16.32 29.31 12.65
CA VAL A 396 -17.65 29.00 13.17
C VAL A 396 -18.01 27.58 12.74
N ARG A 397 -18.50 26.78 13.68
CA ARG A 397 -18.96 25.42 13.38
C ARG A 397 -20.48 25.40 13.32
N VAL A 398 -21.04 24.77 12.28
CA VAL A 398 -22.48 24.63 12.18
C VAL A 398 -22.82 23.21 11.75
N ALA A 399 -24.09 22.86 11.93
CA ALA A 399 -24.59 21.52 11.64
C ALA A 399 -25.14 21.39 10.22
N THR A 400 -25.71 22.45 9.65
CA THR A 400 -26.40 22.35 8.37
C THR A 400 -25.92 23.42 7.40
N LEU A 401 -26.19 23.17 6.12
CA LEU A 401 -25.83 24.12 5.08
C LEU A 401 -26.64 25.40 5.19
N ASP A 402 -27.93 25.28 5.53
CA ASP A 402 -28.78 26.47 5.74
C ASP A 402 -28.19 27.36 6.82
N GLU A 403 -27.79 26.76 7.93
CA GLU A 403 -27.21 27.55 9.01
C GLU A 403 -25.86 28.11 8.61
N ALA A 404 -25.08 27.35 7.82
CA ALA A 404 -23.80 27.86 7.33
C ALA A 404 -24.03 29.14 6.53
N VAL A 405 -25.04 29.14 5.66
CA VAL A 405 -25.27 30.30 4.82
C VAL A 405 -25.76 31.48 5.67
N ARG A 406 -26.70 31.22 6.59
CA ARG A 406 -27.21 32.29 7.44
C ARG A 406 -26.08 32.94 8.25
N GLN A 407 -25.18 32.13 8.80
CA GLN A 407 -24.09 32.65 9.61
C GLN A 407 -23.06 33.37 8.75
N ALA A 408 -22.80 32.83 7.56
CA ALA A 408 -21.87 33.50 6.65
C ALA A 408 -22.37 34.88 6.27
N ALA A 409 -23.68 35.01 6.02
CA ALA A 409 -24.24 36.31 5.67
C ALA A 409 -24.09 37.31 6.81
N GLU A 410 -24.24 36.84 8.06
CA GLU A 410 -24.10 37.73 9.20
C GLU A 410 -22.66 38.15 9.39
N LEU A 411 -21.70 37.28 9.02
CA LEU A 411 -20.29 37.62 9.17
C LEU A 411 -19.79 38.53 8.06
N ALA A 412 -20.36 38.44 6.85
CA ALA A 412 -19.84 39.17 5.71
C ALA A 412 -20.11 40.66 5.85
N ARG A 413 -19.24 41.46 5.24
CA ARG A 413 -19.37 42.91 5.19
C ARG A 413 -19.38 43.35 3.73
N GLU A 414 -19.85 44.57 3.49
CA GLU A 414 -19.96 45.07 2.13
C GLU A 414 -18.63 44.94 1.41
N GLY A 415 -18.66 44.39 0.19
CA GLY A 415 -17.47 44.12 -0.60
C GLY A 415 -16.94 42.70 -0.49
N ASP A 416 -17.35 41.95 0.53
CA ASP A 416 -16.93 40.57 0.72
C ASP A 416 -17.58 39.65 -0.31
N ALA A 417 -17.07 38.43 -0.40
CA ALA A 417 -17.75 37.35 -1.11
C ALA A 417 -17.89 36.17 -0.17
N VAL A 418 -19.06 35.57 -0.14
CA VAL A 418 -19.29 34.31 0.55
C VAL A 418 -19.06 33.19 -0.45
N LEU A 419 -18.12 32.30 -0.16
CA LEU A 419 -17.64 31.32 -1.12
C LEU A 419 -17.82 29.90 -0.55
N LEU A 420 -18.60 29.09 -1.24
CA LEU A 420 -18.63 27.66 -0.94
C LEU A 420 -17.54 27.03 -1.78
N SER A 421 -16.42 26.69 -1.15
CA SER A 421 -15.31 26.02 -1.83
C SER A 421 -14.78 25.03 -0.82
N PRO A 422 -15.43 23.86 -0.69
CA PRO A 422 -15.36 23.10 0.58
C PRO A 422 -14.10 22.28 0.79
N ALA A 423 -13.30 22.02 -0.26
CA ALA A 423 -12.08 21.21 -0.24
C ALA A 423 -12.35 19.74 0.06
N CYS A 424 -13.60 19.32 -0.01
CA CYS A 424 -14.03 18.01 0.46
C CYS A 424 -15.11 17.46 -0.46
N ALA A 425 -15.22 16.14 -0.50
CA ALA A 425 -16.39 15.53 -1.11
C ALA A 425 -17.63 15.81 -0.27
N SER A 426 -18.79 15.63 -0.89
CA SER A 426 -20.06 15.98 -0.28
C SER A 426 -20.84 14.77 0.24
N LEU A 427 -20.34 13.56 0.01
CA LEU A 427 -21.18 12.38 0.21
C LEU A 427 -21.53 12.10 1.65
N ASP A 428 -20.95 12.82 2.61
CA ASP A 428 -21.35 12.58 3.99
C ASP A 428 -22.72 13.20 4.30
N MET A 429 -23.14 14.22 3.55
CA MET A 429 -24.39 14.93 3.80
C MET A 429 -25.26 15.09 2.56
N PHE A 430 -24.71 14.92 1.35
CA PHE A 430 -25.43 15.21 0.11
C PHE A 430 -25.25 14.06 -0.86
N LYS A 431 -26.11 14.03 -1.88
CA LYS A 431 -26.00 13.00 -2.91
C LYS A 431 -24.72 13.16 -3.72
N ASN A 432 -24.27 14.39 -3.94
CA ASN A 432 -23.11 14.69 -4.79
C ASN A 432 -22.87 16.19 -4.69
N PHE A 433 -21.76 16.63 -5.30
CA PHE A 433 -21.38 18.05 -5.19
C PHE A 433 -22.40 18.95 -5.87
N GLU A 434 -23.10 18.45 -6.89
CA GLU A 434 -24.13 19.27 -7.55
C GLU A 434 -25.27 19.57 -6.58
N GLU A 435 -25.73 18.54 -5.86
CA GLU A 435 -26.80 18.78 -4.89
C GLU A 435 -26.36 19.77 -3.81
N ARG A 436 -25.14 19.61 -3.31
CA ARG A 436 -24.61 20.57 -2.32
C ARG A 436 -24.62 21.98 -2.87
N GLY A 437 -24.15 22.16 -4.10
CA GLY A 437 -24.18 23.50 -4.71
C GLY A 437 -25.59 24.04 -4.87
N ARG A 438 -26.53 23.19 -5.33
CA ARG A 438 -27.90 23.65 -5.53
C ARG A 438 -28.54 24.07 -4.21
N LEU A 439 -28.34 23.26 -3.16
CA LEU A 439 -28.89 23.58 -1.84
C LEU A 439 -28.23 24.82 -1.24
N PHE A 440 -26.94 25.03 -1.51
CA PHE A 440 -26.29 26.28 -1.14
C PHE A 440 -26.96 27.46 -1.82
N ALA A 441 -27.15 27.37 -3.15
CA ALA A 441 -27.77 28.46 -3.89
C ALA A 441 -29.19 28.72 -3.39
N LYS A 442 -29.93 27.65 -3.11
CA LYS A 442 -31.27 27.80 -2.56
C LYS A 442 -31.25 28.58 -1.24
N ALA A 443 -30.37 28.20 -0.31
CA ALA A 443 -30.28 28.91 0.96
C ALA A 443 -29.92 30.38 0.74
N VAL A 444 -28.97 30.63 -0.15
CA VAL A 444 -28.57 32.00 -0.46
C VAL A 444 -29.75 32.80 -1.00
N GLU A 445 -30.52 32.20 -1.91
CA GLU A 445 -31.63 32.94 -2.50
C GLU A 445 -32.77 33.16 -1.50
N GLU A 446 -32.80 32.40 -0.41
CA GLU A 446 -33.82 32.57 0.61
C GLU A 446 -33.42 33.55 1.70
N LEU A 447 -32.18 34.03 1.71
CA LEU A 447 -31.80 35.11 2.62
C LEU A 447 -32.69 36.32 2.37
N ALA A 448 -33.12 36.97 3.47
CA ALA A 448 -34.03 38.11 3.37
C ALA A 448 -33.48 39.21 2.44
N HIS B 7 5.74 -33.81 40.27
CA HIS B 7 4.49 -34.55 40.13
C HIS B 7 3.73 -34.17 38.87
N HIS B 8 4.41 -34.16 37.72
CA HIS B 8 3.78 -33.85 36.45
C HIS B 8 4.33 -34.72 35.34
N PHE B 9 3.42 -35.36 34.61
CA PHE B 9 3.80 -36.24 33.51
C PHE B 9 4.44 -35.51 32.33
N ARG B 10 3.96 -34.32 31.98
CA ARG B 10 4.44 -33.60 30.81
C ARG B 10 4.82 -32.18 31.15
N ILE B 11 5.92 -31.70 30.57
CA ILE B 11 6.36 -30.33 30.79
C ILE B 11 6.79 -29.72 29.46
N VAL B 12 6.26 -28.54 29.15
CA VAL B 12 6.73 -27.77 28.01
C VAL B 12 7.94 -26.98 28.46
N VAL B 13 9.08 -27.19 27.81
CA VAL B 13 10.35 -26.61 28.22
C VAL B 13 10.69 -25.53 27.19
N GLY B 14 10.36 -24.29 27.50
CA GLY B 14 10.68 -23.19 26.62
C GLY B 14 9.45 -22.68 25.90
N LEU B 15 9.19 -21.39 26.05
CA LEU B 15 8.09 -20.73 25.39
C LEU B 15 8.60 -20.04 24.14
N GLY B 16 7.67 -19.50 23.38
CA GLY B 16 7.94 -18.99 22.05
C GLY B 16 6.90 -19.53 21.12
N LYS B 17 7.15 -19.40 19.82
CA LYS B 17 6.13 -19.81 18.85
C LYS B 17 5.79 -21.29 18.99
N SER B 18 6.81 -22.16 18.97
CA SER B 18 6.50 -23.59 19.04
C SER B 18 6.02 -23.96 20.44
N GLY B 19 6.63 -23.39 21.48
CA GLY B 19 6.17 -23.69 22.84
C GLY B 19 4.71 -23.36 23.06
N MET B 20 4.25 -22.22 22.53
CA MET B 20 2.86 -21.84 22.70
C MET B 20 1.94 -22.73 21.89
N SER B 21 2.42 -23.24 20.76
CA SER B 21 1.62 -24.22 20.01
C SER B 21 1.47 -25.50 20.79
N LEU B 22 2.48 -25.87 21.57
CA LEU B 22 2.37 -27.01 22.48
C LEU B 22 1.37 -26.72 23.60
N VAL B 23 1.45 -25.52 24.19
CA VAL B 23 0.48 -25.13 25.20
C VAL B 23 -0.93 -25.25 24.65
N ARG B 24 -1.16 -24.70 23.45
CA ARG B 24 -2.50 -24.77 22.85
C ARG B 24 -2.95 -26.20 22.62
N TYR B 25 -2.07 -27.03 22.05
CA TYR B 25 -2.47 -28.39 21.70
C TYR B 25 -2.75 -29.22 22.95
N LEU B 26 -1.82 -29.21 23.91
CA LEU B 26 -2.04 -30.01 25.12
C LEU B 26 -3.29 -29.56 25.86
N ALA B 27 -3.52 -28.25 25.94
CA ALA B 27 -4.72 -27.79 26.62
C ALA B 27 -5.97 -28.17 25.85
N ARG B 28 -6.00 -27.97 24.53
CA ARG B 28 -7.19 -28.32 23.76
C ARG B 28 -7.45 -29.82 23.79
N ARG B 29 -6.40 -30.63 23.92
CA ARG B 29 -6.48 -32.08 24.00
C ARG B 29 -6.85 -32.57 25.41
N GLY B 30 -7.03 -31.65 26.36
CA GLY B 30 -7.44 -31.98 27.72
C GLY B 30 -6.34 -32.52 28.61
N LEU B 31 -5.09 -32.64 28.11
CA LEU B 31 -3.99 -33.28 28.82
C LEU B 31 -3.39 -32.35 29.89
N PRO B 32 -2.99 -32.90 31.04
CA PRO B 32 -2.35 -32.06 32.05
C PRO B 32 -0.89 -31.83 31.68
N PHE B 33 -0.41 -30.62 31.99
CA PHE B 33 0.96 -30.26 31.66
C PHE B 33 1.37 -29.04 32.45
N ALA B 34 2.67 -28.81 32.51
CA ALA B 34 3.22 -27.60 33.09
C ALA B 34 4.17 -26.98 32.09
N VAL B 35 4.59 -25.75 32.37
CA VAL B 35 5.47 -24.99 31.51
C VAL B 35 6.64 -24.49 32.36
N VAL B 36 7.84 -24.60 31.82
CA VAL B 36 9.01 -23.99 32.43
C VAL B 36 9.67 -23.16 31.36
N ASP B 37 10.39 -22.13 31.79
CA ASP B 37 11.18 -21.33 30.87
C ASP B 37 12.38 -20.83 31.65
N THR B 38 13.49 -20.64 30.95
CA THR B 38 14.74 -20.23 31.61
C THR B 38 14.76 -18.75 31.92
N ARG B 39 14.07 -17.96 31.09
CA ARG B 39 14.00 -16.52 31.32
C ARG B 39 13.29 -16.23 32.63
N GLU B 40 13.66 -15.11 33.24
CA GLU B 40 12.99 -14.70 34.47
C GLU B 40 11.61 -14.11 34.19
N ASN B 41 11.44 -13.48 33.02
CA ASN B 41 10.15 -12.89 32.63
C ASN B 41 9.94 -13.11 31.14
N PRO B 42 9.50 -14.30 30.74
CA PRO B 42 9.19 -14.56 29.33
C PRO B 42 8.08 -13.67 28.82
N PRO B 43 8.21 -13.14 27.61
CA PRO B 43 7.17 -12.27 27.03
C PRO B 43 5.79 -12.90 27.03
N GLU B 44 5.70 -14.22 26.87
CA GLU B 44 4.41 -14.91 26.72
C GLU B 44 3.74 -15.18 28.05
N LEU B 45 4.32 -14.72 29.16
CA LEU B 45 3.76 -15.00 30.49
C LEU B 45 2.39 -14.37 30.67
N ALA B 46 2.20 -13.15 30.15
CA ALA B 46 0.90 -12.49 30.28
C ALA B 46 -0.17 -13.25 29.53
N THR B 47 0.14 -13.72 28.31
CA THR B 47 -0.82 -14.47 27.53
C THR B 47 -1.22 -15.77 28.23
N LEU B 48 -0.25 -16.46 28.82
CA LEU B 48 -0.55 -17.71 29.53
C LEU B 48 -1.48 -17.47 30.71
N ARG B 49 -1.20 -16.44 31.51
CA ARG B 49 -1.99 -16.19 32.71
C ARG B 49 -3.44 -15.85 32.38
N ALA B 50 -3.68 -15.26 31.20
CA ALA B 50 -5.04 -14.92 30.82
C ALA B 50 -5.77 -16.08 30.15
N GLN B 51 -5.17 -16.67 29.12
CA GLN B 51 -5.86 -17.72 28.38
C GLN B 51 -5.75 -19.10 29.04
N TYR B 52 -4.69 -19.36 29.81
CA TYR B 52 -4.52 -20.65 30.49
C TYR B 52 -4.17 -20.43 31.96
N PRO B 53 -5.12 -19.92 32.75
CA PRO B 53 -4.84 -19.60 34.15
C PRO B 53 -4.48 -20.83 34.97
N GLN B 54 -4.92 -22.02 34.56
CA GLN B 54 -4.72 -23.24 35.33
C GLN B 54 -3.37 -23.89 35.10
N VAL B 55 -2.54 -23.35 34.20
CA VAL B 55 -1.32 -24.01 33.82
C VAL B 55 -0.17 -23.50 34.67
N GLU B 56 0.54 -24.42 35.33
CA GLU B 56 1.71 -24.06 36.12
C GLU B 56 2.84 -23.60 35.21
N VAL B 57 3.47 -22.48 35.59
CA VAL B 57 4.59 -21.93 34.84
C VAL B 57 5.70 -21.60 35.84
N ARG B 58 6.90 -22.10 35.57
CA ARG B 58 8.07 -21.82 36.41
C ARG B 58 9.09 -21.06 35.58
N CYS B 59 9.48 -19.89 36.05
CA CYS B 59 10.43 -19.03 35.36
C CYS B 59 11.75 -19.00 36.14
N GLY B 60 12.86 -18.95 35.42
CA GLY B 60 14.17 -18.93 36.02
C GLY B 60 14.96 -20.18 35.70
N GLU B 61 16.03 -20.38 36.48
CA GLU B 61 16.88 -21.55 36.35
C GLU B 61 16.04 -22.82 36.44
N LEU B 62 16.25 -23.73 35.50
CA LEU B 62 15.42 -24.93 35.41
C LEU B 62 15.56 -25.79 36.66
N ASP B 63 14.43 -26.14 37.25
CA ASP B 63 14.41 -27.08 38.37
C ASP B 63 14.66 -28.47 37.82
N ALA B 64 15.90 -28.96 37.98
CA ALA B 64 16.25 -30.28 37.45
C ALA B 64 15.39 -31.38 38.08
N GLU B 65 15.14 -31.28 39.39
CA GLU B 65 14.28 -32.27 40.03
C GLU B 65 12.88 -32.24 39.44
N PHE B 66 12.36 -31.06 39.10
CA PHE B 66 11.04 -30.98 38.49
C PHE B 66 11.03 -31.59 37.10
N LEU B 67 12.06 -31.33 36.30
CA LEU B 67 12.12 -31.90 34.96
C LEU B 67 12.32 -33.40 35.00
N CYS B 68 13.11 -33.90 35.95
CA CYS B 68 13.37 -35.34 36.03
C CYS B 68 12.21 -36.13 36.63
N SER B 69 11.28 -35.45 37.31
CA SER B 69 10.09 -36.11 37.83
C SER B 69 8.98 -36.23 36.79
N ALA B 70 9.27 -35.86 35.55
CA ALA B 70 8.34 -35.96 34.44
C ALA B 70 8.67 -37.19 33.61
N ARG B 71 7.74 -37.53 32.71
CA ARG B 71 7.98 -38.57 31.72
C ARG B 71 8.26 -38.03 30.33
N GLU B 72 7.81 -36.82 30.01
CA GLU B 72 7.98 -36.26 28.67
C GLU B 72 8.29 -34.78 28.75
N LEU B 73 9.35 -34.35 28.08
CA LEU B 73 9.71 -32.94 27.97
C LEU B 73 9.65 -32.53 26.51
N TYR B 74 8.93 -31.45 26.22
CA TYR B 74 8.81 -30.90 24.88
C TYR B 74 9.71 -29.68 24.83
N VAL B 75 10.89 -29.85 24.26
CA VAL B 75 11.96 -28.88 24.39
C VAL B 75 11.92 -27.90 23.21
N SER B 76 11.89 -26.61 23.52
CA SER B 76 11.93 -25.57 22.52
C SER B 76 13.15 -25.74 21.60
N PRO B 77 13.02 -25.42 20.31
CA PRO B 77 14.14 -25.61 19.39
C PRO B 77 15.40 -24.86 19.81
N GLY B 78 15.26 -23.62 20.26
CA GLY B 78 16.42 -22.82 20.56
C GLY B 78 16.90 -22.98 21.98
N LEU B 79 16.75 -24.18 22.54
CA LEU B 79 17.29 -24.50 23.85
C LEU B 79 18.22 -25.69 23.68
N SER B 80 19.44 -25.54 24.17
CA SER B 80 20.44 -26.58 24.02
C SER B 80 20.04 -27.85 24.74
N LEU B 81 20.13 -28.98 24.04
CA LEU B 81 19.94 -30.25 24.73
C LEU B 81 21.12 -30.58 25.63
N ARG B 82 22.17 -29.75 25.61
CA ARG B 82 23.30 -29.87 26.54
C ARG B 82 23.05 -29.13 27.84
N THR B 83 21.89 -28.48 27.99
CA THR B 83 21.55 -27.83 29.24
C THR B 83 21.57 -28.87 30.35
N PRO B 84 22.29 -28.64 31.46
CA PRO B 84 22.53 -29.73 32.41
C PRO B 84 21.27 -30.40 32.92
N ALA B 85 20.19 -29.64 33.14
CA ALA B 85 18.95 -30.26 33.61
C ALA B 85 18.36 -31.20 32.56
N LEU B 86 18.46 -30.84 31.29
CA LEU B 86 17.99 -31.73 30.23
C LEU B 86 18.89 -32.95 30.09
N VAL B 87 20.21 -32.77 30.22
CA VAL B 87 21.11 -33.93 30.24
C VAL B 87 20.76 -34.83 31.40
N GLN B 88 20.48 -34.25 32.57
CA GLN B 88 20.11 -35.03 33.74
C GLN B 88 18.78 -35.74 33.52
N ALA B 89 17.79 -35.04 32.96
CA ALA B 89 16.50 -35.66 32.69
C ALA B 89 16.63 -36.79 31.67
N ALA B 90 17.39 -36.56 30.60
CA ALA B 90 17.59 -37.62 29.61
C ALA B 90 18.29 -38.82 30.22
N ALA B 91 19.25 -38.58 31.13
CA ALA B 91 19.93 -39.70 31.77
C ALA B 91 19.00 -40.47 32.71
N LYS B 92 17.98 -39.82 33.25
CA LYS B 92 17.06 -40.47 34.17
C LYS B 92 15.93 -41.23 33.47
N GLY B 93 15.84 -41.16 32.14
CA GLY B 93 14.82 -41.90 31.42
C GLY B 93 13.70 -41.08 30.79
N VAL B 94 13.69 -39.76 30.97
CA VAL B 94 12.65 -38.91 30.41
C VAL B 94 12.76 -38.87 28.89
N ARG B 95 11.62 -38.93 28.21
CA ARG B 95 11.62 -38.73 26.76
C ARG B 95 11.86 -37.26 26.46
N ILE B 96 12.90 -36.97 25.68
CA ILE B 96 13.20 -35.63 25.22
C ILE B 96 12.56 -35.46 23.85
N SER B 97 11.49 -34.68 23.80
CA SER B 97 10.67 -34.59 22.60
C SER B 97 10.61 -33.15 22.12
N GLY B 98 9.66 -32.86 21.24
CA GLY B 98 9.51 -31.52 20.73
C GLY B 98 8.20 -31.47 19.97
N ASP B 99 7.91 -30.30 19.41
CA ASP B 99 6.60 -30.13 18.80
C ASP B 99 6.44 -30.99 17.56
N ILE B 100 7.47 -31.10 16.73
CA ILE B 100 7.32 -31.91 15.52
C ILE B 100 7.24 -33.40 15.89
N ASP B 101 8.04 -33.82 16.87
CA ASP B 101 7.96 -35.19 17.35
C ASP B 101 6.55 -35.52 17.84
N LEU B 102 5.94 -34.62 18.60
CA LEU B 102 4.57 -34.87 19.05
C LEU B 102 3.60 -34.87 17.87
N PHE B 103 3.74 -33.93 16.95
CA PHE B 103 2.88 -33.92 15.77
C PHE B 103 2.93 -35.26 15.05
N ALA B 104 4.13 -35.80 14.85
CA ALA B 104 4.29 -37.04 14.10
C ALA B 104 3.56 -38.20 14.78
N ARG B 105 3.50 -38.20 16.10
CA ARG B 105 2.84 -39.28 16.83
C ARG B 105 1.34 -39.09 16.92
N GLU B 106 0.87 -37.85 16.81
CA GLU B 106 -0.55 -37.53 16.94
C GLU B 106 -1.27 -37.50 15.59
N ALA B 107 -0.54 -37.26 14.50
CA ALA B 107 -1.19 -37.12 13.21
C ALA B 107 -1.88 -38.43 12.81
N LYS B 108 -3.13 -38.33 12.35
CA LYS B 108 -3.91 -39.50 11.95
C LYS B 108 -4.23 -39.47 10.45
N ALA B 109 -3.45 -38.74 9.67
CA ALA B 109 -3.63 -38.69 8.23
C ALA B 109 -2.26 -38.64 7.60
N PRO B 110 -2.13 -39.06 6.33
CA PRO B 110 -0.81 -39.07 5.69
C PRO B 110 -0.18 -37.69 5.66
N ILE B 111 1.14 -37.67 5.80
CA ILE B 111 1.93 -36.44 5.80
C ILE B 111 2.77 -36.38 4.54
N VAL B 112 2.65 -35.29 3.80
CA VAL B 112 3.63 -34.88 2.78
C VAL B 112 4.66 -33.99 3.47
N ALA B 113 5.92 -34.41 3.46
CA ALA B 113 6.96 -33.73 4.23
C ALA B 113 7.99 -33.16 3.26
N ILE B 114 8.25 -31.86 3.36
CA ILE B 114 9.06 -31.16 2.37
C ILE B 114 10.17 -30.41 3.08
N THR B 115 11.42 -30.69 2.69
CA THR B 115 12.50 -29.79 3.08
C THR B 115 13.40 -29.58 1.86
N GLY B 116 14.53 -28.95 2.09
CA GLY B 116 15.48 -28.60 1.04
C GLY B 116 16.08 -27.24 1.35
N SER B 117 17.19 -26.93 0.67
CA SER B 117 17.84 -25.66 0.91
C SER B 117 16.97 -24.50 0.42
N ASN B 118 16.30 -24.68 -0.71
CA ASN B 118 15.51 -23.63 -1.33
C ASN B 118 14.28 -24.29 -1.93
N ALA B 119 13.31 -23.47 -2.31
CA ALA B 119 12.07 -23.87 -2.99
C ALA B 119 11.07 -24.53 -2.04
N LYS B 120 11.31 -24.57 -0.74
CA LYS B 120 10.39 -25.27 0.15
C LYS B 120 8.99 -24.63 0.13
N SER B 121 8.93 -23.31 0.33
CA SER B 121 7.63 -22.66 0.41
C SER B 121 6.94 -22.64 -0.95
N THR B 122 7.69 -22.49 -2.04
CA THR B 122 7.07 -22.60 -3.36
C THR B 122 6.40 -23.96 -3.53
N VAL B 123 7.14 -25.04 -3.30
CA VAL B 123 6.59 -26.37 -3.54
C VAL B 123 5.50 -26.69 -2.52
N THR B 124 5.69 -26.31 -1.26
CA THR B 124 4.68 -26.58 -0.22
C THR B 124 3.35 -25.93 -0.55
N THR B 125 3.38 -24.64 -0.89
CA THR B 125 2.17 -23.91 -1.22
C THR B 125 1.44 -24.53 -2.41
N LEU B 126 2.19 -24.90 -3.43
CA LEU B 126 1.60 -25.49 -4.62
C LEU B 126 0.94 -26.83 -4.29
N VAL B 127 1.65 -27.70 -3.55
CA VAL B 127 1.03 -28.98 -3.18
C VAL B 127 -0.25 -28.75 -2.41
N GLY B 128 -0.25 -27.78 -1.50
CA GLY B 128 -1.46 -27.42 -0.80
C GLY B 128 -2.59 -27.03 -1.75
N GLU B 129 -2.28 -26.22 -2.75
CA GLU B 129 -3.32 -25.83 -3.69
C GLU B 129 -3.78 -27.00 -4.55
N MET B 130 -2.87 -27.92 -4.89
CA MET B 130 -3.29 -29.14 -5.58
C MET B 130 -4.26 -29.94 -4.73
N ALA B 131 -3.94 -30.07 -3.44
CA ALA B 131 -4.80 -30.84 -2.55
C ALA B 131 -6.18 -30.19 -2.43
N VAL B 132 -6.21 -28.87 -2.28
CA VAL B 132 -7.50 -28.17 -2.20
C VAL B 132 -8.28 -28.38 -3.48
N ALA B 133 -7.61 -28.27 -4.64
CA ALA B 133 -8.27 -28.49 -5.92
C ALA B 133 -8.80 -29.92 -6.05
N ALA B 134 -8.15 -30.86 -5.39
CA ALA B 134 -8.59 -32.25 -5.39
C ALA B 134 -9.67 -32.51 -4.35
N ASP B 135 -10.20 -31.47 -3.72
CA ASP B 135 -11.28 -31.57 -2.74
C ASP B 135 -10.83 -32.30 -1.48
N LYS B 136 -9.54 -32.24 -1.16
CA LYS B 136 -9.03 -32.78 0.09
C LYS B 136 -9.24 -31.82 1.24
N ARG B 137 -9.53 -32.37 2.42
CA ARG B 137 -9.41 -31.62 3.68
C ARG B 137 -7.94 -31.65 4.08
N VAL B 138 -7.21 -30.61 3.68
CA VAL B 138 -5.76 -30.55 3.82
C VAL B 138 -5.38 -29.48 4.84
N ALA B 139 -4.28 -29.71 5.55
CA ALA B 139 -3.72 -28.71 6.45
C ALA B 139 -2.25 -28.53 6.10
N VAL B 140 -1.83 -27.27 5.94
CA VAL B 140 -0.51 -26.91 5.43
C VAL B 140 0.18 -26.00 6.45
N GLY B 141 1.42 -26.33 6.78
CA GLY B 141 2.16 -25.50 7.72
C GLY B 141 3.57 -26.02 7.90
N GLY B 142 4.16 -25.65 9.03
CA GLY B 142 5.52 -26.02 9.37
C GLY B 142 6.49 -24.88 9.12
N ASN B 143 7.74 -25.11 9.51
CA ASN B 143 8.85 -24.17 9.30
C ASN B 143 8.46 -22.78 9.79
N LEU B 144 8.42 -21.82 8.87
CA LEU B 144 8.10 -20.45 9.26
C LEU B 144 6.60 -20.14 9.27
N GLY B 145 5.77 -21.05 8.78
CA GLY B 145 4.34 -20.88 8.76
C GLY B 145 3.65 -21.36 10.03
N THR B 146 2.46 -21.89 9.86
CA THR B 146 1.66 -22.38 10.98
C THR B 146 2.40 -23.47 11.74
N PRO B 147 2.50 -23.39 13.07
CA PRO B 147 3.09 -24.48 13.84
C PRO B 147 2.38 -25.80 13.54
N ALA B 148 3.17 -26.86 13.37
CA ALA B 148 2.61 -28.16 12.98
C ALA B 148 1.46 -28.59 13.90
N LEU B 149 1.61 -28.40 15.20
CA LEU B 149 0.57 -28.87 16.13
C LEU B 149 -0.75 -28.15 15.92
N ASP B 150 -0.71 -26.89 15.47
CA ASP B 150 -1.94 -26.18 15.17
C ASP B 150 -2.71 -26.77 14.00
N LEU B 151 -2.07 -27.60 13.17
CA LEU B 151 -2.73 -28.21 12.02
C LEU B 151 -3.60 -29.39 12.38
N LEU B 152 -3.34 -30.02 13.53
CA LEU B 152 -3.96 -31.30 13.88
C LEU B 152 -5.47 -31.17 14.06
N ALA B 153 -6.22 -32.04 13.37
CA ALA B 153 -7.67 -32.19 13.57
C ALA B 153 -8.08 -33.54 12.99
N ASP B 154 -9.12 -34.14 13.59
CA ASP B 154 -9.48 -35.50 13.18
C ASP B 154 -9.99 -35.56 11.75
N ASP B 155 -10.58 -34.47 11.25
CA ASP B 155 -11.14 -34.50 9.91
C ASP B 155 -10.11 -34.25 8.81
N ILE B 156 -8.85 -33.97 9.16
CA ILE B 156 -7.86 -33.70 8.13
C ILE B 156 -7.57 -34.98 7.36
N GLU B 157 -7.58 -34.89 6.03
CA GLU B 157 -7.25 -36.03 5.18
C GLU B 157 -5.81 -36.03 4.70
N LEU B 158 -5.13 -34.89 4.79
CA LEU B 158 -3.78 -34.77 4.28
C LEU B 158 -3.07 -33.63 4.99
N TYR B 159 -1.88 -33.88 5.50
CA TYR B 159 -1.02 -32.85 6.04
C TYR B 159 0.09 -32.58 5.05
N VAL B 160 0.35 -31.30 4.80
CA VAL B 160 1.48 -30.88 3.98
C VAL B 160 2.38 -30.09 4.91
N LEU B 161 3.55 -30.63 5.22
CA LEU B 161 4.41 -30.09 6.27
C LEU B 161 5.76 -29.72 5.68
N GLU B 162 6.08 -28.43 5.73
CA GLU B 162 7.40 -27.94 5.38
C GLU B 162 8.26 -27.87 6.63
N LEU B 163 9.50 -28.36 6.55
CA LEU B 163 10.38 -28.46 7.71
C LEU B 163 11.75 -27.89 7.38
N SER B 164 12.36 -27.19 8.32
CA SER B 164 13.75 -26.82 8.19
C SER B 164 14.61 -27.94 8.79
N SER B 165 15.91 -27.91 8.52
CA SER B 165 16.81 -28.89 9.12
C SER B 165 16.70 -28.93 10.64
N PHE B 166 16.63 -27.75 11.27
CA PHE B 166 16.61 -27.67 12.74
C PHE B 166 15.42 -28.40 13.34
N GLN B 167 14.25 -28.28 12.73
CA GLN B 167 13.04 -28.85 13.29
C GLN B 167 13.05 -30.38 13.37
N LEU B 168 13.90 -31.05 12.60
CA LEU B 168 13.89 -32.50 12.59
C LEU B 168 14.64 -33.14 13.76
N GLU B 169 15.37 -32.34 14.57
CA GLU B 169 16.34 -32.91 15.49
C GLU B 169 15.72 -33.77 16.58
N THR B 170 14.61 -33.35 17.19
CA THR B 170 13.99 -34.15 18.24
C THR B 170 12.83 -34.99 17.71
N CYS B 171 12.63 -35.00 16.40
CA CYS B 171 11.62 -35.83 15.77
C CYS B 171 12.27 -37.18 15.48
N ASP B 172 11.86 -38.20 16.23
CA ASP B 172 12.53 -39.48 16.12
C ASP B 172 12.15 -40.19 14.83
N ARG B 173 10.88 -40.16 14.47
CA ARG B 173 10.39 -40.88 13.28
C ARG B 173 9.18 -40.14 12.75
N LEU B 174 9.40 -39.28 11.75
CA LEU B 174 8.30 -38.50 11.23
C LEU B 174 7.23 -39.38 10.61
N ASN B 175 7.62 -40.53 10.03
CA ASN B 175 6.67 -41.47 9.42
C ASN B 175 5.83 -40.80 8.34
N ALA B 176 6.50 -40.04 7.47
CA ALA B 176 5.80 -39.37 6.39
C ALA B 176 5.27 -40.38 5.39
N GLU B 177 4.14 -40.04 4.77
CA GLU B 177 3.67 -40.85 3.66
C GLU B 177 4.59 -40.68 2.45
N VAL B 178 5.04 -39.46 2.18
CA VAL B 178 6.03 -39.18 1.15
C VAL B 178 6.88 -38.02 1.63
N ALA B 179 8.19 -38.13 1.41
CA ALA B 179 9.14 -37.13 1.88
C ALA B 179 10.09 -36.75 0.76
N THR B 180 10.56 -35.50 0.79
CA THR B 180 11.50 -35.03 -0.20
C THR B 180 12.47 -34.04 0.43
N VAL B 181 13.73 -34.13 -0.01
CA VAL B 181 14.70 -33.05 0.13
C VAL B 181 14.82 -32.46 -1.26
N LEU B 182 14.28 -31.26 -1.49
CA LEU B 182 14.12 -30.80 -2.86
C LEU B 182 15.48 -30.55 -3.52
N ASN B 183 16.44 -30.07 -2.75
CA ASN B 183 17.75 -29.67 -3.25
C ASN B 183 18.61 -29.41 -2.03
N VAL B 184 19.92 -29.42 -2.26
CA VAL B 184 20.92 -29.19 -1.24
C VAL B 184 21.95 -28.21 -1.80
N SER B 185 22.11 -27.07 -1.13
CA SER B 185 23.19 -26.14 -1.42
C SER B 185 23.64 -25.53 -0.09
N GLU B 186 24.90 -25.13 -0.02
CA GLU B 186 25.44 -24.60 1.22
C GLU B 186 24.75 -23.29 1.61
N ASP B 187 24.25 -23.22 2.85
CA ASP B 187 23.63 -22.04 3.42
C ASP B 187 24.46 -21.53 4.60
N HIS B 188 24.12 -20.33 5.08
CA HIS B 188 24.85 -19.75 6.20
C HIS B 188 24.70 -20.60 7.46
N MET B 189 23.51 -21.17 7.67
CA MET B 189 23.26 -22.05 8.81
C MET B 189 23.96 -23.40 8.61
N MET B 195 29.31 -28.48 9.65
CA MET B 195 29.34 -29.91 9.37
C MET B 195 29.32 -30.19 7.86
N ALA B 196 30.23 -31.04 7.40
CA ALA B 196 30.37 -31.30 5.96
C ALA B 196 29.24 -32.16 5.40
N ASP B 197 28.59 -32.96 6.23
CA ASP B 197 27.45 -33.76 5.79
C ASP B 197 26.13 -33.08 6.12
N TYR B 198 26.07 -31.75 5.91
CA TYR B 198 24.89 -30.97 6.27
C TYR B 198 23.62 -31.51 5.62
N HIS B 199 23.75 -32.17 4.46
CA HIS B 199 22.55 -32.72 3.85
C HIS B 199 21.97 -33.85 4.69
N LEU B 200 22.77 -34.49 5.54
CA LEU B 200 22.27 -35.59 6.36
C LEU B 200 21.24 -35.11 7.38
N ALA B 201 21.38 -33.88 7.90
CA ALA B 201 20.36 -33.34 8.79
C ALA B 201 19.01 -33.27 8.09
N LYS B 202 19.00 -32.78 6.85
CA LYS B 202 17.78 -32.77 6.06
C LYS B 202 17.23 -34.17 5.84
N HIS B 203 18.10 -35.17 5.71
CA HIS B 203 17.68 -36.55 5.45
C HIS B 203 16.98 -37.19 6.64
N ARG B 204 16.95 -36.53 7.81
CA ARG B 204 16.13 -37.05 8.89
C ARG B 204 14.65 -37.01 8.53
N ILE B 205 14.28 -36.26 7.49
CA ILE B 205 12.90 -36.23 7.03
C ILE B 205 12.48 -37.60 6.51
N PHE B 206 13.43 -38.46 6.19
CA PHE B 206 13.14 -39.79 5.65
C PHE B 206 12.93 -40.87 6.71
N ARG B 207 13.11 -40.56 7.99
CA ARG B 207 12.98 -41.62 8.99
C ARG B 207 11.52 -42.08 9.07
N GLY B 208 11.28 -43.34 8.72
CA GLY B 208 9.94 -43.89 8.62
C GLY B 208 9.17 -43.53 7.35
N ALA B 209 9.78 -42.82 6.41
CA ALA B 209 9.03 -42.39 5.24
C ALA B 209 8.58 -43.60 4.42
N ARG B 210 7.34 -43.58 3.96
CA ARG B 210 6.85 -44.73 3.22
C ARG B 210 7.05 -44.60 1.70
N GLN B 211 7.36 -43.40 1.23
CA GLN B 211 7.65 -43.10 -0.17
C GLN B 211 8.60 -41.91 -0.19
N VAL B 212 9.35 -41.76 -1.30
CA VAL B 212 10.22 -40.59 -1.41
C VAL B 212 10.08 -39.99 -2.80
N VAL B 213 10.39 -38.70 -2.89
CA VAL B 213 10.47 -37.96 -4.16
C VAL B 213 11.87 -37.36 -4.22
N VAL B 214 12.62 -37.70 -5.28
CA VAL B 214 14.01 -37.29 -5.39
C VAL B 214 14.18 -36.41 -6.63
N ASN B 215 15.24 -35.61 -6.59
CA ASN B 215 15.60 -34.64 -7.64
C ASN B 215 16.69 -35.28 -8.50
N ARG B 216 16.36 -35.60 -9.76
CA ARG B 216 17.37 -36.22 -10.62
C ARG B 216 18.59 -35.34 -10.82
N ALA B 217 18.46 -34.03 -10.64
CA ALA B 217 19.57 -33.12 -10.89
C ALA B 217 20.43 -32.91 -9.66
N ASP B 218 20.10 -33.55 -8.53
CA ASP B 218 20.80 -33.29 -7.28
C ASP B 218 20.98 -34.61 -6.55
N ALA B 219 22.17 -35.19 -6.67
CA ALA B 219 22.46 -36.50 -6.09
C ALA B 219 22.36 -36.50 -4.57
N LEU B 220 22.48 -35.34 -3.91
CA LEU B 220 22.33 -35.29 -2.46
C LEU B 220 20.89 -35.36 -1.99
N THR B 221 19.92 -35.42 -2.89
CA THR B 221 18.53 -35.56 -2.47
C THR B 221 18.08 -37.02 -2.35
N ARG B 222 18.92 -37.98 -2.69
CA ARG B 222 18.51 -39.38 -2.73
C ARG B 222 18.86 -40.11 -1.45
N PRO B 223 17.90 -40.56 -0.66
CA PRO B 223 18.23 -41.26 0.59
C PRO B 223 18.48 -42.75 0.38
N LEU B 224 19.07 -43.35 1.41
CA LEU B 224 19.33 -44.79 1.36
C LEU B 224 18.04 -45.57 1.15
N ILE B 225 16.94 -45.12 1.75
CA ILE B 225 15.69 -45.87 1.64
C ILE B 225 15.07 -45.79 0.26
N ALA B 226 15.60 -44.95 -0.62
CA ALA B 226 15.12 -44.91 -1.99
C ALA B 226 15.33 -46.25 -2.69
N ASP B 227 16.16 -47.14 -2.13
CA ASP B 227 16.30 -48.47 -2.69
C ASP B 227 15.16 -49.40 -2.28
N THR B 228 14.38 -49.03 -1.26
CA THR B 228 13.45 -49.98 -0.66
C THR B 228 12.03 -49.49 -0.42
N VAL B 229 11.68 -48.27 -0.79
CA VAL B 229 10.30 -47.79 -0.76
C VAL B 229 10.02 -47.15 -2.11
N PRO B 230 8.74 -46.91 -2.44
CA PRO B 230 8.43 -46.26 -3.73
C PRO B 230 9.21 -44.96 -3.89
N CYS B 231 9.90 -44.84 -5.02
CA CYS B 231 10.80 -43.70 -5.28
C CYS B 231 10.37 -43.02 -6.56
N TRP B 232 9.87 -41.79 -6.44
CA TRP B 232 9.50 -40.94 -7.58
C TRP B 232 10.58 -39.89 -7.80
N SER B 233 10.73 -39.44 -9.04
CA SER B 233 11.74 -38.43 -9.29
C SER B 233 11.16 -37.28 -10.12
N PHE B 234 11.81 -36.13 -9.97
CA PHE B 234 11.56 -34.99 -10.83
C PHE B 234 12.89 -34.50 -11.38
N GLY B 235 12.81 -33.82 -12.52
CA GLY B 235 14.00 -33.28 -13.14
C GLY B 235 13.61 -32.56 -14.39
N LEU B 236 14.61 -31.95 -15.03
CA LEU B 236 14.35 -31.14 -16.20
C LEU B 236 14.60 -31.88 -17.50
N ASN B 237 15.13 -33.09 -17.46
CA ASN B 237 15.34 -33.87 -18.68
C ASN B 237 14.13 -34.77 -18.93
N LYS B 238 14.17 -35.51 -20.03
CA LYS B 238 13.07 -36.38 -20.41
C LYS B 238 12.91 -37.48 -19.36
N PRO B 239 11.72 -37.68 -18.81
CA PRO B 239 11.55 -38.66 -17.73
C PRO B 239 11.37 -40.09 -18.24
N ASP B 240 11.81 -41.04 -17.42
CA ASP B 240 11.61 -42.48 -17.57
C ASP B 240 10.42 -42.92 -16.69
N PHE B 241 10.36 -44.20 -16.34
CA PHE B 241 9.25 -44.68 -15.51
C PHE B 241 9.34 -44.09 -14.11
N LYS B 242 8.16 -43.79 -13.54
CA LYS B 242 8.03 -43.20 -12.20
C LYS B 242 8.73 -41.85 -12.10
N ALA B 243 8.82 -41.13 -13.21
CA ALA B 243 9.56 -39.89 -13.25
C ALA B 243 8.73 -38.78 -13.90
N PHE B 244 8.90 -37.58 -13.39
CA PHE B 244 8.33 -36.36 -13.94
C PHE B 244 9.46 -35.55 -14.58
N GLY B 245 9.18 -34.96 -15.73
CA GLY B 245 10.22 -34.20 -16.39
C GLY B 245 9.65 -33.32 -17.46
N LEU B 246 10.51 -32.92 -18.38
CA LEU B 246 10.13 -32.11 -19.52
C LEU B 246 10.28 -32.92 -20.79
N ILE B 247 9.27 -32.82 -21.66
CA ILE B 247 9.32 -33.30 -23.04
C ILE B 247 9.35 -32.08 -23.95
N GLU B 248 10.31 -32.06 -24.88
CA GLU B 248 10.48 -31.01 -25.87
C GLU B 248 10.11 -31.56 -27.23
N GLU B 249 9.23 -30.87 -27.96
CA GLU B 249 8.76 -31.38 -29.25
C GLU B 249 8.67 -30.32 -30.35
N ASP B 250 7.72 -29.40 -30.24
CA ASP B 250 7.55 -28.33 -31.25
C ASP B 250 8.41 -27.12 -30.95
N GLY B 251 9.64 -27.33 -30.48
CA GLY B 251 10.40 -26.23 -29.92
C GLY B 251 9.71 -25.77 -28.65
N GLN B 252 8.75 -26.58 -28.18
CA GLN B 252 7.90 -26.30 -27.05
C GLN B 252 8.16 -27.34 -25.97
N LYS B 253 8.13 -26.90 -24.71
CA LYS B 253 8.34 -27.76 -23.57
C LYS B 253 7.03 -28.07 -22.85
N TRP B 254 6.89 -29.33 -22.44
CA TRP B 254 5.72 -29.80 -21.70
C TRP B 254 6.19 -30.40 -20.39
N LEU B 255 5.51 -30.06 -19.30
CA LEU B 255 5.59 -30.89 -18.11
C LEU B 255 5.10 -32.29 -18.48
N ALA B 256 5.74 -33.31 -17.94
CA ALA B 256 5.48 -34.66 -18.39
C ALA B 256 5.61 -35.64 -17.23
N PHE B 257 4.81 -36.70 -17.28
CA PHE B 257 4.95 -37.84 -16.40
C PHE B 257 5.20 -39.06 -17.28
N GLN B 258 6.36 -39.68 -17.11
CA GLN B 258 6.74 -40.79 -17.98
C GLN B 258 6.62 -40.37 -19.46
N PHE B 259 5.79 -41.04 -20.25
CA PHE B 259 5.69 -40.68 -21.66
C PHE B 259 4.53 -39.73 -21.96
N ASP B 260 3.82 -39.26 -20.94
CA ASP B 260 2.61 -38.48 -21.13
C ASP B 260 2.89 -36.99 -20.96
N LYS B 261 2.71 -36.23 -22.04
CA LYS B 261 2.72 -34.77 -21.93
C LYS B 261 1.55 -34.35 -21.05
N LEU B 262 1.85 -33.51 -20.05
CA LEU B 262 0.81 -33.06 -19.14
C LEU B 262 0.33 -31.65 -19.47
N LEU B 263 1.27 -30.72 -19.64
CA LEU B 263 0.94 -29.31 -19.72
C LEU B 263 2.08 -28.57 -20.42
N PRO B 264 1.81 -27.72 -21.41
CA PRO B 264 2.89 -26.87 -21.93
C PRO B 264 3.29 -25.87 -20.86
N VAL B 265 4.61 -25.67 -20.74
CA VAL B 265 5.10 -24.79 -19.68
C VAL B 265 4.57 -23.38 -19.89
N GLY B 266 4.21 -23.01 -21.12
CA GLY B 266 3.66 -21.70 -21.39
C GLY B 266 2.33 -21.44 -20.72
N GLU B 267 1.62 -22.49 -20.27
CA GLU B 267 0.35 -22.32 -19.57
C GLU B 267 0.54 -22.16 -18.08
N LEU B 268 1.75 -22.25 -17.57
CA LEU B 268 2.04 -21.88 -16.20
C LEU B 268 2.10 -20.37 -16.05
N LYS B 269 1.82 -19.91 -14.84
CA LYS B 269 1.94 -18.49 -14.49
C LYS B 269 3.21 -18.21 -13.70
N ILE B 270 4.06 -19.21 -13.49
CA ILE B 270 5.39 -19.02 -12.93
C ILE B 270 6.41 -19.20 -14.06
N ARG B 271 7.54 -18.52 -13.96
CA ARG B 271 8.53 -18.52 -15.02
CA ARG B 271 8.53 -18.52 -15.02
CA ARG B 271 8.55 -18.45 -15.00
C ARG B 271 9.86 -19.08 -14.52
N GLY B 272 10.67 -19.55 -15.47
CA GLY B 272 11.99 -20.10 -15.17
C GLY B 272 12.01 -21.62 -15.03
N ALA B 273 13.03 -22.26 -15.60
CA ALA B 273 13.10 -23.72 -15.54
C ALA B 273 13.20 -24.23 -14.11
N HIS B 274 13.75 -23.43 -13.20
CA HIS B 274 13.76 -23.84 -11.79
C HIS B 274 12.34 -23.93 -11.25
N ASN B 275 11.48 -23.01 -11.69
CA ASN B 275 10.08 -23.13 -11.29
C ASN B 275 9.38 -24.26 -12.01
N TYR B 276 9.85 -24.62 -13.22
CA TYR B 276 9.32 -25.83 -13.84
C TYR B 276 9.72 -27.07 -13.04
N SER B 277 10.95 -27.11 -12.55
CA SER B 277 11.36 -28.17 -11.66
C SER B 277 10.50 -28.20 -10.41
N ASN B 278 10.18 -27.02 -9.86
CA ASN B 278 9.32 -26.97 -8.67
C ASN B 278 7.92 -27.51 -8.98
N ALA B 279 7.40 -27.19 -10.16
CA ALA B 279 6.09 -27.72 -10.56
C ALA B 279 6.12 -29.24 -10.65
N LEU B 280 7.22 -29.81 -11.17
CA LEU B 280 7.33 -31.26 -11.31
C LEU B 280 7.49 -31.94 -9.96
N ALA B 281 8.22 -31.31 -9.04
CA ALA B 281 8.31 -31.84 -7.68
C ALA B 281 6.94 -31.88 -7.03
N ALA B 282 6.16 -30.81 -7.19
CA ALA B 282 4.83 -30.78 -6.60
C ALA B 282 3.95 -31.86 -7.20
N LEU B 283 4.01 -32.04 -8.53
CA LEU B 283 3.24 -33.11 -9.16
C LEU B 283 3.64 -34.48 -8.61
N ALA B 284 4.94 -34.70 -8.43
CA ALA B 284 5.39 -35.98 -7.89
C ALA B 284 4.87 -36.19 -6.46
N LEU B 285 4.93 -35.15 -5.63
CA LEU B 285 4.41 -35.27 -4.27
C LEU B 285 2.91 -35.53 -4.28
N GLY B 286 2.17 -34.78 -5.10
CA GLY B 286 0.73 -35.02 -5.17
C GLY B 286 0.38 -36.39 -5.72
N HIS B 287 1.09 -36.82 -6.77
CA HIS B 287 0.85 -38.14 -7.32
C HIS B 287 1.06 -39.24 -6.28
N ALA B 288 2.10 -39.09 -5.45
CA ALA B 288 2.38 -40.11 -4.45
C ALA B 288 1.24 -40.28 -3.46
N VAL B 289 0.49 -39.21 -3.16
CA VAL B 289 -0.64 -39.35 -2.23
C VAL B 289 -1.96 -39.45 -2.98
N GLY B 290 -1.93 -39.73 -4.28
CA GLY B 290 -3.14 -40.07 -5.01
C GLY B 290 -3.95 -38.89 -5.52
N LEU B 291 -3.41 -37.67 -5.51
CA LEU B 291 -4.12 -36.54 -6.11
C LEU B 291 -4.28 -36.76 -7.61
N PRO B 292 -5.48 -36.65 -8.17
CA PRO B 292 -5.65 -36.88 -9.60
C PRO B 292 -5.01 -35.78 -10.43
N PHE B 293 -4.59 -36.14 -11.64
CA PHE B 293 -3.82 -35.18 -12.44
C PHE B 293 -4.66 -33.97 -12.83
N ASP B 294 -5.94 -34.16 -13.16
CA ASP B 294 -6.73 -33.01 -13.58
C ASP B 294 -6.80 -31.96 -12.48
N ALA B 295 -6.96 -32.39 -11.22
CA ALA B 295 -6.96 -31.44 -10.13
C ALA B 295 -5.60 -30.77 -9.99
N MET B 296 -4.52 -31.56 -10.04
CA MET B 296 -3.19 -31.00 -9.88
C MET B 296 -2.89 -30.00 -11.00
N LEU B 297 -3.30 -30.34 -12.23
CA LEU B 297 -3.01 -29.47 -13.36
C LEU B 297 -3.82 -28.17 -13.30
N GLY B 298 -5.07 -28.25 -12.85
CA GLY B 298 -5.83 -27.02 -12.67
C GLY B 298 -5.17 -26.09 -11.68
N ALA B 299 -4.69 -26.63 -10.55
CA ALA B 299 -3.99 -25.81 -9.56
C ALA B 299 -2.71 -25.22 -10.14
N LEU B 300 -1.98 -26.00 -10.93
CA LEU B 300 -0.76 -25.50 -11.55
C LEU B 300 -1.03 -24.31 -12.45
N LYS B 301 -2.09 -24.38 -13.26
CA LYS B 301 -2.41 -23.27 -14.16
C LYS B 301 -2.77 -22.01 -13.39
N ALA B 302 -3.32 -22.15 -12.19
CA ALA B 302 -3.76 -20.98 -11.42
C ALA B 302 -2.70 -20.45 -10.48
N PHE B 303 -1.59 -21.17 -10.29
CA PHE B 303 -0.58 -20.80 -9.30
C PHE B 303 0.34 -19.73 -9.88
N SER B 304 0.41 -18.57 -9.23
CA SER B 304 1.22 -17.47 -9.75
C SER B 304 2.51 -17.25 -8.97
N GLY B 305 2.85 -18.09 -7.99
CA GLY B 305 4.08 -17.95 -7.25
C GLY B 305 3.97 -17.05 -6.03
N LEU B 306 5.00 -17.10 -5.20
CA LEU B 306 5.06 -16.32 -3.98
C LEU B 306 5.81 -15.01 -4.22
N ALA B 307 5.61 -14.06 -3.31
CA ALA B 307 6.19 -12.73 -3.49
C ALA B 307 7.71 -12.81 -3.50
N HIS B 308 8.33 -12.16 -4.50
CA HIS B 308 9.78 -12.05 -4.64
C HIS B 308 10.44 -13.39 -4.96
N ARG B 309 9.67 -14.36 -5.44
CA ARG B 309 10.19 -15.58 -6.05
C ARG B 309 10.05 -15.41 -7.56
N CYS B 310 11.10 -14.89 -8.19
CA CYS B 310 11.17 -14.64 -9.63
C CYS B 310 9.84 -14.09 -10.20
N GLN B 311 9.40 -12.97 -9.63
CA GLN B 311 8.10 -12.39 -9.97
C GLN B 311 8.25 -11.34 -11.05
N TRP B 312 7.47 -11.49 -12.12
CA TRP B 312 7.42 -10.52 -13.21
C TRP B 312 6.94 -9.17 -12.71
N VAL B 313 7.64 -8.09 -13.07
CA VAL B 313 7.30 -6.74 -12.66
C VAL B 313 6.76 -5.91 -13.81
N ARG B 314 7.39 -6.01 -14.98
CA ARG B 314 7.11 -5.09 -16.06
C ARG B 314 7.79 -5.59 -17.33
N GLU B 315 7.23 -5.23 -18.47
CA GLU B 315 7.91 -5.36 -19.77
C GLU B 315 8.02 -3.97 -20.39
N ARG B 316 9.24 -3.54 -20.67
CA ARG B 316 9.48 -2.19 -21.16
C ARG B 316 10.46 -2.25 -22.31
N GLN B 317 10.03 -1.81 -23.50
CA GLN B 317 10.87 -1.80 -24.70
C GLN B 317 11.44 -3.18 -25.00
N GLY B 318 10.59 -4.21 -24.87
CA GLY B 318 10.98 -5.57 -25.16
C GLY B 318 11.81 -6.25 -24.09
N VAL B 319 12.00 -5.64 -22.94
CA VAL B 319 12.81 -6.20 -21.87
C VAL B 319 11.90 -6.51 -20.69
N SER B 320 11.99 -7.74 -20.20
CA SER B 320 11.23 -8.17 -19.03
C SER B 320 12.02 -7.93 -17.75
N TYR B 321 11.31 -7.59 -16.69
CA TYR B 321 11.91 -7.32 -15.39
C TYR B 321 11.34 -8.31 -14.39
N TYR B 322 12.24 -8.99 -13.66
CA TYR B 322 11.86 -10.04 -12.72
C TYR B 322 12.46 -9.78 -11.35
N ASP B 323 11.62 -9.86 -10.32
CA ASP B 323 12.01 -9.68 -8.92
C ASP B 323 12.20 -11.06 -8.28
N ASP B 324 13.46 -11.46 -8.08
CA ASP B 324 13.78 -12.68 -7.35
C ASP B 324 14.59 -12.32 -6.10
N SER B 325 14.14 -11.29 -5.38
CA SER B 325 14.85 -10.81 -4.21
C SER B 325 15.03 -11.89 -3.14
N LYS B 326 14.16 -12.92 -3.12
CA LYS B 326 14.33 -13.97 -2.10
C LYS B 326 15.50 -14.91 -2.41
N ALA B 327 16.24 -14.68 -3.49
CA ALA B 327 17.51 -15.39 -3.72
C ALA B 327 18.57 -14.82 -2.79
N THR B 328 18.55 -15.26 -1.53
CA THR B 328 19.46 -14.76 -0.51
C THR B 328 20.68 -15.64 -0.32
N ASN B 329 20.89 -16.63 -1.18
CA ASN B 329 22.07 -17.46 -1.08
C ASN B 329 22.50 -17.84 -2.49
N VAL B 330 23.71 -18.40 -2.60
CA VAL B 330 24.28 -18.64 -3.92
C VAL B 330 23.51 -19.75 -4.65
N GLY B 331 23.13 -20.83 -3.95
CA GLY B 331 22.39 -21.89 -4.64
C GLY B 331 21.10 -21.38 -5.26
N ALA B 332 20.41 -20.49 -4.55
CA ALA B 332 19.14 -19.94 -5.04
C ALA B 332 19.36 -19.12 -6.29
N ALA B 333 20.32 -18.18 -6.24
CA ALA B 333 20.60 -17.35 -7.40
C ALA B 333 21.06 -18.18 -8.60
N LEU B 334 21.92 -19.17 -8.35
CA LEU B 334 22.38 -20.02 -9.45
C LEU B 334 21.20 -20.68 -10.16
N ALA B 335 20.26 -21.23 -9.38
CA ALA B 335 19.10 -21.90 -9.97
C ALA B 335 18.23 -20.92 -10.75
N ALA B 336 18.07 -19.69 -10.23
CA ALA B 336 17.24 -18.71 -10.90
C ALA B 336 17.92 -18.17 -12.16
N ILE B 337 19.24 -17.99 -12.11
CA ILE B 337 19.96 -17.54 -13.31
C ILE B 337 19.86 -18.59 -14.41
N GLU B 338 20.17 -19.85 -14.08
CA GLU B 338 20.03 -20.90 -15.08
C GLU B 338 18.58 -21.10 -15.49
N GLY B 339 17.66 -20.93 -14.54
CA GLY B 339 16.26 -21.22 -14.80
C GLY B 339 15.60 -20.18 -15.69
N LEU B 340 15.70 -18.91 -15.30
CA LEU B 340 15.16 -17.86 -16.14
C LEU B 340 15.99 -17.70 -17.41
N GLY B 341 17.30 -17.87 -17.32
CA GLY B 341 18.16 -17.81 -18.49
C GLY B 341 17.77 -18.81 -19.57
N ALA B 342 17.29 -19.98 -19.17
CA ALA B 342 16.85 -20.99 -20.12
C ALA B 342 15.41 -20.79 -20.58
N ASP B 343 14.74 -19.73 -20.13
CA ASP B 343 13.30 -19.58 -20.34
C ASP B 343 12.94 -18.26 -21.01
N ILE B 344 13.92 -17.55 -21.58
CA ILE B 344 13.70 -16.27 -22.23
C ILE B 344 14.31 -16.33 -23.62
N ASP B 345 14.00 -15.33 -24.44
CA ASP B 345 14.55 -15.29 -25.78
C ASP B 345 15.95 -14.71 -25.81
N GLY B 346 16.27 -13.80 -24.88
CA GLY B 346 17.54 -13.13 -24.96
C GLY B 346 18.49 -13.55 -23.85
N LYS B 347 19.16 -12.57 -23.27
CA LYS B 347 20.13 -12.75 -22.22
C LYS B 347 19.61 -12.13 -20.93
N LEU B 348 20.24 -12.49 -19.82
CA LEU B 348 19.95 -11.86 -18.54
C LEU B 348 20.83 -10.64 -18.33
N VAL B 349 20.26 -9.61 -17.73
CA VAL B 349 21.03 -8.59 -17.03
C VAL B 349 20.79 -8.82 -15.54
N LEU B 350 21.82 -9.30 -14.85
CA LEU B 350 21.68 -9.71 -13.46
C LEU B 350 21.99 -8.54 -12.54
N LEU B 351 21.14 -8.35 -11.52
CA LEU B 351 21.41 -7.47 -10.38
C LEU B 351 21.69 -8.32 -9.18
N ALA B 352 22.86 -8.14 -8.58
CA ALA B 352 23.24 -9.00 -7.46
C ALA B 352 24.06 -8.21 -6.46
N GLY B 353 24.28 -8.81 -5.31
CA GLY B 353 25.08 -8.22 -4.26
C GLY B 353 24.26 -8.05 -2.99
N GLY B 354 24.94 -7.51 -1.97
CA GLY B 354 24.38 -7.42 -0.64
C GLY B 354 25.33 -8.00 0.39
N ASP B 355 24.80 -8.58 1.46
CA ASP B 355 25.61 -9.27 2.46
C ASP B 355 25.65 -10.76 2.10
N GLY B 356 26.81 -11.22 1.61
CA GLY B 356 26.94 -12.60 1.16
C GLY B 356 27.12 -13.63 2.24
N LYS B 357 27.30 -13.18 3.50
CA LYS B 357 27.37 -14.06 4.65
C LYS B 357 28.52 -15.06 4.55
N GLY B 358 29.62 -14.64 3.93
CA GLY B 358 30.78 -15.50 3.80
C GLY B 358 30.67 -16.57 2.74
N ALA B 359 29.68 -16.49 1.87
CA ALA B 359 29.53 -17.51 0.83
C ALA B 359 30.64 -17.41 -0.20
N ASP B 360 30.98 -18.55 -0.80
CA ASP B 360 31.85 -18.60 -1.96
C ASP B 360 30.99 -18.37 -3.20
N PHE B 361 31.26 -17.29 -3.93
CA PHE B 361 30.45 -16.94 -5.10
C PHE B 361 30.95 -17.57 -6.39
N HIS B 362 32.04 -18.35 -6.35
CA HIS B 362 32.64 -18.81 -7.61
C HIS B 362 31.68 -19.67 -8.43
N ASP B 363 30.74 -20.39 -7.77
CA ASP B 363 29.81 -21.24 -8.52
C ASP B 363 28.93 -20.43 -9.47
N LEU B 364 28.81 -19.13 -9.25
CA LEU B 364 28.02 -18.27 -10.13
C LEU B 364 28.72 -17.94 -11.44
N ARG B 365 30.04 -18.10 -11.53
CA ARG B 365 30.76 -17.65 -12.73
C ARG B 365 30.30 -18.39 -13.98
N GLU B 366 30.24 -19.71 -13.92
CA GLU B 366 29.84 -20.46 -15.11
C GLU B 366 28.43 -20.08 -15.56
N PRO B 367 27.40 -20.08 -14.70
CA PRO B 367 26.04 -19.69 -15.14
C PRO B 367 25.95 -18.25 -15.61
N VAL B 368 26.69 -17.35 -14.95
CA VAL B 368 26.69 -15.96 -15.39
C VAL B 368 27.30 -15.85 -16.79
N ALA B 369 28.43 -16.54 -17.03
CA ALA B 369 29.06 -16.51 -18.35
C ALA B 369 28.13 -17.06 -19.41
N ARG B 370 27.37 -18.09 -19.07
CA ARG B 370 26.50 -18.76 -20.02
C ARG B 370 25.24 -17.95 -20.29
N PHE B 371 24.70 -17.26 -19.28
CA PHE B 371 23.37 -16.68 -19.44
C PHE B 371 23.30 -15.15 -19.36
N CYS B 372 24.32 -14.46 -18.84
CA CYS B 372 24.21 -13.02 -18.61
C CYS B 372 24.89 -12.24 -19.70
N ARG B 373 24.20 -11.20 -20.18
CA ARG B 373 24.85 -10.20 -21.03
C ARG B 373 25.71 -9.27 -20.18
N ALA B 374 25.29 -9.04 -18.94
CA ALA B 374 25.99 -8.14 -18.04
C ALA B 374 25.49 -8.39 -16.63
N VAL B 375 26.28 -7.94 -15.65
CA VAL B 375 25.95 -8.04 -14.24
C VAL B 375 26.10 -6.65 -13.63
N VAL B 376 25.09 -6.21 -12.88
CA VAL B 376 25.14 -4.96 -12.12
C VAL B 376 25.22 -5.34 -10.65
N LEU B 377 26.25 -4.86 -9.94
CA LEU B 377 26.47 -5.26 -8.56
C LEU B 377 26.33 -4.07 -7.62
N LEU B 378 25.72 -4.31 -6.45
CA LEU B 378 25.66 -3.29 -5.42
C LEU B 378 25.87 -3.96 -4.08
N GLY B 379 25.93 -3.15 -3.04
CA GLY B 379 25.94 -3.69 -1.70
C GLY B 379 27.31 -4.12 -1.24
N ARG B 380 27.33 -4.62 -0.02
CA ARG B 380 28.56 -4.75 0.73
C ARG B 380 29.56 -5.68 0.06
N ASP B 381 29.11 -6.84 -0.43
CA ASP B 381 30.00 -7.84 -0.99
C ASP B 381 30.12 -7.74 -2.51
N ALA B 382 29.80 -6.58 -3.10
CA ALA B 382 29.91 -6.45 -4.55
C ALA B 382 31.31 -6.78 -5.04
N GLY B 383 32.34 -6.33 -4.32
CA GLY B 383 33.71 -6.61 -4.75
C GLY B 383 34.05 -8.09 -4.73
N LEU B 384 33.56 -8.80 -3.71
CA LEU B 384 33.79 -10.24 -3.66
C LEU B 384 33.14 -10.95 -4.83
N ILE B 385 31.91 -10.56 -5.18
CA ILE B 385 31.25 -11.20 -6.30
C ILE B 385 31.99 -10.89 -7.61
N ALA B 386 32.43 -9.63 -7.80
CA ALA B 386 33.12 -9.26 -9.02
C ALA B 386 34.38 -10.10 -9.22
N GLN B 387 35.15 -10.27 -8.14
CA GLN B 387 36.34 -11.11 -8.18
C GLN B 387 35.99 -12.53 -8.54
N ALA B 388 34.88 -13.03 -8.00
CA ALA B 388 34.49 -14.40 -8.27
C ALA B 388 34.12 -14.58 -9.74
N LEU B 389 33.50 -13.55 -10.34
CA LEU B 389 33.10 -13.60 -11.74
C LEU B 389 34.30 -13.33 -12.67
N GLY B 390 35.29 -12.57 -12.19
CA GLY B 390 36.53 -12.38 -12.92
C GLY B 390 36.43 -11.75 -14.29
N ASN B 391 35.49 -10.82 -14.48
CA ASN B 391 35.28 -10.16 -15.78
C ASN B 391 34.85 -11.15 -16.86
N ALA B 392 34.23 -12.27 -16.46
CA ALA B 392 33.70 -13.22 -17.44
C ALA B 392 32.68 -12.55 -18.35
N VAL B 393 31.90 -11.63 -17.81
CA VAL B 393 30.93 -10.84 -18.56
C VAL B 393 31.11 -9.38 -18.15
N PRO B 394 30.62 -8.43 -18.95
CA PRO B 394 30.73 -7.02 -18.53
C PRO B 394 30.06 -6.79 -17.18
N LEU B 395 30.75 -6.09 -16.31
CA LEU B 395 30.28 -5.90 -14.95
CA LEU B 395 30.31 -5.91 -14.92
C LEU B 395 30.34 -4.42 -14.58
N VAL B 396 29.33 -3.95 -13.88
CA VAL B 396 29.27 -2.56 -13.41
C VAL B 396 28.86 -2.56 -11.94
N ARG B 397 29.53 -1.74 -11.13
CA ARG B 397 29.23 -1.63 -9.71
C ARG B 397 28.56 -0.28 -9.46
N VAL B 398 27.49 -0.28 -8.68
CA VAL B 398 26.69 0.92 -8.44
C VAL B 398 26.41 1.04 -6.95
N ALA B 399 25.98 2.23 -6.54
CA ALA B 399 25.74 2.50 -5.13
C ALA B 399 24.30 2.23 -4.70
N THR B 400 23.33 2.49 -5.57
CA THR B 400 21.94 2.42 -5.16
C THR B 400 21.16 1.48 -6.07
N LEU B 401 20.03 0.98 -5.54
CA LEU B 401 19.17 0.13 -6.35
C LEU B 401 18.54 0.92 -7.48
N ASP B 402 18.16 2.17 -7.23
CA ASP B 402 17.66 3.01 -8.30
C ASP B 402 18.68 3.08 -9.44
N GLU B 403 19.94 3.31 -9.10
CA GLU B 403 21.00 3.36 -10.11
C GLU B 403 21.24 2.00 -10.74
N ALA B 404 21.17 0.92 -9.95
CA ALA B 404 21.31 -0.42 -10.53
C ALA B 404 20.25 -0.65 -11.60
N VAL B 405 19.01 -0.27 -11.32
CA VAL B 405 17.92 -0.49 -12.26
C VAL B 405 18.09 0.37 -13.49
N ARG B 406 18.45 1.64 -13.30
CA ARG B 406 18.63 2.52 -14.45
C ARG B 406 19.73 2.00 -15.37
N GLN B 407 20.84 1.50 -14.81
CA GLN B 407 21.92 0.98 -15.64
C GLN B 407 21.55 -0.35 -16.29
N ALA B 408 20.84 -1.22 -15.57
CA ALA B 408 20.41 -2.48 -16.17
C ALA B 408 19.52 -2.24 -17.38
N ALA B 409 18.62 -1.27 -17.30
CA ALA B 409 17.74 -1.01 -18.44
C ALA B 409 18.53 -0.57 -19.66
N GLU B 410 19.60 0.21 -19.46
CA GLU B 410 20.42 0.64 -20.58
C GLU B 410 21.25 -0.51 -21.15
N LEU B 411 21.66 -1.47 -20.31
CA LEU B 411 22.45 -2.60 -20.78
C LEU B 411 21.59 -3.64 -21.48
N ALA B 412 20.32 -3.76 -21.09
CA ALA B 412 19.44 -4.79 -21.67
C ALA B 412 19.04 -4.44 -23.09
N ARG B 413 18.76 -5.48 -23.87
CA ARG B 413 18.30 -5.40 -25.25
C ARG B 413 16.96 -6.09 -25.37
N GLU B 414 16.25 -5.82 -26.47
CA GLU B 414 14.94 -6.43 -26.68
C GLU B 414 15.02 -7.95 -26.58
N GLY B 415 14.11 -8.54 -25.80
CA GLY B 415 14.11 -9.95 -25.54
C GLY B 415 14.85 -10.37 -24.29
N ASP B 416 15.68 -9.50 -23.73
CA ASP B 416 16.39 -9.80 -22.51
C ASP B 416 15.45 -9.78 -21.30
N ALA B 417 15.97 -10.26 -20.17
CA ALA B 417 15.31 -10.09 -18.89
C ALA B 417 16.28 -9.46 -17.91
N VAL B 418 15.81 -8.46 -17.18
CA VAL B 418 16.55 -7.89 -16.07
C VAL B 418 16.11 -8.64 -14.82
N LEU B 419 17.06 -9.28 -14.13
CA LEU B 419 16.74 -10.19 -13.05
C LEU B 419 17.44 -9.74 -11.78
N LEU B 420 16.66 -9.41 -10.75
CA LEU B 420 17.19 -9.20 -9.41
C LEU B 420 17.22 -10.56 -8.74
N SER B 421 18.40 -11.15 -8.65
CA SER B 421 18.57 -12.44 -7.98
C SER B 421 19.88 -12.35 -7.22
N PRO B 422 19.88 -11.76 -6.02
CA PRO B 422 21.11 -11.15 -5.50
C PRO B 422 22.14 -12.11 -4.92
N ALA B 423 21.77 -13.35 -4.59
CA ALA B 423 22.67 -14.35 -4.02
C ALA B 423 23.13 -13.98 -2.60
N CYS B 424 22.51 -12.98 -1.99
CA CYS B 424 22.95 -12.36 -0.74
C CYS B 424 21.76 -11.93 0.10
N ALA B 425 21.98 -11.87 1.41
CA ALA B 425 21.05 -11.22 2.31
C ALA B 425 21.01 -9.73 2.03
N SER B 426 19.94 -9.08 2.50
CA SER B 426 19.70 -7.69 2.18
C SER B 426 20.06 -6.74 3.31
N LEU B 427 20.46 -7.26 4.47
CA LEU B 427 20.48 -6.47 5.70
C LEU B 427 21.52 -5.37 5.69
N ASP B 428 22.40 -5.31 4.70
CA ASP B 428 23.35 -4.21 4.67
C ASP B 428 22.72 -2.91 4.16
N MET B 429 21.65 -3.00 3.37
CA MET B 429 21.06 -1.81 2.79
C MET B 429 19.55 -1.71 2.97
N PHE B 430 18.87 -2.80 3.28
CA PHE B 430 17.42 -2.85 3.34
C PHE B 430 16.98 -3.51 4.63
N LYS B 431 15.71 -3.36 4.96
CA LYS B 431 15.19 -3.98 6.17
C LYS B 431 15.10 -5.50 6.02
N ASN B 432 14.83 -5.99 4.82
CA ASN B 432 14.69 -7.41 4.54
C ASN B 432 14.57 -7.58 3.02
N PHE B 433 14.56 -8.84 2.58
CA PHE B 433 14.52 -9.09 1.14
C PHE B 433 13.21 -8.61 0.53
N GLU B 434 12.15 -8.54 1.33
CA GLU B 434 10.89 -8.01 0.81
C GLU B 434 11.02 -6.53 0.47
N GLU B 435 11.61 -5.74 1.36
CA GLU B 435 11.79 -4.32 1.07
C GLU B 435 12.68 -4.15 -0.16
N ARG B 436 13.74 -4.96 -0.26
CA ARG B 436 14.60 -4.93 -1.43
C ARG B 436 13.80 -5.18 -2.70
N GLY B 437 12.98 -6.22 -2.70
CA GLY B 437 12.16 -6.52 -3.87
C GLY B 437 11.17 -5.42 -4.20
N ARG B 438 10.52 -4.85 -3.17
CA ARG B 438 9.56 -3.78 -3.42
C ARG B 438 10.24 -2.55 -4.01
N LEU B 439 11.40 -2.18 -3.45
CA LEU B 439 12.10 -1.01 -3.96
C LEU B 439 12.62 -1.26 -5.37
N PHE B 440 13.03 -2.49 -5.66
CA PHE B 440 13.41 -2.85 -7.02
C PHE B 440 12.24 -2.65 -7.97
N ALA B 441 11.07 -3.18 -7.60
CA ALA B 441 9.90 -3.04 -8.48
C ALA B 441 9.53 -1.57 -8.66
N LYS B 442 9.62 -0.78 -7.59
CA LYS B 442 9.33 0.64 -7.68
C LYS B 442 10.23 1.33 -8.70
N ALA B 443 11.54 1.12 -8.60
CA ALA B 443 12.45 1.71 -9.58
C ALA B 443 12.14 1.22 -10.99
N VAL B 444 11.83 -0.07 -11.13
CA VAL B 444 11.49 -0.61 -12.45
C VAL B 444 10.26 0.10 -13.01
N GLU B 445 9.22 0.26 -12.19
CA GLU B 445 7.99 0.87 -12.68
C GLU B 445 8.12 2.37 -12.90
N GLU B 446 9.18 3.00 -12.36
CA GLU B 446 9.44 4.41 -12.57
C GLU B 446 10.28 4.70 -13.81
N LEU B 447 10.81 3.68 -14.48
CA LEU B 447 11.52 3.89 -15.72
C LEU B 447 10.62 4.57 -16.75
N ALA B 448 11.16 5.57 -17.43
CA ALA B 448 10.43 6.36 -18.43
C ALA B 448 9.86 5.49 -19.54
N HIS C 8 26.30 25.73 3.79
CA HIS C 8 26.48 26.86 4.70
C HIS C 8 26.73 26.36 6.13
N PHE C 9 26.21 27.09 7.12
CA PHE C 9 26.25 26.60 8.50
C PHE C 9 25.39 25.35 8.68
N ARG C 10 24.27 25.26 7.96
CA ARG C 10 23.37 24.11 8.01
C ARG C 10 23.06 23.70 6.58
N ILE C 11 22.91 22.40 6.32
CA ILE C 11 22.61 21.90 4.98
C ILE C 11 21.46 20.90 5.03
N VAL C 12 20.47 21.10 4.17
CA VAL C 12 19.34 20.19 3.98
C VAL C 12 19.72 19.11 2.97
N VAL C 13 19.64 17.85 3.39
CA VAL C 13 20.10 16.71 2.61
C VAL C 13 18.89 15.94 2.13
N GLY C 14 18.47 16.17 0.88
CA GLY C 14 17.36 15.38 0.37
C GLY C 14 16.04 16.11 0.30
N LEU C 15 15.39 16.07 -0.87
CA LEU C 15 14.11 16.71 -1.11
C LEU C 15 12.96 15.73 -0.94
N GLY C 16 11.75 16.26 -1.03
CA GLY C 16 10.51 15.57 -0.73
C GLY C 16 9.63 16.44 0.14
N LYS C 17 8.59 15.84 0.71
CA LYS C 17 7.67 16.61 1.55
C LYS C 17 8.40 17.17 2.76
N SER C 18 9.10 16.33 3.51
CA SER C 18 9.80 16.79 4.69
C SER C 18 10.97 17.71 4.31
N GLY C 19 11.69 17.37 3.24
CA GLY C 19 12.77 18.23 2.78
C GLY C 19 12.34 19.65 2.49
N MET C 20 11.17 19.82 1.85
CA MET C 20 10.72 21.17 1.55
C MET C 20 10.30 21.91 2.81
N SER C 21 9.80 21.21 3.84
CA SER C 21 9.50 21.90 5.08
C SER C 21 10.76 22.40 5.77
N LEU C 22 11.87 21.70 5.59
CA LEU C 22 13.15 22.18 6.10
C LEU C 22 13.59 23.44 5.34
N VAL C 23 13.44 23.43 4.02
CA VAL C 23 13.74 24.61 3.22
C VAL C 23 12.95 25.81 3.72
N ARG C 24 11.63 25.62 3.87
CA ARG C 24 10.76 26.70 4.35
C ARG C 24 11.20 27.21 5.71
N TYR C 25 11.45 26.30 6.66
CA TYR C 25 11.72 26.74 8.02
C TYR C 25 13.01 27.55 8.10
N LEU C 26 14.10 27.03 7.53
CA LEU C 26 15.38 27.71 7.60
C LEU C 26 15.34 29.08 6.93
N ALA C 27 14.66 29.18 5.80
CA ALA C 27 14.50 30.47 5.15
C ALA C 27 13.65 31.40 6.00
N ARG C 28 12.53 30.89 6.52
CA ARG C 28 11.64 31.73 7.33
C ARG C 28 12.33 32.23 8.58
N ARG C 29 13.28 31.48 9.12
CA ARG C 29 14.08 31.96 10.24
C ARG C 29 15.25 32.81 9.79
N GLY C 30 15.43 32.98 8.48
CA GLY C 30 16.52 33.80 7.96
C GLY C 30 17.86 33.13 7.99
N LEU C 31 17.95 31.88 8.44
CA LEU C 31 19.23 31.23 8.64
C LEU C 31 19.87 30.89 7.29
N PRO C 32 21.19 30.95 7.19
CA PRO C 32 21.87 30.55 5.95
C PRO C 32 21.98 29.04 5.85
N PHE C 33 21.74 28.52 4.64
CA PHE C 33 21.76 27.07 4.44
C PHE C 33 21.88 26.78 2.95
N ALA C 34 22.22 25.53 2.65
CA ALA C 34 22.22 25.00 1.29
C ALA C 34 21.38 23.73 1.25
N VAL C 35 21.12 23.25 0.04
CA VAL C 35 20.29 22.07 -0.19
C VAL C 35 21.02 21.11 -1.11
N VAL C 36 20.97 19.82 -0.78
CA VAL C 36 21.50 18.78 -1.66
C VAL C 36 20.46 17.69 -1.82
N ASP C 37 20.50 17.02 -2.97
CA ASP C 37 19.66 15.85 -3.27
C ASP C 37 20.41 15.01 -4.30
N THR C 38 19.75 13.97 -4.81
CA THR C 38 20.42 13.08 -5.74
C THR C 38 20.52 13.67 -7.15
N ARG C 39 19.59 14.52 -7.54
CA ARG C 39 19.62 15.15 -8.85
C ARG C 39 18.76 16.40 -8.87
N PRO C 42 15.05 18.68 -10.58
CA PRO C 42 14.85 19.10 -9.19
C PRO C 42 13.60 19.98 -9.05
N PRO C 43 12.60 19.46 -8.34
CA PRO C 43 11.28 20.13 -8.30
C PRO C 43 11.27 21.59 -7.85
N GLU C 44 12.06 21.93 -6.83
CA GLU C 44 11.98 23.23 -6.18
C GLU C 44 12.83 24.33 -6.83
N LEU C 45 13.43 24.08 -8.00
CA LEU C 45 14.29 25.10 -8.60
C LEU C 45 13.54 26.40 -8.86
N ALA C 46 12.27 26.31 -9.28
CA ALA C 46 11.51 27.54 -9.51
C ALA C 46 11.22 28.27 -8.20
N THR C 47 10.73 27.54 -7.19
CA THR C 47 10.45 28.17 -5.90
C THR C 47 11.73 28.58 -5.19
N LEU C 48 12.76 27.73 -5.25
CA LEU C 48 14.01 28.03 -4.55
C LEU C 48 14.67 29.27 -5.14
N ARG C 49 14.80 29.34 -6.46
CA ARG C 49 15.46 30.50 -7.05
C ARG C 49 14.62 31.78 -6.90
N ALA C 50 13.29 31.67 -6.92
CA ALA C 50 12.42 32.83 -6.82
C ALA C 50 12.03 33.18 -5.39
N GLN C 51 11.49 32.22 -4.64
CA GLN C 51 11.00 32.49 -3.29
C GLN C 51 12.11 32.53 -2.28
N TYR C 52 13.21 31.80 -2.51
CA TYR C 52 14.36 31.77 -1.61
C TYR C 52 15.63 32.04 -2.42
N PRO C 53 15.76 33.22 -3.03
CA PRO C 53 16.87 33.42 -3.98
C PRO C 53 18.25 33.30 -3.37
N GLN C 54 18.39 33.51 -2.06
CA GLN C 54 19.71 33.54 -1.45
C GLN C 54 20.26 32.17 -1.09
N VAL C 55 19.49 31.10 -1.25
CA VAL C 55 19.91 29.77 -0.78
C VAL C 55 20.51 28.99 -1.94
N GLU C 56 21.74 28.54 -1.74
CA GLU C 56 22.49 27.72 -2.69
C GLU C 56 21.93 26.30 -2.77
N VAL C 57 21.86 25.75 -3.98
CA VAL C 57 21.32 24.41 -4.22
C VAL C 57 22.31 23.62 -5.07
N ARG C 58 22.73 22.46 -4.57
CA ARG C 58 23.62 21.56 -5.30
C ARG C 58 22.91 20.22 -5.50
N CYS C 59 22.82 19.77 -6.74
CA CYS C 59 22.18 18.51 -7.07
C CYS C 59 23.22 17.50 -7.56
N GLY C 60 23.02 16.23 -7.20
CA GLY C 60 23.91 15.16 -7.59
C GLY C 60 24.56 14.50 -6.39
N GLU C 61 25.60 13.70 -6.68
CA GLU C 61 26.34 13.01 -5.64
C GLU C 61 26.87 13.99 -4.60
N LEU C 62 26.63 13.69 -3.32
CA LEU C 62 26.96 14.62 -2.26
C LEU C 62 28.46 14.89 -2.19
N ASP C 63 28.82 16.17 -2.25
CA ASP C 63 30.20 16.62 -2.07
C ASP C 63 30.55 16.51 -0.59
N ALA C 64 31.38 15.52 -0.25
CA ALA C 64 31.72 15.30 1.16
C ALA C 64 32.34 16.54 1.78
N GLU C 65 33.21 17.23 1.05
CA GLU C 65 33.80 18.46 1.57
C GLU C 65 32.74 19.52 1.83
N PHE C 66 31.73 19.61 0.96
CA PHE C 66 30.66 20.58 1.16
C PHE C 66 29.85 20.27 2.41
N LEU C 67 29.55 18.99 2.64
CA LEU C 67 28.75 18.61 3.81
C LEU C 67 29.45 18.91 5.12
N CYS C 68 30.78 18.81 5.15
CA CYS C 68 31.51 19.02 6.39
C CYS C 68 31.66 20.49 6.78
N SER C 69 31.36 21.43 5.88
CA SER C 69 31.43 22.85 6.23
C SER C 69 30.19 23.36 6.93
N ALA C 70 29.25 22.49 7.28
CA ALA C 70 28.05 22.88 8.01
C ALA C 70 28.18 22.48 9.47
N ARG C 71 27.27 23.00 10.29
CA ARG C 71 27.19 22.57 11.67
C ARG C 71 26.15 21.49 11.89
N GLU C 72 25.13 21.43 11.04
CA GLU C 72 24.05 20.45 11.15
C GLU C 72 23.58 20.04 9.75
N LEU C 73 23.35 18.75 9.55
CA LEU C 73 22.76 18.21 8.33
C LEU C 73 21.38 17.65 8.62
N TYR C 74 20.38 18.04 7.83
CA TYR C 74 18.99 17.62 8.03
C TYR C 74 18.63 16.56 6.99
N VAL C 75 18.63 15.32 7.43
CA VAL C 75 18.61 14.15 6.54
C VAL C 75 17.18 13.70 6.30
N SER C 76 16.82 13.60 5.03
CA SER C 76 15.53 13.06 4.63
C SER C 76 15.34 11.66 5.21
N PRO C 77 14.11 11.27 5.56
CA PRO C 77 13.89 9.99 6.26
C PRO C 77 14.49 8.76 5.59
N GLY C 78 14.37 8.63 4.27
CA GLY C 78 14.77 7.41 3.60
C GLY C 78 16.21 7.28 3.14
N LEU C 79 17.16 7.80 3.92
CA LEU C 79 18.58 7.67 3.61
C LEU C 79 19.31 7.02 4.77
N SER C 80 20.18 6.05 4.47
CA SER C 80 20.95 5.38 5.51
C SER C 80 21.84 6.40 6.22
N LEU C 81 21.82 6.37 7.56
CA LEU C 81 22.70 7.26 8.31
C LEU C 81 24.17 6.88 8.19
N ARG C 82 24.48 5.76 7.54
CA ARG C 82 25.84 5.37 7.21
C ARG C 82 26.29 5.94 5.87
N THR C 83 25.48 6.81 5.26
CA THR C 83 25.81 7.42 3.98
C THR C 83 27.21 8.02 4.08
N PRO C 84 28.12 7.65 3.18
CA PRO C 84 29.56 7.80 3.49
C PRO C 84 30.00 9.21 3.88
N ALA C 85 29.46 10.23 3.23
CA ALA C 85 29.84 11.61 3.58
C ALA C 85 29.32 12.01 4.96
N LEU C 86 28.14 11.51 5.36
CA LEU C 86 27.63 11.79 6.69
C LEU C 86 28.49 11.15 7.77
N VAL C 87 29.00 9.94 7.52
CA VAL C 87 29.95 9.34 8.45
C VAL C 87 31.17 10.25 8.59
N GLN C 88 31.65 10.80 7.47
CA GLN C 88 32.75 11.75 7.52
C GLN C 88 32.34 13.05 8.20
N ALA C 89 31.13 13.56 7.89
CA ALA C 89 30.65 14.79 8.50
C ALA C 89 30.46 14.64 10.00
N ALA C 90 29.83 13.53 10.43
CA ALA C 90 29.65 13.31 11.86
C ALA C 90 30.99 13.18 12.56
N ALA C 91 31.97 12.56 11.89
CA ALA C 91 33.31 12.45 12.46
C ALA C 91 33.97 13.82 12.58
N LYS C 92 33.58 14.78 11.73
CA LYS C 92 34.14 16.13 11.75
C LYS C 92 33.43 17.06 12.74
N GLY C 93 32.34 16.59 13.37
CA GLY C 93 31.62 17.36 14.36
C GLY C 93 30.25 17.85 13.93
N VAL C 94 29.88 17.67 12.66
CA VAL C 94 28.56 18.11 12.19
C VAL C 94 27.48 17.21 12.79
N ARG C 95 26.39 17.84 13.24
CA ARG C 95 25.26 17.10 13.76
C ARG C 95 24.49 16.41 12.63
N ILE C 96 24.26 15.11 12.78
CA ILE C 96 23.46 14.34 11.82
C ILE C 96 22.00 14.39 12.30
N SER C 97 21.19 15.20 11.60
CA SER C 97 19.85 15.56 12.09
C SER C 97 18.74 15.24 11.10
N GLY C 98 17.58 15.84 11.32
CA GLY C 98 16.39 15.64 10.51
C GLY C 98 15.34 16.62 10.96
N ASP C 99 14.16 16.54 10.33
CA ASP C 99 13.13 17.54 10.62
C ASP C 99 12.65 17.43 12.07
N ILE C 100 12.45 16.22 12.57
CA ILE C 100 11.97 16.09 13.96
C ILE C 100 13.05 16.49 14.94
N ASP C 101 14.30 16.09 14.68
CA ASP C 101 15.41 16.49 15.55
C ASP C 101 15.49 18.00 15.68
N LEU C 102 15.35 18.72 14.56
CA LEU C 102 15.35 20.18 14.63
C LEU C 102 14.10 20.69 15.33
N PHE C 103 12.92 20.14 15.00
CA PHE C 103 11.69 20.54 15.65
C PHE C 103 11.81 20.41 17.18
N ALA C 104 12.36 19.29 17.64
CA ALA C 104 12.48 19.06 19.07
C ALA C 104 13.28 20.14 19.75
N ARG C 105 14.27 20.71 19.06
CA ARG C 105 15.10 21.75 19.64
C ARG C 105 14.50 23.14 19.51
N GLU C 106 13.56 23.33 18.57
CA GLU C 106 12.93 24.62 18.37
C GLU C 106 11.59 24.74 19.08
N ALA C 107 10.91 23.63 19.36
CA ALA C 107 9.58 23.71 19.95
C ALA C 107 9.67 24.37 21.33
N LYS C 108 8.73 25.27 21.59
CA LYS C 108 8.69 26.01 22.85
C LYS C 108 7.43 25.70 23.64
N ALA C 109 6.80 24.57 23.36
CA ALA C 109 5.60 24.12 24.05
C ALA C 109 5.69 22.62 24.19
N PRO C 110 5.00 22.04 25.18
CA PRO C 110 5.05 20.59 25.38
C PRO C 110 4.56 19.80 24.17
N ILE C 111 5.20 18.64 23.95
CA ILE C 111 4.91 17.75 22.84
C ILE C 111 4.24 16.49 23.37
N VAL C 112 3.09 16.16 22.79
CA VAL C 112 2.53 14.82 22.87
C VAL C 112 3.05 14.05 21.66
N ALA C 113 3.78 12.96 21.90
CA ALA C 113 4.44 12.22 20.84
C ALA C 113 3.84 10.82 20.75
N ILE C 114 3.36 10.45 19.57
CA ILE C 114 2.60 9.22 19.36
C ILE C 114 3.24 8.43 18.23
N THR C 115 3.64 7.18 18.51
CA THR C 115 3.99 6.26 17.42
C THR C 115 3.36 4.90 17.71
N GLY C 116 3.69 3.91 16.90
CA GLY C 116 3.14 2.58 17.01
C GLY C 116 2.91 2.02 15.63
N SER C 117 2.72 0.70 15.56
CA SER C 117 2.53 0.05 14.28
C SER C 117 1.21 0.46 13.64
N ASN C 118 0.17 0.61 14.46
CA ASN C 118 -1.18 0.94 14.00
C ASN C 118 -1.82 1.87 15.01
N ALA C 119 -2.94 2.49 14.59
CA ALA C 119 -3.78 3.39 15.37
C ALA C 119 -3.18 4.78 15.58
N LYS C 120 -2.07 5.13 14.93
CA LYS C 120 -1.45 6.44 15.18
C LYS C 120 -2.40 7.58 14.78
N SER C 121 -2.97 7.52 13.58
CA SER C 121 -3.80 8.65 13.17
C SER C 121 -5.11 8.70 13.95
N THR C 122 -5.68 7.53 14.30
CA THR C 122 -6.89 7.52 15.12
C THR C 122 -6.64 8.25 16.45
N VAL C 123 -5.59 7.86 17.16
CA VAL C 123 -5.32 8.41 18.48
C VAL C 123 -4.85 9.86 18.36
N THR C 124 -3.97 10.14 17.39
CA THR C 124 -3.49 11.51 17.22
C THR C 124 -4.64 12.46 16.93
N THR C 125 -5.53 12.08 16.02
CA THR C 125 -6.64 12.96 15.66
C THR C 125 -7.53 13.20 16.86
N LEU C 126 -7.79 12.15 17.64
CA LEU C 126 -8.65 12.28 18.81
C LEU C 126 -8.03 13.20 19.86
N VAL C 127 -6.73 13.01 20.17
CA VAL C 127 -6.08 13.91 21.11
C VAL C 127 -6.16 15.34 20.60
N GLY C 128 -5.99 15.52 19.29
CA GLY C 128 -6.19 16.84 18.71
C GLY C 128 -7.57 17.42 18.97
N GLU C 129 -8.62 16.60 18.80
CA GLU C 129 -9.98 17.09 19.02
C GLU C 129 -10.21 17.39 20.51
N MET C 130 -9.61 16.59 21.38
CA MET C 130 -9.67 16.88 22.82
C MET C 130 -9.03 18.22 23.14
N ALA C 131 -7.84 18.48 22.56
CA ALA C 131 -7.17 19.75 22.80
C ALA C 131 -7.98 20.92 22.27
N VAL C 132 -8.58 20.78 21.08
CA VAL C 132 -9.43 21.83 20.56
C VAL C 132 -10.62 22.05 21.50
N ALA C 133 -11.25 20.97 21.98
CA ALA C 133 -12.36 21.13 22.91
C ALA C 133 -11.92 21.76 24.22
N ALA C 134 -10.67 21.55 24.61
CA ALA C 134 -10.11 22.15 25.82
C ALA C 134 -9.64 23.57 25.60
N ASP C 135 -9.89 24.13 24.42
CA ASP C 135 -9.56 25.51 24.13
C ASP C 135 -8.05 25.76 24.09
N LYS C 136 -7.27 24.72 23.80
CA LYS C 136 -5.83 24.88 23.69
C LYS C 136 -5.45 25.40 22.31
N ARG C 137 -4.42 26.24 22.26
CA ARG C 137 -3.80 26.60 20.98
C ARG C 137 -2.91 25.42 20.62
N VAL C 138 -3.48 24.47 19.87
CA VAL C 138 -2.81 23.21 19.61
C VAL C 138 -2.39 23.16 18.15
N ALA C 139 -1.30 22.45 17.88
CA ALA C 139 -0.84 22.19 16.52
C ALA C 139 -0.65 20.68 16.37
N VAL C 140 -1.21 20.10 15.30
CA VAL C 140 -1.23 18.65 15.12
C VAL C 140 -0.61 18.28 13.78
N GLY C 141 0.31 17.33 13.79
CA GLY C 141 0.89 16.89 12.54
C GLY C 141 1.88 15.76 12.74
N GLY C 142 2.78 15.62 11.76
CA GLY C 142 3.80 14.59 11.76
C GLY C 142 3.49 13.43 10.82
N ASN C 143 4.47 12.52 10.76
CA ASN C 143 4.40 11.32 9.93
C ASN C 143 4.04 11.67 8.49
N LEU C 144 2.92 11.16 7.97
CA LEU C 144 2.52 11.43 6.61
C LEU C 144 1.64 12.67 6.48
N GLY C 145 1.23 13.26 7.60
CA GLY C 145 0.40 14.45 7.62
C GLY C 145 1.22 15.71 7.51
N THR C 146 0.76 16.76 8.19
CA THR C 146 1.43 18.06 8.13
C THR C 146 2.87 17.96 8.65
N PRO C 147 3.87 18.41 7.89
CA PRO C 147 5.24 18.38 8.39
C PRO C 147 5.38 19.12 9.72
N ALA C 148 6.09 18.48 10.66
CA ALA C 148 6.20 19.04 12.00
C ALA C 148 6.71 20.48 11.99
N LEU C 149 7.71 20.77 11.16
CA LEU C 149 8.29 22.11 11.17
C LEU C 149 7.29 23.18 10.71
N ASP C 150 6.36 22.80 9.84
CA ASP C 150 5.31 23.72 9.40
C ASP C 150 4.37 24.08 10.55
N LEU C 151 4.38 23.31 11.63
CA LEU C 151 3.54 23.58 12.78
C LEU C 151 4.13 24.63 13.71
N LEU C 152 5.43 24.84 13.66
CA LEU C 152 6.07 25.69 14.67
C LEU C 152 5.52 27.10 14.57
N ALA C 153 5.06 27.64 15.70
CA ALA C 153 4.63 29.02 15.82
C ALA C 153 4.72 29.38 17.31
N ASP C 154 5.01 30.66 17.56
CA ASP C 154 5.33 31.08 18.93
C ASP C 154 4.13 31.00 19.88
N ASP C 155 2.90 31.13 19.37
CA ASP C 155 1.73 31.13 20.23
C ASP C 155 1.19 29.73 20.53
N ILE C 156 1.80 28.68 19.99
CA ILE C 156 1.27 27.34 20.24
C ILE C 156 1.47 26.95 21.70
N GLU C 157 0.42 26.38 22.32
CA GLU C 157 0.46 25.88 23.69
C GLU C 157 0.68 24.37 23.79
N LEU C 158 0.47 23.63 22.70
CA LEU C 158 0.58 22.18 22.76
C LEU C 158 0.82 21.65 21.37
N TYR C 159 1.83 20.80 21.21
CA TYR C 159 2.07 20.08 19.96
C TYR C 159 1.64 18.64 20.12
N VAL C 160 0.90 18.13 19.15
CA VAL C 160 0.53 16.72 19.10
C VAL C 160 1.12 16.15 17.82
N LEU C 161 2.09 15.25 17.96
CA LEU C 161 2.90 14.77 16.85
C LEU C 161 2.75 13.27 16.69
N GLU C 162 2.34 12.85 15.50
CA GLU C 162 2.38 11.46 15.11
C GLU C 162 3.72 11.21 14.42
N LEU C 163 4.42 10.14 14.81
CA LEU C 163 5.78 9.93 14.31
C LEU C 163 5.97 8.49 13.83
N SER C 164 6.70 8.34 12.73
CA SER C 164 7.14 7.04 12.26
C SER C 164 8.50 6.71 12.85
N SER C 165 8.85 5.41 12.82
CA SER C 165 10.19 5.00 13.24
C SER C 165 11.26 5.74 12.47
N PHE C 166 11.04 5.92 11.17
CA PHE C 166 12.03 6.57 10.33
C PHE C 166 12.35 7.98 10.83
N GLN C 167 11.32 8.72 11.24
CA GLN C 167 11.54 10.08 11.71
C GLN C 167 12.32 10.11 13.03
N LEU C 168 12.20 9.07 13.85
CA LEU C 168 12.85 9.07 15.16
C LEU C 168 14.33 8.71 15.10
N GLU C 169 14.81 8.24 13.94
CA GLU C 169 16.18 7.73 13.84
C GLU C 169 17.21 8.83 14.06
N THR C 170 16.97 10.02 13.50
CA THR C 170 17.90 11.13 13.64
C THR C 170 17.53 12.11 14.74
N CYS C 171 16.49 11.81 15.52
CA CYS C 171 16.07 12.67 16.63
C CYS C 171 16.82 12.25 17.89
N ASP C 172 17.72 13.11 18.36
CA ASP C 172 18.61 12.74 19.47
C ASP C 172 17.86 12.73 20.79
N ARG C 173 17.09 13.77 21.07
CA ARG C 173 16.33 13.85 22.33
CA ARG C 173 16.33 13.85 22.32
C ARG C 173 15.03 14.59 22.00
N LEU C 174 13.97 13.84 21.76
CA LEU C 174 12.70 14.46 21.42
C LEU C 174 12.18 15.30 22.58
N ASN C 175 12.49 14.90 23.83
CA ASN C 175 12.07 15.64 25.02
C ASN C 175 10.57 15.86 25.03
N ALA C 176 9.83 14.80 24.75
CA ALA C 176 8.38 14.90 24.75
C ALA C 176 7.86 15.11 26.17
N GLU C 177 6.76 15.86 26.28
CA GLU C 177 6.09 15.93 27.57
C GLU C 177 5.47 14.59 27.93
N VAL C 178 4.86 13.93 26.96
CA VAL C 178 4.37 12.57 27.14
C VAL C 178 4.54 11.84 25.81
N ALA C 179 5.01 10.60 25.88
CA ALA C 179 5.30 9.83 24.69
C ALA C 179 4.68 8.44 24.83
N THR C 180 4.30 7.85 23.70
CA THR C 180 3.71 6.53 23.69
C THR C 180 4.10 5.78 22.42
N VAL C 181 4.34 4.48 22.58
CA VAL C 181 4.35 3.52 21.49
C VAL C 181 3.05 2.75 21.64
N LEU C 182 2.07 2.97 20.75
CA LEU C 182 0.74 2.46 21.05
C LEU C 182 0.69 0.94 21.06
N ASN C 183 1.43 0.32 20.16
CA ASN C 183 1.44 -1.12 19.92
C ASN C 183 2.59 -1.40 18.97
N VAL C 184 3.01 -2.65 18.92
CA VAL C 184 4.13 -3.08 18.08
C VAL C 184 3.70 -4.37 17.38
N SER C 185 3.69 -4.35 16.05
CA SER C 185 3.50 -5.60 15.32
C SER C 185 4.36 -5.63 14.06
N GLU C 186 4.85 -6.82 13.73
CA GLU C 186 5.78 -7.05 12.61
C GLU C 186 5.13 -6.75 11.25
N HIS C 199 11.69 -2.82 17.49
CA HIS C 199 10.91 -1.94 18.37
C HIS C 199 11.76 -0.83 18.94
N LEU C 200 13.08 -1.05 18.94
CA LEU C 200 13.99 -0.06 19.54
C LEU C 200 13.95 1.25 18.79
N ALA C 201 13.75 1.22 17.47
CA ALA C 201 13.63 2.47 16.72
C ALA C 201 12.47 3.29 17.23
N LYS C 202 11.30 2.65 17.40
CA LYS C 202 10.13 3.35 17.95
C LYS C 202 10.44 3.90 19.34
N HIS C 203 11.22 3.15 20.13
CA HIS C 203 11.54 3.57 21.49
C HIS C 203 12.44 4.80 21.54
N ARG C 204 12.97 5.27 20.41
CA ARG C 204 13.64 6.56 20.46
C ARG C 204 12.66 7.69 20.78
N ILE C 205 11.36 7.43 20.68
CA ILE C 205 10.36 8.43 21.05
C ILE C 205 10.41 8.75 22.55
N PHE C 206 11.00 7.87 23.35
CA PHE C 206 11.11 8.07 24.79
C PHE C 206 12.35 8.86 25.21
N ARG C 207 13.24 9.21 24.29
CA ARG C 207 14.48 9.87 24.70
C ARG C 207 14.17 11.26 25.23
N GLY C 208 14.43 11.48 26.51
CA GLY C 208 14.07 12.73 27.14
C GLY C 208 12.62 12.87 27.51
N ALA C 209 11.80 11.84 27.30
CA ALA C 209 10.38 11.95 27.61
C ALA C 209 10.18 12.16 29.10
N ARG C 210 9.30 13.10 29.47
CA ARG C 210 9.08 13.42 30.87
C ARG C 210 7.95 12.61 31.51
N GLN C 211 7.12 11.96 30.68
CA GLN C 211 6.03 11.07 31.08
C GLN C 211 5.85 10.08 29.94
N VAL C 212 5.28 8.92 30.25
CA VAL C 212 5.02 7.91 29.23
C VAL C 212 3.62 7.32 29.41
N VAL C 213 3.05 6.82 28.32
CA VAL C 213 1.77 6.11 28.31
C VAL C 213 2.01 4.74 27.69
N VAL C 214 1.70 3.67 28.43
CA VAL C 214 2.02 2.34 27.97
C VAL C 214 0.74 1.54 27.80
N ASN C 215 0.84 0.51 26.98
CA ASN C 215 -0.26 -0.37 26.64
C ASN C 215 -0.10 -1.61 27.51
N ARG C 216 -1.03 -1.80 28.45
CA ARG C 216 -0.94 -2.98 29.32
C ARG C 216 -1.00 -4.29 28.53
N ALA C 217 -1.57 -4.29 27.33
CA ALA C 217 -1.70 -5.52 26.54
C ALA C 217 -0.52 -5.78 25.60
N ASP C 218 0.50 -4.91 25.59
CA ASP C 218 1.60 -5.06 24.62
C ASP C 218 2.89 -4.72 25.36
N ALA C 219 3.61 -5.75 25.79
CA ALA C 219 4.81 -5.53 26.60
C ALA C 219 5.89 -4.75 25.88
N LEU C 220 5.87 -4.75 24.55
CA LEU C 220 6.88 -4.00 23.82
C LEU C 220 6.64 -2.50 23.81
N THR C 221 5.56 -2.03 24.41
CA THR C 221 5.33 -0.59 24.50
C THR C 221 5.92 0.04 25.75
N ARG C 222 6.48 -0.76 26.66
CA ARG C 222 6.94 -0.23 27.93
C ARG C 222 8.44 0.03 27.90
N PRO C 223 8.87 1.28 28.02
CA PRO C 223 10.31 1.59 28.02
C PRO C 223 10.90 1.46 29.41
N LEU C 224 12.24 1.44 29.45
CA LEU C 224 12.97 1.37 30.71
C LEU C 224 12.64 2.56 31.62
N ILE C 225 12.44 3.75 31.04
CA ILE C 225 12.19 4.92 31.86
C ILE C 225 10.82 4.92 32.52
N ALA C 226 9.96 3.94 32.21
CA ALA C 226 8.64 3.88 32.84
C ALA C 226 8.73 3.68 34.35
N ASP C 227 9.87 3.23 34.86
CA ASP C 227 10.10 3.13 36.29
C ASP C 227 10.51 4.45 36.93
N THR C 228 10.88 5.48 36.13
CA THR C 228 11.51 6.66 36.69
C THR C 228 10.86 7.97 36.24
N VAL C 229 9.83 7.92 35.41
CA VAL C 229 9.02 9.10 35.09
C VAL C 229 7.57 8.69 35.27
N PRO C 230 6.66 9.65 35.42
CA PRO C 230 5.24 9.29 35.56
C PRO C 230 4.81 8.37 34.44
N CYS C 231 4.21 7.24 34.80
CA CYS C 231 3.85 6.20 33.84
C CYS C 231 2.35 5.93 33.91
N TRP C 232 1.63 6.28 32.84
CA TRP C 232 0.21 6.00 32.73
C TRP C 232 0.00 4.81 31.79
N SER C 233 -1.08 4.07 32.00
CA SER C 233 -1.32 2.93 31.13
C SER C 233 -2.76 2.94 30.61
N PHE C 234 -2.96 2.28 29.47
CA PHE C 234 -4.28 1.97 28.97
C PHE C 234 -4.36 0.48 28.68
N GLY C 235 -5.58 -0.02 28.69
CA GLY C 235 -5.83 -1.43 28.45
C GLY C 235 -7.31 -1.69 28.53
N LEU C 236 -7.68 -2.94 28.28
CA LEU C 236 -9.09 -3.30 28.23
C LEU C 236 -9.58 -3.95 29.52
N ASN C 237 -8.70 -4.24 30.47
CA ASN C 237 -9.11 -4.80 31.73
C ASN C 237 -9.36 -3.70 32.77
N LYS C 238 -9.77 -4.08 33.98
CA LYS C 238 -10.09 -3.11 35.02
C LYS C 238 -8.84 -2.33 35.43
N PRO C 239 -8.88 -1.00 35.42
CA PRO C 239 -7.66 -0.23 35.68
C PRO C 239 -7.34 -0.06 37.15
N ASP C 240 -6.03 -0.09 37.44
CA ASP C 240 -5.47 0.18 38.76
C ASP C 240 -4.95 1.62 38.82
N PHE C 241 -3.96 1.87 39.67
CA PHE C 241 -3.46 3.23 39.85
C PHE C 241 -2.80 3.76 38.56
N LYS C 242 -3.09 5.02 38.22
CA LYS C 242 -2.56 5.70 37.01
C LYS C 242 -2.93 4.95 35.72
N ALA C 243 -4.06 4.26 35.71
CA ALA C 243 -4.44 3.41 34.59
C ALA C 243 -5.82 3.76 34.08
N PHE C 244 -5.98 3.68 32.77
CA PHE C 244 -7.25 3.80 32.08
C PHE C 244 -7.65 2.41 31.61
N GLY C 245 -8.92 2.08 31.73
CA GLY C 245 -9.36 0.76 31.34
C GLY C 245 -10.86 0.68 31.21
N LEU C 246 -11.37 -0.54 31.27
CA LEU C 246 -12.81 -0.78 31.22
C LEU C 246 -13.29 -1.32 32.56
N ILE C 247 -14.40 -0.78 33.05
CA ILE C 247 -15.12 -1.31 34.19
C ILE C 247 -16.43 -1.88 33.66
N GLU C 248 -16.77 -3.11 34.09
CA GLU C 248 -18.04 -3.73 33.70
C GLU C 248 -18.94 -3.71 34.93
N GLU C 249 -20.03 -2.97 34.85
CA GLU C 249 -20.97 -2.83 35.96
C GLU C 249 -22.37 -2.69 35.40
N ASP C 250 -23.34 -3.28 36.09
CA ASP C 250 -24.74 -3.22 35.70
C ASP C 250 -24.95 -3.72 34.27
N GLY C 251 -24.21 -4.78 33.91
CA GLY C 251 -24.19 -5.35 32.57
C GLY C 251 -23.64 -4.49 31.44
N GLN C 252 -23.06 -3.34 31.75
CA GLN C 252 -22.57 -2.40 30.75
C GLN C 252 -21.07 -2.16 30.95
N LYS C 253 -20.35 -1.91 29.84
CA LYS C 253 -18.91 -1.61 29.90
C LYS C 253 -18.71 -0.09 29.83
N TRP C 254 -17.79 0.40 30.68
CA TRP C 254 -17.51 1.82 30.81
C TRP C 254 -16.04 2.09 30.56
N LEU C 255 -15.73 3.12 29.78
CA LEU C 255 -14.39 3.71 29.87
C LEU C 255 -14.15 4.18 31.29
N ALA C 256 -12.92 3.99 31.79
CA ALA C 256 -12.65 4.25 33.20
C ALA C 256 -11.22 4.72 33.41
N PHE C 257 -11.06 5.57 34.42
CA PHE C 257 -9.77 5.97 34.96
C PHE C 257 -9.73 5.59 36.43
N GLN C 258 -8.80 4.71 36.79
CA GLN C 258 -8.70 4.18 38.16
C GLN C 258 -10.07 3.65 38.59
N PHE C 259 -10.66 4.20 39.65
CA PHE C 259 -11.96 3.70 40.09
C PHE C 259 -13.15 4.49 39.54
N ASP C 260 -12.93 5.42 38.61
CA ASP C 260 -13.98 6.32 38.14
C ASP C 260 -14.50 5.84 36.79
N LYS C 261 -15.76 5.44 36.74
CA LYS C 261 -16.42 5.23 35.46
C LYS C 261 -16.55 6.56 34.75
N LEU C 262 -16.09 6.63 33.51
CA LEU C 262 -16.10 7.89 32.77
C LEU C 262 -17.27 7.99 31.80
N LEU C 263 -17.51 6.94 31.02
CA LEU C 263 -18.45 6.98 29.91
C LEU C 263 -18.82 5.54 29.55
N PRO C 264 -20.11 5.20 29.43
CA PRO C 264 -20.44 3.87 28.88
C PRO C 264 -20.01 3.81 27.42
N VAL C 265 -19.44 2.67 27.01
CA VAL C 265 -18.92 2.59 25.64
C VAL C 265 -20.03 2.80 24.62
N GLY C 266 -21.28 2.52 24.99
CA GLY C 266 -22.39 2.73 24.07
C GLY C 266 -22.62 4.18 23.71
N GLU C 267 -22.08 5.12 24.48
CA GLU C 267 -22.19 6.54 24.14
C GLU C 267 -21.05 7.00 23.23
N LEU C 268 -20.09 6.13 22.92
CA LEU C 268 -19.11 6.44 21.89
C LEU C 268 -19.72 6.26 20.51
N LYS C 269 -19.15 6.96 19.53
CA LYS C 269 -19.57 6.78 18.15
C LYS C 269 -18.61 5.89 17.36
N ILE C 270 -17.57 5.37 18.00
CA ILE C 270 -16.66 4.41 17.38
C ILE C 270 -16.91 3.04 18.00
N ARG C 271 -16.62 1.99 17.24
CA ARG C 271 -16.98 0.63 17.62
C ARG C 271 -15.75 -0.26 17.68
N GLY C 272 -15.84 -1.33 18.46
CA GLY C 272 -14.77 -2.30 18.54
C GLY C 272 -13.87 -2.06 19.74
N ALA C 273 -13.52 -3.12 20.47
CA ALA C 273 -12.71 -2.95 21.67
C ALA C 273 -11.34 -2.36 21.35
N HIS C 274 -10.84 -2.55 20.12
CA HIS C 274 -9.59 -1.91 19.75
C HIS C 274 -9.74 -0.39 19.73
N ASN C 275 -10.91 0.11 19.28
CA ASN C 275 -11.16 1.55 19.33
C ASN C 275 -11.44 2.02 20.76
N TYR C 276 -11.97 1.15 21.62
CA TYR C 276 -12.06 1.52 23.03
C TYR C 276 -10.66 1.68 23.62
N SER C 277 -9.74 0.79 23.23
CA SER C 277 -8.34 0.94 23.63
C SER C 277 -7.76 2.25 23.12
N ASN C 278 -8.09 2.61 21.87
CA ASN C 278 -7.63 3.87 21.33
C ASN C 278 -8.19 5.06 22.11
N ALA C 279 -9.46 5.00 22.48
CA ALA C 279 -10.05 6.08 23.26
C ALA C 279 -9.35 6.22 24.61
N LEU C 280 -9.02 5.09 25.24
CA LEU C 280 -8.33 5.15 26.53
C LEU C 280 -6.90 5.65 26.38
N ALA C 281 -6.21 5.28 25.31
CA ALA C 281 -4.88 5.84 25.07
C ALA C 281 -4.95 7.36 24.92
N ALA C 282 -5.93 7.85 24.16
CA ALA C 282 -6.07 9.30 24.00
C ALA C 282 -6.37 9.98 25.33
N LEU C 283 -7.23 9.37 26.14
CA LEU C 283 -7.52 9.94 27.46
C LEU C 283 -6.27 10.03 28.30
N ALA C 284 -5.44 8.99 28.27
CA ALA C 284 -4.20 9.01 29.05
C ALA C 284 -3.25 10.09 28.56
N LEU C 285 -3.08 10.22 27.23
CA LEU C 285 -2.21 11.26 26.70
C LEU C 285 -2.74 12.64 27.07
N GLY C 286 -4.05 12.86 26.91
CA GLY C 286 -4.61 14.15 27.23
C GLY C 286 -4.53 14.47 28.71
N HIS C 287 -4.83 13.49 29.56
CA HIS C 287 -4.71 13.69 31.00
C HIS C 287 -3.29 14.07 31.38
N ALA C 288 -2.29 13.47 30.72
CA ALA C 288 -0.90 13.71 31.06
C ALA C 288 -0.50 15.16 30.84
N VAL C 289 -1.12 15.84 29.86
CA VAL C 289 -0.81 17.24 29.61
C VAL C 289 -1.88 18.17 30.17
N GLY C 290 -2.77 17.65 31.01
CA GLY C 290 -3.68 18.49 31.75
C GLY C 290 -4.98 18.84 31.07
N LEU C 291 -5.34 18.18 29.98
CA LEU C 291 -6.66 18.43 29.39
C LEU C 291 -7.72 17.98 30.40
N PRO C 292 -8.72 18.81 30.71
CA PRO C 292 -9.73 18.39 31.67
C PRO C 292 -10.60 17.27 31.12
N PHE C 293 -11.14 16.45 32.02
CA PHE C 293 -11.90 15.28 31.60
C PHE C 293 -13.18 15.68 30.87
N ASP C 294 -13.89 16.70 31.37
CA ASP C 294 -15.14 17.05 30.69
C ASP C 294 -14.87 17.46 29.25
N ALA C 295 -13.77 18.18 29.01
CA ALA C 295 -13.39 18.51 27.64
C ALA C 295 -13.04 17.24 26.84
N MET C 296 -12.26 16.34 27.43
CA MET C 296 -11.88 15.13 26.71
C MET C 296 -13.10 14.26 26.43
N LEU C 297 -13.99 14.13 27.40
CA LEU C 297 -15.14 13.24 27.22
C LEU C 297 -16.11 13.82 26.20
N GLY C 298 -16.29 15.14 26.18
CA GLY C 298 -17.12 15.74 25.15
C GLY C 298 -16.59 15.43 23.76
N ALA C 299 -15.28 15.57 23.56
CA ALA C 299 -14.68 15.25 22.27
C ALA C 299 -14.84 13.78 21.92
N LEU C 300 -14.69 12.90 22.92
CA LEU C 300 -14.87 11.47 22.69
C LEU C 300 -16.28 11.14 22.21
N LYS C 301 -17.28 11.74 22.83
CA LYS C 301 -18.66 11.49 22.42
C LYS C 301 -18.92 12.00 21.00
N ALA C 302 -18.18 13.01 20.56
CA ALA C 302 -18.40 13.57 19.23
C ALA C 302 -17.53 12.95 18.15
N PHE C 303 -16.54 12.15 18.53
CA PHE C 303 -15.57 11.62 17.58
C PHE C 303 -16.15 10.40 16.87
N SER C 304 -16.25 10.44 15.54
CA SER C 304 -16.87 9.34 14.82
C SER C 304 -15.85 8.43 14.16
N GLY C 305 -14.56 8.66 14.39
CA GLY C 305 -13.52 7.83 13.81
C GLY C 305 -13.19 8.30 12.41
N LEU C 306 -12.06 7.81 11.90
CA LEU C 306 -11.58 8.18 10.58
C LEU C 306 -12.09 7.21 9.54
N ALA C 307 -12.08 7.67 8.28
CA ALA C 307 -12.68 6.91 7.18
C ALA C 307 -12.01 5.56 7.02
N HIS C 308 -12.83 4.51 6.91
CA HIS C 308 -12.35 3.15 6.69
C HIS C 308 -11.60 2.57 7.89
N ARG C 309 -11.74 3.18 9.07
CA ARG C 309 -11.30 2.58 10.33
C ARG C 309 -12.54 2.03 10.99
N CYS C 310 -12.78 0.73 10.76
CA CYS C 310 -13.91 -0.03 11.30
C CYS C 310 -15.20 0.80 11.33
N GLN C 311 -15.61 1.29 10.16
CA GLN C 311 -16.73 2.22 10.07
C GLN C 311 -18.02 1.48 9.73
N TRP C 312 -19.04 1.73 10.53
CA TRP C 312 -20.36 1.19 10.27
C TRP C 312 -20.90 1.69 8.93
N VAL C 313 -21.43 0.77 8.13
CA VAL C 313 -22.00 1.10 6.83
C VAL C 313 -23.51 0.92 6.81
N ARG C 314 -24.02 -0.14 7.44
CA ARG C 314 -25.45 -0.43 7.30
C ARG C 314 -25.82 -1.53 8.29
N GLU C 315 -27.10 -1.56 8.67
CA GLU C 315 -27.68 -2.71 9.36
CA GLU C 315 -27.67 -2.71 9.36
C GLU C 315 -28.80 -3.26 8.50
N ARG C 316 -28.67 -4.52 8.10
CA ARG C 316 -29.61 -5.13 7.18
C ARG C 316 -29.95 -6.53 7.68
N GLN C 317 -31.24 -6.75 7.95
CA GLN C 317 -31.72 -8.04 8.45
C GLN C 317 -30.98 -8.47 9.71
N GLY C 318 -30.76 -7.51 10.62
CA GLY C 318 -30.10 -7.80 11.89
C GLY C 318 -28.60 -7.94 11.80
N VAL C 319 -28.02 -7.67 10.65
CA VAL C 319 -26.58 -7.82 10.41
C VAL C 319 -25.99 -6.43 10.18
N SER C 320 -24.94 -6.11 10.92
CA SER C 320 -24.23 -4.85 10.74
CA SER C 320 -24.22 -4.86 10.74
C SER C 320 -23.02 -5.06 9.84
N TYR C 321 -22.70 -4.04 9.06
CA TYR C 321 -21.62 -4.06 8.09
C TYR C 321 -20.59 -3.00 8.43
N TYR C 322 -19.32 -3.39 8.51
CA TYR C 322 -18.25 -2.50 8.95
C TYR C 322 -17.14 -2.47 7.91
N ASP C 323 -16.74 -1.25 7.55
CA ASP C 323 -15.64 -1.00 6.61
C ASP C 323 -14.39 -0.71 7.42
N ASP C 324 -13.47 -1.68 7.47
CA ASP C 324 -12.14 -1.50 8.05
C ASP C 324 -11.08 -1.70 6.99
N SER C 325 -11.32 -1.11 5.80
CA SER C 325 -10.40 -1.29 4.67
C SER C 325 -8.99 -0.83 4.99
N LYS C 326 -8.82 0.08 5.93
CA LYS C 326 -7.45 0.50 6.22
C LYS C 326 -6.65 -0.53 7.00
N ALA C 327 -7.20 -1.71 7.32
CA ALA C 327 -6.41 -2.80 7.90
C ALA C 327 -5.60 -3.45 6.79
N THR C 328 -4.49 -2.78 6.46
CA THR C 328 -3.61 -3.21 5.37
C THR C 328 -2.45 -4.06 5.85
N ASN C 329 -2.47 -4.52 7.10
CA ASN C 329 -1.45 -5.42 7.60
C ASN C 329 -2.11 -6.36 8.61
N VAL C 330 -1.38 -7.43 8.95
CA VAL C 330 -1.95 -8.49 9.78
C VAL C 330 -2.25 -8.00 11.20
N GLY C 331 -1.33 -7.23 11.79
CA GLY C 331 -1.58 -6.72 13.14
C GLY C 331 -2.84 -5.88 13.24
N ALA C 332 -3.10 -5.07 12.21
CA ALA C 332 -4.30 -4.25 12.19
C ALA C 332 -5.55 -5.11 12.12
N ALA C 333 -5.59 -6.05 11.17
CA ALA C 333 -6.76 -6.90 11.04
C ALA C 333 -6.98 -7.73 12.30
N LEU C 334 -5.90 -8.26 12.88
CA LEU C 334 -6.04 -9.02 14.13
C LEU C 334 -6.74 -8.19 15.21
N ALA C 335 -6.29 -6.94 15.40
CA ALA C 335 -6.90 -6.11 16.44
C ALA C 335 -8.37 -5.81 16.14
N ALA C 336 -8.72 -5.57 14.86
CA ALA C 336 -10.12 -5.28 14.53
C ALA C 336 -11.00 -6.51 14.66
N ILE C 337 -10.47 -7.68 14.29
CA ILE C 337 -11.21 -8.92 14.43
C ILE C 337 -11.51 -9.19 15.90
N GLU C 338 -10.48 -9.15 16.75
CA GLU C 338 -10.71 -9.34 18.18
C GLU C 338 -11.52 -8.21 18.77
N GLY C 339 -11.31 -6.99 18.29
CA GLY C 339 -11.98 -5.84 18.88
C GLY C 339 -13.46 -5.81 18.55
N LEU C 340 -13.81 -5.92 17.26
CA LEU C 340 -15.22 -5.94 16.90
C LEU C 340 -15.86 -7.24 17.34
N GLY C 341 -15.11 -8.35 17.26
CA GLY C 341 -15.64 -9.62 17.72
C GLY C 341 -16.04 -9.60 19.19
N ALA C 342 -15.34 -8.84 20.01
CA ALA C 342 -15.68 -8.72 21.43
C ALA C 342 -16.75 -7.66 21.70
N ASP C 343 -17.30 -7.05 20.66
CA ASP C 343 -18.15 -5.88 20.79
C ASP C 343 -19.52 -6.09 20.14
N ILE C 344 -19.87 -7.33 19.78
CA ILE C 344 -21.13 -7.65 19.12
C ILE C 344 -21.78 -8.83 19.84
N ASP C 345 -23.07 -9.04 19.54
CA ASP C 345 -23.82 -10.16 20.12
C ASP C 345 -23.58 -11.47 19.36
N GLY C 346 -23.23 -11.41 18.10
CA GLY C 346 -23.08 -12.63 17.34
C GLY C 346 -21.63 -12.92 17.00
N LYS C 347 -21.40 -13.35 15.77
CA LYS C 347 -20.10 -13.70 15.21
C LYS C 347 -19.75 -12.72 14.11
N LEU C 348 -18.48 -12.75 13.69
CA LEU C 348 -18.04 -12.01 12.51
C LEU C 348 -18.15 -12.86 11.25
N VAL C 349 -18.52 -12.21 10.14
CA VAL C 349 -18.22 -12.72 8.81
C VAL C 349 -17.14 -11.82 8.24
N LEU C 350 -15.93 -12.35 8.12
CA LEU C 350 -14.78 -11.54 7.74
C LEU C 350 -14.60 -11.56 6.23
N LEU C 351 -14.34 -10.39 5.65
CA LEU C 351 -13.88 -10.27 4.28
C LEU C 351 -12.41 -9.86 4.34
N ALA C 352 -11.54 -10.68 3.75
CA ALA C 352 -10.12 -10.39 3.80
C ALA C 352 -9.47 -10.81 2.48
N GLY C 353 -8.22 -10.42 2.32
CA GLY C 353 -7.47 -10.80 1.15
C GLY C 353 -6.99 -9.60 0.37
N GLY C 354 -6.31 -9.90 -0.73
CA GLY C 354 -5.63 -8.89 -1.50
C GLY C 354 -4.21 -9.35 -1.71
N ASP C 355 -3.28 -8.41 -1.77
CA ASP C 355 -1.86 -8.74 -1.85
C ASP C 355 -1.24 -8.56 -0.48
N GLY C 356 -0.88 -9.68 0.15
CA GLY C 356 -0.27 -9.63 1.47
C GLY C 356 1.19 -9.30 1.47
N LYS C 357 1.83 -9.25 0.30
CA LYS C 357 3.21 -8.81 0.19
C LYS C 357 4.15 -9.67 1.02
N GLY C 358 3.87 -10.98 1.05
CA GLY C 358 4.71 -11.90 1.80
C GLY C 358 4.46 -11.92 3.29
N ALA C 359 3.35 -11.39 3.76
CA ALA C 359 3.10 -11.32 5.20
C ALA C 359 2.89 -12.71 5.80
N ASP C 360 3.21 -12.83 7.08
CA ASP C 360 2.91 -14.03 7.87
C ASP C 360 1.49 -13.89 8.42
N PHE C 361 0.57 -14.69 7.89
CA PHE C 361 -0.83 -14.63 8.29
C PHE C 361 -1.18 -15.53 9.46
N HIS C 362 -0.22 -16.28 10.01
CA HIS C 362 -0.53 -17.25 11.05
C HIS C 362 -1.19 -16.63 12.27
N ASP C 363 -0.86 -15.38 12.59
CA ASP C 363 -1.45 -14.73 13.76
C ASP C 363 -2.96 -14.56 13.64
N LEU C 364 -3.53 -14.66 12.44
CA LEU C 364 -4.98 -14.56 12.27
C LEU C 364 -5.71 -15.85 12.61
N ARG C 365 -5.00 -16.97 12.67
CA ARG C 365 -5.66 -18.26 12.79
C ARG C 365 -6.49 -18.34 14.07
N GLU C 366 -5.90 -17.99 15.22
CA GLU C 366 -6.64 -18.10 16.48
CA GLU C 366 -6.63 -18.09 16.48
C GLU C 366 -7.76 -17.07 16.58
N PRO C 367 -7.56 -15.77 16.26
CA PRO C 367 -8.72 -14.84 16.32
C PRO C 367 -9.87 -15.22 15.41
N VAL C 368 -9.56 -15.69 14.20
CA VAL C 368 -10.62 -16.10 13.28
C VAL C 368 -11.38 -17.29 13.84
N ALA C 369 -10.66 -18.29 14.36
CA ALA C 369 -11.33 -19.45 14.93
C ALA C 369 -12.23 -19.03 16.09
N ARG C 370 -11.79 -18.04 16.87
CA ARG C 370 -12.54 -17.62 18.04
C ARG C 370 -13.77 -16.77 17.71
N PHE C 371 -13.67 -15.89 16.70
CA PHE C 371 -14.70 -14.87 16.52
C PHE C 371 -15.50 -14.99 15.22
N CYS C 372 -15.04 -15.73 14.21
CA CYS C 372 -15.68 -15.70 12.91
C CYS C 372 -16.64 -16.87 12.71
N ARG C 373 -17.81 -16.56 12.16
CA ARG C 373 -18.70 -17.61 11.67
C ARG C 373 -18.21 -18.17 10.34
N ALA C 374 -17.58 -17.34 9.52
CA ALA C 374 -17.09 -17.72 8.20
C ALA C 374 -16.16 -16.62 7.73
N VAL C 375 -15.34 -16.94 6.74
CA VAL C 375 -14.43 -15.98 6.12
C VAL C 375 -14.62 -16.02 4.62
N VAL C 376 -14.77 -14.85 4.00
CA VAL C 376 -14.82 -14.71 2.55
C VAL C 376 -13.50 -14.10 2.10
N LEU C 377 -12.81 -14.78 1.19
CA LEU C 377 -11.48 -14.38 0.75
C LEU C 377 -11.49 -14.01 -0.73
N LEU C 378 -10.75 -12.96 -1.07
CA LEU C 378 -10.61 -12.55 -2.45
C LEU C 378 -9.20 -11.99 -2.63
N GLY C 379 -8.86 -11.64 -3.87
CA GLY C 379 -7.57 -11.03 -4.15
C GLY C 379 -6.49 -12.05 -4.37
N ARG C 380 -5.29 -11.54 -4.69
CA ARG C 380 -4.16 -12.39 -5.08
C ARG C 380 -3.91 -13.49 -4.06
N ASP C 381 -3.82 -13.13 -2.78
CA ASP C 381 -3.31 -14.03 -1.75
C ASP C 381 -4.41 -14.75 -0.99
N ALA C 382 -5.60 -14.86 -1.59
CA ALA C 382 -6.70 -15.60 -0.98
C ALA C 382 -6.28 -17.02 -0.66
N GLY C 383 -5.59 -17.68 -1.58
CA GLY C 383 -5.15 -19.05 -1.34
C GLY C 383 -4.14 -19.15 -0.21
N LEU C 384 -3.22 -18.19 -0.14
CA LEU C 384 -2.26 -18.17 0.97
C LEU C 384 -2.96 -17.98 2.30
N ILE C 385 -3.91 -17.04 2.37
CA ILE C 385 -4.64 -16.79 3.61
C ILE C 385 -5.45 -18.01 4.00
N ALA C 386 -6.08 -18.66 3.01
CA ALA C 386 -6.84 -19.87 3.30
C ALA C 386 -5.94 -20.96 3.90
N GLN C 387 -4.75 -21.14 3.33
CA GLN C 387 -3.80 -22.10 3.90
C GLN C 387 -3.40 -21.73 5.33
N ALA C 388 -3.19 -20.44 5.59
CA ALA C 388 -2.79 -20.03 6.93
C ALA C 388 -3.91 -20.24 7.95
N LEU C 389 -5.16 -20.00 7.55
CA LEU C 389 -6.29 -20.09 8.46
C LEU C 389 -6.76 -21.51 8.72
N GLY C 390 -6.50 -22.43 7.80
CA GLY C 390 -7.05 -23.76 7.95
C GLY C 390 -8.57 -23.73 7.83
N ASN C 391 -9.20 -24.85 8.20
CA ASN C 391 -10.63 -25.02 7.95
C ASN C 391 -11.48 -25.10 9.22
N ALA C 392 -11.03 -24.49 10.32
CA ALA C 392 -11.87 -24.46 11.52
C ALA C 392 -13.20 -23.78 11.24
N VAL C 393 -13.20 -22.73 10.43
CA VAL C 393 -14.45 -22.04 10.10
C VAL C 393 -14.62 -22.05 8.59
N PRO C 394 -15.86 -22.03 8.10
CA PRO C 394 -16.09 -22.11 6.64
C PRO C 394 -15.38 -20.98 5.92
N LEU C 395 -14.69 -21.34 4.84
CA LEU C 395 -13.97 -20.40 4.00
C LEU C 395 -14.60 -20.38 2.62
N VAL C 396 -14.78 -19.19 2.06
CA VAL C 396 -15.33 -19.01 0.73
C VAL C 396 -14.40 -18.10 -0.05
N ARG C 397 -13.95 -18.56 -1.22
CA ARG C 397 -13.13 -17.77 -2.12
CA ARG C 397 -13.13 -17.77 -2.12
C ARG C 397 -14.00 -17.21 -3.23
N VAL C 398 -13.91 -15.91 -3.47
CA VAL C 398 -14.71 -15.22 -4.47
C VAL C 398 -13.80 -14.34 -5.31
N ALA C 399 -14.32 -13.89 -6.45
CA ALA C 399 -13.47 -13.14 -7.37
C ALA C 399 -13.51 -11.64 -7.14
N THR C 400 -14.66 -11.10 -6.76
CA THR C 400 -14.83 -9.66 -6.68
C THR C 400 -15.45 -9.28 -5.34
N LEU C 401 -15.35 -7.99 -5.04
CA LEU C 401 -15.93 -7.45 -3.81
C LEU C 401 -17.45 -7.57 -3.84
N ASP C 402 -18.06 -7.35 -5.01
CA ASP C 402 -19.51 -7.52 -5.14
C ASP C 402 -19.94 -8.92 -4.73
N GLU C 403 -19.23 -9.94 -5.22
CA GLU C 403 -19.54 -11.31 -4.86
C GLU C 403 -19.23 -11.59 -3.39
N ALA C 404 -18.14 -11.01 -2.89
CA ALA C 404 -17.81 -11.17 -1.47
C ALA C 404 -18.94 -10.68 -0.58
N VAL C 405 -19.48 -9.49 -0.89
CA VAL C 405 -20.52 -8.92 -0.03
C VAL C 405 -21.79 -9.75 -0.12
N ARG C 406 -22.17 -10.15 -1.34
CA ARG C 406 -23.37 -10.95 -1.49
C ARG C 406 -23.25 -12.25 -0.70
N GLN C 407 -22.08 -12.90 -0.76
CA GLN C 407 -21.90 -14.15 -0.04
C GLN C 407 -21.83 -13.93 1.47
N ALA C 408 -21.20 -12.83 1.90
CA ALA C 408 -21.16 -12.54 3.32
C ALA C 408 -22.56 -12.34 3.88
N ALA C 409 -23.43 -11.65 3.13
CA ALA C 409 -24.79 -11.43 3.60
C ALA C 409 -25.53 -12.76 3.74
N GLU C 410 -25.27 -13.71 2.85
CA GLU C 410 -25.90 -15.03 2.93
C GLU C 410 -25.36 -15.83 4.12
N LEU C 411 -24.09 -15.66 4.47
CA LEU C 411 -23.49 -16.42 5.57
C LEU C 411 -23.84 -15.86 6.93
N ALA C 412 -24.04 -14.55 7.03
CA ALA C 412 -24.26 -13.92 8.32
C ALA C 412 -25.64 -14.24 8.88
N ARG C 413 -25.74 -14.25 10.20
CA ARG C 413 -26.98 -14.48 10.91
C ARG C 413 -27.30 -13.25 11.74
N GLU C 414 -28.56 -13.15 12.17
CA GLU C 414 -28.97 -12.00 12.95
C GLU C 414 -28.07 -11.83 14.17
N GLY C 415 -27.61 -10.61 14.39
CA GLY C 415 -26.69 -10.33 15.45
C GLY C 415 -25.23 -10.35 15.04
N ASP C 416 -24.92 -10.93 13.89
CA ASP C 416 -23.55 -10.96 13.39
C ASP C 416 -23.12 -9.58 12.87
N ALA C 417 -21.82 -9.44 12.62
CA ALA C 417 -21.27 -8.32 11.89
C ALA C 417 -20.46 -8.83 10.71
N VAL C 418 -20.66 -8.23 9.55
CA VAL C 418 -19.81 -8.46 8.39
C VAL C 418 -18.69 -7.42 8.42
N LEU C 419 -17.45 -7.87 8.45
CA LEU C 419 -16.30 -6.97 8.65
C LEU C 419 -15.34 -7.08 7.48
N LEU C 420 -15.15 -5.97 6.77
CA LEU C 420 -14.06 -5.89 5.79
C LEU C 420 -12.82 -5.44 6.54
N SER C 421 -11.91 -6.37 6.83
CA SER C 421 -10.65 -6.08 7.51
C SER C 421 -9.58 -6.91 6.85
N PRO C 422 -9.05 -6.46 5.71
CA PRO C 422 -8.44 -7.39 4.75
C PRO C 422 -7.05 -7.87 5.09
N ALA C 423 -6.32 -7.22 5.99
CA ALA C 423 -4.96 -7.59 6.39
C ALA C 423 -3.96 -7.48 5.25
N CYS C 424 -4.33 -6.80 4.17
CA CYS C 424 -3.54 -6.80 2.95
C CYS C 424 -3.64 -5.42 2.32
N ALA C 425 -2.62 -5.08 1.56
CA ALA C 425 -2.74 -3.93 0.68
C ALA C 425 -3.75 -4.23 -0.41
N SER C 426 -4.24 -3.17 -1.05
CA SER C 426 -5.33 -3.29 -2.00
C SER C 426 -4.89 -3.19 -3.46
N LEU C 427 -3.60 -2.97 -3.73
CA LEU C 427 -3.14 -2.57 -5.05
C LEU C 427 -3.28 -3.67 -6.10
N ASP C 428 -3.66 -4.89 -5.72
CA ASP C 428 -3.89 -5.91 -6.73
C ASP C 428 -5.23 -5.74 -7.43
N MET C 429 -6.21 -5.10 -6.77
CA MET C 429 -7.54 -4.95 -7.33
C MET C 429 -8.06 -3.52 -7.30
N PHE C 430 -7.51 -2.63 -6.48
CA PHE C 430 -8.06 -1.31 -6.30
C PHE C 430 -6.94 -0.28 -6.38
N LYS C 431 -7.34 0.99 -6.53
CA LYS C 431 -6.36 2.07 -6.55
C LYS C 431 -5.69 2.24 -5.19
N ASN C 432 -6.43 2.00 -4.10
CA ASN C 432 -5.95 2.18 -2.74
C ASN C 432 -7.00 1.69 -1.75
N PHE C 433 -6.67 1.71 -0.45
CA PHE C 433 -7.62 1.20 0.54
C PHE C 433 -8.89 2.03 0.59
N GLU C 434 -8.80 3.33 0.25
CA GLU C 434 -9.99 4.17 0.23
C GLU C 434 -10.98 3.69 -0.83
N GLU C 435 -10.50 3.42 -2.04
CA GLU C 435 -11.38 2.91 -3.07
C GLU C 435 -11.95 1.54 -2.70
N ARG C 436 -11.10 0.66 -2.17
CA ARG C 436 -11.60 -0.63 -1.72
C ARG C 436 -12.73 -0.47 -0.72
N GLY C 437 -12.54 0.42 0.28
CA GLY C 437 -13.59 0.64 1.27
C GLY C 437 -14.86 1.22 0.67
N ARG C 438 -14.73 2.21 -0.23
CA ARG C 438 -15.92 2.82 -0.83
C ARG C 438 -16.68 1.79 -1.66
N LEU C 439 -15.97 0.98 -2.42
CA LEU C 439 -16.63 -0.04 -3.23
C LEU C 439 -17.29 -1.09 -2.36
N PHE C 440 -16.69 -1.39 -1.20
CA PHE C 440 -17.33 -2.26 -0.23
C PHE C 440 -18.65 -1.65 0.23
N ALA C 441 -18.62 -0.38 0.65
CA ALA C 441 -19.84 0.26 1.15
C ALA C 441 -20.89 0.36 0.05
N LYS C 442 -20.47 0.65 -1.18
CA LYS C 442 -21.41 0.67 -2.31
C LYS C 442 -22.12 -0.67 -2.46
N ALA C 443 -21.36 -1.76 -2.50
CA ALA C 443 -21.97 -3.08 -2.61
C ALA C 443 -22.91 -3.37 -1.45
N VAL C 444 -22.49 -3.04 -0.23
CA VAL C 444 -23.35 -3.27 0.94
C VAL C 444 -24.67 -2.52 0.79
N GLU C 445 -24.61 -1.25 0.38
CA GLU C 445 -25.82 -0.46 0.29
C GLU C 445 -26.71 -0.89 -0.88
N GLU C 446 -26.17 -1.68 -1.80
CA GLU C 446 -26.94 -2.20 -2.93
C GLU C 446 -27.62 -3.54 -2.62
N LEU C 447 -27.32 -4.16 -1.48
CA LEU C 447 -28.04 -5.37 -1.08
C LEU C 447 -29.53 -5.09 -0.94
N ALA C 448 -30.35 -6.00 -1.44
CA ALA C 448 -31.80 -5.84 -1.41
C ALA C 448 -32.33 -5.63 0.00
PB ADP D . -11.83 18.99 -13.30
O1B ADP D . -12.60 18.83 -14.63
O2B ADP D . -12.44 18.19 -12.12
O3B ADP D . -10.35 18.76 -13.53
PA ADP D . -13.10 21.59 -13.05
O1A ADP D . -12.90 22.46 -14.24
O2A ADP D . -14.48 20.94 -13.03
O3A ADP D . -11.94 20.52 -12.93
O5' ADP D . -12.90 22.46 -11.75
C5' ADP D . -13.17 21.84 -10.48
C4' ADP D . -12.72 22.78 -9.39
O4' ADP D . -11.30 22.98 -9.48
C3' ADP D . -13.29 24.18 -9.49
O3' ADP D . -14.61 24.18 -8.97
C2' ADP D . -12.29 24.99 -8.65
O2' ADP D . -12.52 24.79 -7.26
C1' ADP D . -10.97 24.27 -9.00
N9 ADP D . -10.17 24.94 -10.02
C8 ADP D . -10.60 25.66 -11.11
N7 ADP D . -9.63 26.19 -11.81
C5 ADP D . -8.48 25.78 -11.16
C6 ADP D . -7.11 25.97 -11.43
N6 ADP D . -6.65 26.77 -12.39
N1 ADP D . -6.21 25.36 -10.62
C2 ADP D . -6.66 24.63 -9.60
N3 ADP D . -7.93 24.41 -9.23
C4 ADP D . -8.79 25.00 -10.05
C1 EDO E . -19.01 13.63 -5.63
O1 EDO E . -20.13 14.49 -5.79
C2 EDO E . -18.02 14.32 -4.72
O2 EDO E . -18.74 15.22 -3.89
PB ADP F . 12.39 -21.53 0.68
O1B ADP F . 13.06 -22.87 0.77
O2B ADP F . 10.96 -21.53 1.09
O3B ADP F . 13.20 -20.44 1.30
PA ADP F . 11.35 -20.39 -1.80
O1A ADP F . 10.27 -21.17 -2.43
O2A ADP F . 10.85 -19.20 -1.00
O3A ADP F . 12.30 -21.27 -0.89
O5' ADP F . 12.40 -19.82 -2.91
C5' ADP F . 13.43 -18.92 -2.46
C4' ADP F . 14.38 -18.70 -3.61
O4' ADP F . 15.06 -19.92 -3.94
C3' ADP F . 13.71 -18.28 -4.90
O3' ADP F . 13.42 -16.88 -4.86
C2' ADP F . 14.76 -18.66 -5.94
O2' ADP F . 15.82 -17.72 -5.92
C1' ADP F . 15.34 -19.96 -5.33
N9 ADP F . 14.81 -21.19 -5.88
C8 ADP F . 13.53 -21.43 -6.34
N7 ADP F . 13.37 -22.65 -6.84
C5 ADP F . 14.61 -23.23 -6.67
C6 ADP F . 15.11 -24.50 -7.02
N6 ADP F . 14.38 -25.44 -7.62
N1 ADP F . 16.40 -24.77 -6.70
C2 ADP F . 17.12 -23.83 -6.09
N3 ADP F . 16.77 -22.60 -5.74
C4 ADP F . 15.50 -22.36 -6.07
C1 EDO G . 16.56 -10.94 5.16
O1 EDO G . 15.46 -10.69 4.28
C2 EDO G . 17.77 -11.30 4.33
O2 EDO G . 17.58 -10.69 3.05
PB ADP H . -2.11 4.35 11.49
O1B ADP H . -1.95 3.66 10.14
O2B ADP H . -2.29 5.84 11.42
O3B ADP H . -1.07 3.97 12.51
PA ADP H . -5.02 4.04 11.92
O1A ADP H . -5.26 4.65 10.53
O2A ADP H . -5.45 4.89 13.05
O3A ADP H . -3.47 3.74 12.07
O5' ADP H . -5.64 2.61 11.87
C5' ADP H . -5.36 1.72 10.77
C4' ADP H . -5.93 0.37 11.11
O4' ADP H . -5.26 -0.19 12.27
C3' ADP H . -7.41 0.38 11.49
O3' ADP H . -8.20 0.36 10.31
C2' ADP H . -7.52 -0.94 12.25
O2' ADP H . -7.63 -2.01 11.32
C1' ADP H . -6.17 -1.02 12.97
N9 ADP H . -6.19 -0.61 14.36
C8 ADP H . -6.97 0.36 14.94
N7 ADP H . -6.80 0.47 16.24
C5 ADP H . -5.84 -0.49 16.53
C6 ADP H . -5.20 -0.87 17.73
N6 ADP H . -5.46 -0.31 18.90
N1 ADP H . -4.25 -1.83 17.66
C2 ADP H . -3.98 -2.39 16.48
N3 ADP H . -4.53 -2.13 15.29
C4 ADP H . -5.45 -1.16 15.38
C1 EDO I . -2.69 1.55 0.19
O1 EDO I . -4.04 1.97 -0.13
C2 EDO I . -2.75 0.10 0.64
O2 EDO I . -3.92 -0.47 0.03
#